data_9G71
#
_entry.id   9G71
#
_cell.length_a   1.00
_cell.length_b   1.00
_cell.length_c   1.00
_cell.angle_alpha   90.00
_cell.angle_beta   90.00
_cell.angle_gamma   90.00
#
_symmetry.space_group_name_H-M   'P 1'
#
loop_
_entity.id
_entity.type
_entity.pdbx_description
1 polymer 'Protein tweety homolog 2'
2 branched 2-acetamido-2-deoxy-beta-D-glucopyranose-(1-4)-2-acetamido-2-deoxy-beta-D-glucopyranose
3 non-polymer 2-acetamido-2-deoxy-beta-D-glucopyranose
4 non-polymer 'DIUNDECYL PHOSPHATIDYL CHOLINE'
5 non-polymer CHOLESTEROL
6 non-polymer 1-PALMITOYL-2-LINOLEOYL-SN-GLYCERO-3-PHOSPHOCHOLINE
#
_entity_poly.entity_id   1
_entity_poly.type   'polypeptide(L)'
_entity_poly.pdbx_seq_one_letter_code
;MSQAARVDYIAPWWVVWLHSVPHVGLRLQPVNSTFSPGDESYQESLLFLGLVAAVCLGLNLIFLVAYLVCACHCRRDDAV
QTKQHHSCCITWTAVVAGLICCAAVGVGFYGNSETNDGAYQLMYSLDDANHTFSGIDALVSGTTQKMKVDLEQHLARLSE
IFAARGDYLQTLKFIQQMAGSVVVQLSGLPVWREVTMELTKLSDQTGYVEYYRWLSYLLLFILDLVICLIACLGLAKRSK
CLLASMLCCGALSLLLSWASLAADGSAAVATSDFCVAPDTFILNVTEGQISTEVTRYYLYCSQSGSSPFQQTLTTFQRAL
TTMQIQVAGLLQFAVPLFSTAEEDLLAIQLLLNSSESSLHQLTAMVDCRGLHKDYLDALAGICYDGLQGLLYLGLFSFLA
ALAFSTMICAGPRAWKHFTTRNRDYDDIDDDDPFNPQAWRMAAHSPPRGQLHSFCSYSSGLGSQTSLQPPAQTISNAPVS
EYMNQAMLFGRNPRYENVPLIGRASPPPTYSPSMRATYLSVADEHLRHYGNQFPAALEVLFQGPQGTEQKLISEEDLRGA
SMDEKTTGWRGGHVVEGLAGELEQLRARLEHHPQGQREP
;
_entity_poly.pdbx_strand_id   A,B
#
loop_
_chem_comp.id
_chem_comp.type
_chem_comp.name
_chem_comp.formula
CLR non-polymer CHOLESTEROL 'C27 H46 O'
CPL non-polymer 1-PALMITOYL-2-LINOLEOYL-SN-GLYCERO-3-PHOSPHOCHOLINE 'C42 H80 N O8 P'
NAG D-saccharide, beta linking 2-acetamido-2-deoxy-beta-D-glucopyranose 'C8 H15 N O6'
PLC non-polymer 'DIUNDECYL PHOSPHATIDYL CHOLINE' 'C32 H65 N O8 P 1'
#
# COMPACT_ATOMS: atom_id res chain seq x y z
N ALA A 5 -3.06 -9.10 -2.83
CA ALA A 5 -1.89 -8.23 -2.85
C ALA A 5 -0.76 -8.82 -2.02
N ARG A 6 -1.02 -9.97 -1.41
CA ARG A 6 -0.05 -10.64 -0.54
C ARG A 6 0.62 -11.84 -1.20
N VAL A 7 -0.09 -12.59 -2.03
CA VAL A 7 0.50 -13.74 -2.70
C VAL A 7 0.31 -13.63 -4.20
N ASP A 8 -0.93 -13.44 -4.63
CA ASP A 8 -1.26 -13.34 -6.04
C ASP A 8 -2.55 -12.54 -6.17
N TYR A 9 -3.04 -12.44 -7.40
CA TYR A 9 -4.29 -11.77 -7.68
C TYR A 9 -5.33 -12.80 -8.08
N ILE A 10 -6.44 -12.85 -7.35
CA ILE A 10 -7.58 -13.68 -7.68
C ILE A 10 -8.78 -12.76 -7.83
N ALA A 11 -9.49 -12.89 -8.94
CA ALA A 11 -10.60 -12.00 -9.24
C ALA A 11 -11.69 -12.15 -8.19
N PRO A 12 -12.09 -11.08 -7.51
CA PRO A 12 -13.11 -11.21 -6.47
C PRO A 12 -14.46 -11.59 -7.05
N TRP A 13 -15.37 -11.94 -6.14
CA TRP A 13 -16.72 -12.33 -6.57
C TRP A 13 -17.44 -11.18 -7.23
N TRP A 14 -17.27 -9.95 -6.72
CA TRP A 14 -17.94 -8.82 -7.34
C TRP A 14 -17.36 -8.49 -8.70
N VAL A 15 -16.04 -8.64 -8.86
CA VAL A 15 -15.43 -8.45 -10.16
C VAL A 15 -15.99 -9.46 -11.16
N VAL A 16 -16.08 -10.73 -10.73
CA VAL A 16 -16.61 -11.76 -11.62
C VAL A 16 -18.05 -11.47 -11.98
N TRP A 17 -18.88 -11.10 -11.00
CA TRP A 17 -20.28 -10.81 -11.27
C TRP A 17 -20.43 -9.67 -12.24
N LEU A 18 -19.75 -8.55 -11.99
CA LEU A 18 -19.86 -7.40 -12.89
C LEU A 18 -19.38 -7.76 -14.28
N HIS A 19 -18.27 -8.48 -14.40
CA HIS A 19 -17.84 -8.94 -15.72
C HIS A 19 -18.90 -9.80 -16.37
N SER A 20 -19.71 -10.51 -15.57
CA SER A 20 -20.75 -11.35 -16.12
C SER A 20 -21.88 -10.55 -16.75
N VAL A 21 -21.95 -9.25 -16.50
CA VAL A 21 -23.01 -8.43 -17.09
C VAL A 21 -22.91 -8.50 -18.61
N PRO A 22 -23.98 -8.81 -19.32
CA PRO A 22 -23.88 -8.95 -20.79
C PRO A 22 -23.48 -7.65 -21.44
N HIS A 23 -22.61 -7.75 -22.45
CA HIS A 23 -22.20 -6.62 -23.27
C HIS A 23 -22.96 -6.71 -24.58
N VAL A 24 -23.84 -5.74 -24.83
CA VAL A 24 -24.88 -5.89 -25.85
C VAL A 24 -24.72 -4.95 -27.03
N GLY A 25 -23.90 -3.91 -26.93
CA GLY A 25 -23.78 -3.00 -28.05
C GLY A 25 -25.07 -2.26 -28.32
N LEU A 26 -25.01 -1.21 -29.14
CA LEU A 26 -26.17 -0.34 -29.30
C LEU A 26 -27.34 -1.07 -29.95
N ARG A 27 -27.09 -1.78 -31.05
CA ARG A 27 -28.17 -2.49 -31.73
C ARG A 27 -28.30 -3.94 -31.22
N LEU A 28 -28.34 -4.08 -29.90
CA LEU A 28 -28.55 -5.36 -29.24
C LEU A 28 -27.68 -6.47 -29.82
N GLN A 29 -26.49 -6.11 -30.32
CA GLN A 29 -25.57 -7.06 -30.93
C GLN A 29 -24.62 -7.61 -29.88
N PRO A 30 -24.53 -8.92 -29.72
CA PRO A 30 -23.58 -9.48 -28.73
C PRO A 30 -22.18 -8.96 -28.99
N VAL A 31 -21.55 -8.48 -27.93
CA VAL A 31 -20.22 -7.88 -28.00
C VAL A 31 -19.28 -8.67 -27.10
N ASN A 32 -18.05 -8.86 -27.57
CA ASN A 32 -17.08 -9.61 -26.79
C ASN A 32 -16.67 -8.81 -25.56
N SER A 33 -16.80 -9.43 -24.39
CA SER A 33 -16.58 -8.77 -23.11
C SER A 33 -15.14 -8.94 -22.63
N THR A 34 -14.17 -8.61 -23.48
CA THR A 34 -12.77 -8.58 -23.09
C THR A 34 -12.31 -7.14 -23.13
N PHE A 35 -11.58 -6.72 -22.10
CA PHE A 35 -11.23 -5.31 -21.98
C PHE A 35 -10.52 -4.84 -23.24
N SER A 36 -11.20 -4.00 -24.02
CA SER A 36 -10.65 -3.43 -25.25
C SER A 36 -10.99 -1.95 -25.27
N PRO A 37 -10.38 -1.17 -24.38
CA PRO A 37 -10.76 0.24 -24.27
C PRO A 37 -10.63 0.98 -25.59
N GLY A 38 -9.78 0.50 -26.49
CA GLY A 38 -9.64 1.07 -27.81
C GLY A 38 -10.53 0.47 -28.88
N ASP A 39 -11.44 -0.43 -28.51
CA ASP A 39 -12.30 -1.11 -29.47
C ASP A 39 -13.65 -0.42 -29.54
N GLU A 40 -14.10 -0.14 -30.76
CA GLU A 40 -15.37 0.56 -30.94
C GLU A 40 -16.53 -0.25 -30.40
N SER A 41 -16.52 -1.58 -30.59
CA SER A 41 -17.60 -2.41 -30.09
C SER A 41 -17.66 -2.39 -28.56
N TYR A 42 -16.50 -2.49 -27.90
CA TYR A 42 -16.48 -2.44 -26.44
C TYR A 42 -16.97 -1.09 -25.94
N GLN A 43 -16.50 -0.01 -26.54
CA GLN A 43 -16.99 1.31 -26.18
C GLN A 43 -18.49 1.41 -26.39
N GLU A 44 -19.00 0.78 -27.45
CA GLU A 44 -20.43 0.78 -27.71
C GLU A 44 -21.19 0.06 -26.62
N SER A 45 -20.64 -1.04 -26.11
CA SER A 45 -21.29 -1.76 -25.02
C SER A 45 -21.34 -0.91 -23.75
N LEU A 46 -20.26 -0.19 -23.45
CA LEU A 46 -20.29 0.72 -22.30
C LEU A 46 -21.33 1.82 -22.51
N LEU A 47 -21.37 2.38 -23.72
CA LEU A 47 -22.40 3.36 -24.05
C LEU A 47 -23.79 2.78 -23.88
N PHE A 48 -23.96 1.49 -24.18
CA PHE A 48 -25.25 0.85 -24.02
C PHE A 48 -25.65 0.77 -22.55
N LEU A 49 -24.69 0.46 -21.67
CA LEU A 49 -25.01 0.51 -20.24
C LEU A 49 -25.44 1.91 -19.83
N GLY A 50 -24.70 2.93 -20.29
CA GLY A 50 -25.10 4.29 -19.99
C GLY A 50 -26.49 4.62 -20.51
N LEU A 51 -26.82 4.12 -21.69
CA LEU A 51 -28.13 4.37 -22.29
C LEU A 51 -29.24 3.67 -21.51
N VAL A 52 -28.97 2.48 -20.99
CA VAL A 52 -29.95 1.82 -20.14
C VAL A 52 -30.20 2.64 -18.88
N ALA A 53 -29.13 3.21 -18.31
CA ALA A 53 -29.33 4.11 -17.17
C ALA A 53 -30.17 5.31 -17.57
N ALA A 54 -29.93 5.87 -18.75
CA ALA A 54 -30.72 7.01 -19.21
C ALA A 54 -32.20 6.64 -19.38
N VAL A 55 -32.46 5.44 -19.91
CA VAL A 55 -33.84 4.98 -20.06
C VAL A 55 -34.50 4.83 -18.70
N CYS A 56 -33.76 4.30 -17.71
CA CYS A 56 -34.30 4.21 -16.36
C CYS A 56 -34.62 5.58 -15.80
N LEU A 57 -33.75 6.57 -16.06
CA LEU A 57 -34.04 7.92 -15.60
C LEU A 57 -35.29 8.46 -16.27
N GLY A 58 -35.45 8.20 -17.57
CA GLY A 58 -36.66 8.63 -18.26
C GLY A 58 -37.91 8.00 -17.67
N LEU A 59 -37.83 6.71 -17.34
CA LEU A 59 -38.95 6.04 -16.71
C LEU A 59 -39.27 6.66 -15.35
N ASN A 60 -38.23 6.99 -14.58
CA ASN A 60 -38.45 7.64 -13.30
C ASN A 60 -39.16 8.97 -13.47
N LEU A 61 -38.72 9.78 -14.44
CA LEU A 61 -39.35 11.06 -14.67
C LEU A 61 -40.79 10.91 -15.14
N ILE A 62 -41.05 9.93 -16.01
CA ILE A 62 -42.41 9.70 -16.48
C ILE A 62 -43.32 9.30 -15.34
N PHE A 63 -42.84 8.39 -14.47
CA PHE A 63 -43.66 7.99 -13.33
C PHE A 63 -43.91 9.15 -12.39
N LEU A 64 -42.89 9.99 -12.15
CA LEU A 64 -43.09 11.15 -11.28
C LEU A 64 -44.12 12.09 -11.87
N VAL A 65 -44.05 12.36 -13.17
CA VAL A 65 -45.02 13.25 -13.80
C VAL A 65 -46.42 12.66 -13.72
N ALA A 66 -46.56 11.36 -13.98
CA ALA A 66 -47.88 10.73 -13.90
C ALA A 66 -48.44 10.83 -12.48
N TYR A 67 -47.61 10.55 -11.47
CA TYR A 67 -48.09 10.63 -10.10
C TYR A 67 -48.48 12.05 -9.72
N LEU A 68 -47.67 13.03 -10.12
CA LEU A 68 -48.01 14.42 -9.81
C LEU A 68 -49.32 14.82 -10.48
N VAL A 69 -49.50 14.43 -11.74
CA VAL A 69 -50.74 14.78 -12.44
C VAL A 69 -51.93 14.13 -11.76
N CYS A 70 -51.81 12.85 -11.41
CA CYS A 70 -52.91 12.16 -10.76
C CYS A 70 -53.25 12.79 -9.42
N ALA A 71 -52.23 13.12 -8.63
CA ALA A 71 -52.48 13.73 -7.32
C ALA A 71 -53.14 15.10 -7.46
N CYS A 72 -52.65 15.93 -8.38
CA CYS A 72 -53.20 17.27 -8.53
C CYS A 72 -54.63 17.22 -9.07
N HIS A 73 -54.85 16.46 -10.14
CA HIS A 73 -56.18 16.35 -10.71
C HIS A 73 -57.09 15.52 -9.83
N CYS A 74 -56.60 14.38 -9.35
CA CYS A 74 -57.42 13.48 -8.54
C CYS A 74 -56.89 13.39 -7.11
N CYS A 89 -49.09 11.54 7.23
CA CYS A 89 -48.30 10.84 6.23
C CYS A 89 -47.26 11.75 5.60
N ILE A 90 -47.65 13.00 5.35
CA ILE A 90 -46.75 13.94 4.70
C ILE A 90 -45.48 14.13 5.53
N THR A 91 -45.64 14.33 6.84
CA THR A 91 -44.48 14.49 7.70
C THR A 91 -43.65 13.22 7.74
N TRP A 92 -44.30 12.05 7.81
CA TRP A 92 -43.56 10.81 7.90
C TRP A 92 -42.88 10.46 6.59
N THR A 93 -43.53 10.73 5.45
CA THR A 93 -42.86 10.53 4.18
C THR A 93 -41.69 11.49 4.02
N ALA A 94 -41.85 12.74 4.48
CA ALA A 94 -40.73 13.67 4.44
C ALA A 94 -39.57 13.19 5.30
N VAL A 95 -39.85 12.67 6.49
CA VAL A 95 -38.77 12.20 7.35
C VAL A 95 -38.12 10.96 6.76
N VAL A 96 -38.91 10.08 6.13
CA VAL A 96 -38.33 8.91 5.48
C VAL A 96 -37.45 9.32 4.31
N ALA A 97 -37.88 10.30 3.52
CA ALA A 97 -37.05 10.82 2.45
C ALA A 97 -35.76 11.41 3.00
N GLY A 98 -35.86 12.16 4.09
CA GLY A 98 -34.65 12.72 4.69
C GLY A 98 -33.71 11.66 5.20
N LEU A 99 -34.26 10.60 5.82
CA LEU A 99 -33.43 9.51 6.31
C LEU A 99 -32.75 8.78 5.16
N ILE A 100 -33.49 8.52 4.08
CA ILE A 100 -32.89 7.85 2.93
C ILE A 100 -31.84 8.73 2.28
N CYS A 101 -32.09 10.04 2.23
CA CYS A 101 -31.09 10.96 1.69
C CYS A 101 -29.84 10.98 2.55
N CYS A 102 -30.00 10.96 3.87
CA CYS A 102 -28.84 10.92 4.77
C CYS A 102 -28.06 9.62 4.61
N ALA A 103 -28.76 8.50 4.51
CA ALA A 103 -28.09 7.22 4.28
C ALA A 103 -27.37 7.23 2.94
N ALA A 104 -28.01 7.78 1.90
CA ALA A 104 -27.40 7.87 0.59
C ALA A 104 -26.16 8.73 0.63
N VAL A 105 -26.21 9.86 1.33
CA VAL A 105 -25.04 10.73 1.39
C VAL A 105 -23.92 10.09 2.18
N GLY A 106 -24.24 9.34 3.24
CA GLY A 106 -23.20 8.61 3.96
C GLY A 106 -22.55 7.55 3.09
N VAL A 107 -23.37 6.76 2.40
CA VAL A 107 -22.83 5.73 1.51
C VAL A 107 -22.03 6.37 0.39
N GLY A 108 -22.47 7.53 -0.09
CA GLY A 108 -21.72 8.24 -1.11
C GLY A 108 -20.39 8.73 -0.62
N PHE A 109 -20.34 9.26 0.61
CA PHE A 109 -19.07 9.66 1.19
C PHE A 109 -18.12 8.47 1.30
N TYR A 110 -18.64 7.33 1.75
CA TYR A 110 -17.81 6.14 1.87
C TYR A 110 -17.29 5.69 0.51
N GLY A 111 -18.18 5.59 -0.49
CA GLY A 111 -17.76 5.16 -1.80
C GLY A 111 -16.80 6.13 -2.46
N ASN A 112 -17.02 7.42 -2.24
CA ASN A 112 -16.11 8.43 -2.78
C ASN A 112 -14.72 8.28 -2.18
N SER A 113 -14.65 8.09 -0.86
CA SER A 113 -13.34 7.90 -0.22
C SER A 113 -12.68 6.60 -0.70
N GLU A 114 -13.45 5.54 -0.86
CA GLU A 114 -12.88 4.27 -1.32
C GLU A 114 -12.36 4.40 -2.75
N THR A 115 -13.10 5.07 -3.63
CA THR A 115 -12.64 5.28 -5.00
C THR A 115 -11.38 6.14 -5.02
N ASN A 116 -11.32 7.18 -4.18
CA ASN A 116 -10.12 7.98 -4.09
C ASN A 116 -8.94 7.14 -3.61
N ASP A 117 -9.18 6.26 -2.63
CA ASP A 117 -8.12 5.39 -2.13
C ASP A 117 -7.62 4.46 -3.23
N GLY A 118 -8.52 3.88 -4.01
CA GLY A 118 -8.09 3.03 -5.10
C GLY A 118 -7.30 3.78 -6.16
N ALA A 119 -7.76 4.98 -6.52
CA ALA A 119 -7.03 5.78 -7.50
C ALA A 119 -5.66 6.16 -6.99
N TYR A 120 -5.55 6.50 -5.71
CA TYR A 120 -4.26 6.88 -5.16
C TYR A 120 -3.34 5.68 -4.98
N GLN A 121 -3.89 4.50 -4.71
CA GLN A 121 -3.07 3.29 -4.71
C GLN A 121 -2.53 2.99 -6.09
N LEU A 122 -3.37 3.13 -7.12
CA LEU A 122 -2.88 2.97 -8.48
C LEU A 122 -1.80 3.99 -8.80
N MET A 123 -2.00 5.24 -8.39
CA MET A 123 -0.99 6.28 -8.64
C MET A 123 0.31 5.95 -7.92
N TYR A 124 0.22 5.46 -6.69
CA TYR A 124 1.41 5.10 -5.92
C TYR A 124 2.16 3.96 -6.58
N SER A 125 1.44 2.94 -7.06
CA SER A 125 2.09 1.83 -7.74
C SER A 125 2.72 2.28 -9.04
N LEU A 126 2.05 3.14 -9.80
CA LEU A 126 2.63 3.66 -11.04
C LEU A 126 3.89 4.47 -10.74
N ASP A 127 3.86 5.28 -9.70
CA ASP A 127 5.02 6.09 -9.34
C ASP A 127 6.18 5.22 -8.87
N ASP A 128 5.89 4.16 -8.11
CA ASP A 128 6.94 3.27 -7.66
C ASP A 128 7.57 2.51 -8.83
N ALA A 129 6.73 2.02 -9.75
CA ALA A 129 7.27 1.36 -10.94
C ALA A 129 8.08 2.33 -11.77
N ASN A 130 7.61 3.57 -11.90
CA ASN A 130 8.34 4.60 -12.63
C ASN A 130 9.70 4.85 -11.98
N HIS A 131 9.74 4.94 -10.66
CA HIS A 131 11.00 5.19 -9.97
C HIS A 131 11.96 4.02 -10.16
N THR A 132 11.45 2.79 -10.07
CA THR A 132 12.32 1.62 -10.26
C THR A 132 12.88 1.57 -11.67
N PHE A 133 12.03 1.79 -12.68
CA PHE A 133 12.49 1.73 -14.07
C PHE A 133 13.46 2.87 -14.38
N SER A 134 13.18 4.06 -13.86
CA SER A 134 14.09 5.18 -14.07
C SER A 134 15.42 4.93 -13.38
N GLY A 135 15.40 4.30 -12.21
CA GLY A 135 16.64 3.93 -11.55
C GLY A 135 17.42 2.90 -12.33
N ILE A 136 16.75 1.91 -12.91
CA ILE A 136 17.44 0.94 -13.75
C ILE A 136 18.10 1.65 -14.92
N ASP A 137 17.36 2.55 -15.56
CA ASP A 137 17.91 3.28 -16.71
C ASP A 137 19.10 4.14 -16.30
N ALA A 138 18.99 4.83 -15.17
CA ALA A 138 20.08 5.68 -14.70
C ALA A 138 21.31 4.84 -14.37
N LEU A 139 21.12 3.69 -13.72
CA LEU A 139 22.25 2.83 -13.38
C LEU A 139 22.94 2.32 -14.63
N VAL A 140 22.17 1.85 -15.61
CA VAL A 140 22.77 1.32 -16.83
C VAL A 140 23.51 2.42 -17.57
N SER A 141 22.88 3.59 -17.73
CA SER A 141 23.53 4.68 -18.44
C SER A 141 24.77 5.17 -17.72
N GLY A 142 24.71 5.29 -16.39
CA GLY A 142 25.87 5.74 -15.65
C GLY A 142 27.02 4.77 -15.69
N THR A 143 26.73 3.47 -15.56
CA THR A 143 27.79 2.48 -15.66
C THR A 143 28.41 2.46 -17.05
N THR A 144 27.57 2.55 -18.09
CA THR A 144 28.09 2.56 -19.45
C THR A 144 28.99 3.77 -19.68
N GLN A 145 28.52 4.95 -19.28
CA GLN A 145 29.33 6.16 -19.45
C GLN A 145 30.62 6.06 -18.66
N LYS A 146 30.53 5.60 -17.40
CA LYS A 146 31.72 5.45 -16.59
C LYS A 146 32.73 4.55 -17.28
N MET A 147 32.31 3.33 -17.66
CA MET A 147 33.21 2.42 -18.33
C MET A 147 33.83 3.12 -19.52
N LYS A 148 33.02 3.44 -20.53
CA LYS A 148 33.60 3.94 -21.76
C LYS A 148 34.49 5.15 -21.48
N VAL A 149 33.90 6.27 -21.06
CA VAL A 149 34.66 7.52 -20.97
C VAL A 149 35.80 7.37 -19.98
N ASP A 150 35.47 7.13 -18.70
CA ASP A 150 36.48 7.22 -17.66
C ASP A 150 37.54 6.14 -17.81
N LEU A 151 37.11 4.88 -18.04
CA LEU A 151 38.07 3.81 -18.18
C LEU A 151 38.97 4.04 -19.38
N GLU A 152 38.41 4.49 -20.51
CA GLU A 152 39.25 4.74 -21.67
C GLU A 152 40.26 5.84 -21.40
N GLN A 153 39.83 6.92 -20.73
CA GLN A 153 40.76 8.01 -20.44
C GLN A 153 41.88 7.54 -19.51
N HIS A 154 41.52 6.87 -18.42
CA HIS A 154 42.54 6.41 -17.47
C HIS A 154 43.49 5.41 -18.13
N LEU A 155 42.94 4.49 -18.95
CA LEU A 155 43.77 3.51 -19.61
C LEU A 155 44.69 4.15 -20.65
N ALA A 156 44.21 5.19 -21.33
CA ALA A 156 45.08 5.91 -22.26
C ALA A 156 46.23 6.58 -21.53
N ARG A 157 45.94 7.22 -20.40
CA ARG A 157 47.02 7.81 -19.61
C ARG A 157 48.00 6.74 -19.13
N LEU A 158 47.48 5.61 -18.66
CA LEU A 158 48.35 4.54 -18.18
C LEU A 158 49.20 3.97 -19.30
N SER A 159 48.62 3.83 -20.50
CA SER A 159 49.39 3.33 -21.64
C SER A 159 50.48 4.32 -22.03
N GLU A 160 50.17 5.61 -22.01
CA GLU A 160 51.18 6.62 -22.32
C GLU A 160 52.33 6.57 -21.31
N ILE A 161 52.00 6.36 -20.04
CA ILE A 161 53.05 6.28 -19.02
C ILE A 161 53.77 4.94 -19.02
N PHE A 162 53.17 3.90 -19.59
CA PHE A 162 53.71 2.54 -19.56
C PHE A 162 54.19 2.08 -20.93
N ALA A 163 54.67 3.01 -21.77
CA ALA A 163 55.06 2.62 -23.11
C ALA A 163 56.44 1.97 -23.12
N ALA A 164 56.65 1.02 -22.22
CA ALA A 164 57.86 0.23 -22.20
C ALA A 164 57.63 -1.25 -21.93
N ARG A 165 56.45 -1.66 -21.46
CA ARG A 165 56.21 -3.02 -21.01
C ARG A 165 55.11 -3.64 -21.87
N GLY A 166 55.48 -4.64 -22.66
CA GLY A 166 54.48 -5.34 -23.45
C GLY A 166 53.46 -6.05 -22.59
N ASP A 167 53.90 -6.65 -21.48
CA ASP A 167 52.96 -7.31 -20.58
C ASP A 167 51.96 -6.33 -19.99
N TYR A 168 52.44 -5.15 -19.56
CA TYR A 168 51.54 -4.15 -18.99
C TYR A 168 50.58 -3.62 -20.05
N LEU A 169 51.06 -3.39 -21.27
CA LEU A 169 50.17 -2.95 -22.34
C LEU A 169 49.12 -4.01 -22.64
N GLN A 170 49.50 -5.28 -22.63
CA GLN A 170 48.53 -6.36 -22.85
C GLN A 170 47.51 -6.41 -21.73
N THR A 171 47.95 -6.16 -20.49
CA THR A 171 47.01 -6.12 -19.37
C THR A 171 46.01 -4.98 -19.54
N LEU A 172 46.50 -3.81 -19.97
CA LEU A 172 45.58 -2.70 -20.23
C LEU A 172 44.60 -3.04 -21.34
N LYS A 173 45.08 -3.73 -22.39
CA LYS A 173 44.19 -4.17 -23.45
C LYS A 173 43.13 -5.13 -22.92
N PHE A 174 43.52 -6.03 -22.02
CA PHE A 174 42.56 -6.95 -21.43
C PHE A 174 41.51 -6.20 -20.61
N ILE A 175 41.95 -5.19 -19.86
CA ILE A 175 41.00 -4.40 -19.09
C ILE A 175 40.02 -3.69 -20.02
N GLN A 176 40.52 -3.14 -21.12
CA GLN A 176 39.64 -2.48 -22.09
C GLN A 176 38.65 -3.47 -22.69
N GLN A 177 39.12 -4.67 -23.02
CA GLN A 177 38.23 -5.68 -23.60
C GLN A 177 37.15 -6.09 -22.62
N MET A 178 37.51 -6.25 -21.35
CA MET A 178 36.50 -6.55 -20.33
C MET A 178 35.50 -5.42 -20.20
N ALA A 179 35.98 -4.18 -20.24
CA ALA A 179 35.08 -3.04 -20.19
C ALA A 179 34.11 -3.05 -21.38
N GLY A 180 34.62 -3.39 -22.57
CA GLY A 180 33.75 -3.50 -23.73
C GLY A 180 32.70 -4.58 -23.56
N SER A 181 33.09 -5.72 -22.99
CA SER A 181 32.11 -6.77 -22.71
C SER A 181 31.05 -6.28 -21.75
N VAL A 182 31.46 -5.55 -20.71
CA VAL A 182 30.50 -5.00 -19.76
C VAL A 182 29.55 -4.05 -20.46
N VAL A 183 30.06 -3.20 -21.33
CA VAL A 183 29.22 -2.24 -22.05
C VAL A 183 28.22 -2.97 -22.93
N VAL A 184 28.67 -4.02 -23.61
CA VAL A 184 27.76 -4.80 -24.46
C VAL A 184 26.65 -5.42 -23.61
N GLN A 185 27.01 -6.02 -22.47
CA GLN A 185 26.00 -6.62 -21.62
C GLN A 185 25.00 -5.58 -21.13
N LEU A 186 25.49 -4.41 -20.71
CA LEU A 186 24.60 -3.38 -20.23
C LEU A 186 23.67 -2.88 -21.32
N SER A 187 24.20 -2.71 -22.54
CA SER A 187 23.35 -2.34 -23.66
C SER A 187 22.34 -3.41 -24.00
N GLY A 188 22.61 -4.66 -23.63
CA GLY A 188 21.64 -5.72 -23.86
C GLY A 188 20.48 -5.76 -22.90
N LEU A 189 20.46 -4.89 -21.89
CA LEU A 189 19.35 -4.83 -20.95
C LEU A 189 18.22 -3.98 -21.51
N PRO A 190 16.99 -4.19 -21.04
CA PRO A 190 15.86 -3.39 -21.52
C PRO A 190 16.05 -1.92 -21.22
N VAL A 191 15.58 -1.08 -22.13
CA VAL A 191 15.54 0.36 -21.94
C VAL A 191 14.11 0.74 -21.58
N TRP A 192 13.95 1.42 -20.46
CA TRP A 192 12.64 1.68 -19.88
C TRP A 192 12.18 3.11 -20.09
N ARG A 193 12.76 3.84 -21.03
CA ARG A 193 12.40 5.23 -21.23
C ARG A 193 10.95 5.38 -21.70
N GLU A 194 10.56 4.59 -22.69
CA GLU A 194 9.19 4.66 -23.21
C GLU A 194 8.18 4.24 -22.15
N VAL A 195 8.45 3.15 -21.44
CA VAL A 195 7.54 2.69 -20.40
C VAL A 195 7.46 3.70 -19.28
N THR A 196 8.57 4.37 -18.96
CA THR A 196 8.55 5.39 -17.93
C THR A 196 7.71 6.59 -18.35
N MET A 197 7.83 7.01 -19.61
CA MET A 197 6.97 8.09 -20.10
C MET A 197 5.50 7.70 -20.05
N GLU A 198 5.19 6.47 -20.44
CA GLU A 198 3.81 6.01 -20.36
C GLU A 198 3.31 6.00 -18.92
N LEU A 199 4.14 5.53 -17.99
CA LEU A 199 3.73 5.49 -16.59
C LEU A 199 3.52 6.89 -16.03
N THR A 200 4.41 7.83 -16.34
CA THR A 200 4.24 9.19 -15.85
C THR A 200 2.98 9.84 -16.42
N LYS A 201 2.73 9.64 -17.72
CA LYS A 201 1.52 10.20 -18.32
C LYS A 201 0.27 9.59 -17.68
N LEU A 202 0.27 8.27 -17.49
CA LEU A 202 -0.90 7.63 -16.88
C LEU A 202 -1.11 8.13 -15.46
N SER A 203 -0.04 8.31 -14.70
CA SER A 203 -0.18 8.79 -13.33
C SER A 203 -0.73 10.21 -13.30
N ASP A 204 -0.25 11.07 -14.20
CA ASP A 204 -0.77 12.43 -14.25
C ASP A 204 -2.25 12.45 -14.62
N GLN A 205 -2.63 11.67 -15.62
CA GLN A 205 -4.04 11.61 -16.02
C GLN A 205 -4.91 11.08 -14.90
N THR A 206 -4.45 10.03 -14.21
CA THR A 206 -5.21 9.49 -13.10
C THR A 206 -5.37 10.52 -11.99
N GLY A 207 -4.31 11.24 -11.67
CA GLY A 207 -4.44 12.27 -10.64
C GLY A 207 -5.43 13.34 -11.02
N TYR A 208 -5.35 13.84 -12.25
CA TYR A 208 -6.28 14.86 -12.72
C TYR A 208 -7.73 14.38 -12.64
N VAL A 209 -8.00 13.24 -13.27
CA VAL A 209 -9.37 12.75 -13.35
C VAL A 209 -9.90 12.40 -11.98
N GLU A 210 -9.07 11.80 -11.12
CA GLU A 210 -9.52 11.42 -9.79
C GLU A 210 -9.82 12.64 -8.95
N TYR A 211 -8.97 13.67 -9.03
CA TYR A 211 -9.25 14.89 -8.30
C TYR A 211 -10.60 15.48 -8.70
N TYR A 212 -10.84 15.58 -10.01
CA TYR A 212 -12.10 16.18 -10.43
C TYR A 212 -13.30 15.28 -10.11
N ARG A 213 -13.14 13.97 -10.19
CA ARG A 213 -14.24 13.08 -9.82
C ARG A 213 -14.58 13.21 -8.34
N TRP A 214 -13.55 13.22 -7.49
CA TRP A 214 -13.79 13.36 -6.05
C TRP A 214 -14.44 14.70 -5.73
N LEU A 215 -13.98 15.78 -6.36
CA LEU A 215 -14.59 17.08 -6.13
C LEU A 215 -16.04 17.10 -6.59
N SER A 216 -16.32 16.52 -7.76
CA SER A 216 -17.69 16.52 -8.26
C SER A 216 -18.63 15.75 -7.36
N TYR A 217 -18.19 14.58 -6.87
CA TYR A 217 -19.06 13.82 -5.99
C TYR A 217 -19.22 14.49 -4.64
N LEU A 218 -18.18 15.18 -4.14
CA LEU A 218 -18.33 15.93 -2.91
C LEU A 218 -19.34 17.06 -3.07
N LEU A 219 -19.27 17.78 -4.19
CA LEU A 219 -20.24 18.83 -4.45
C LEU A 219 -21.64 18.25 -4.57
N LEU A 220 -21.77 17.06 -5.17
CA LEU A 220 -23.08 16.42 -5.25
C LEU A 220 -23.62 16.10 -3.87
N PHE A 221 -22.77 15.56 -2.99
CA PHE A 221 -23.23 15.25 -1.63
C PHE A 221 -23.64 16.51 -0.89
N ILE A 222 -22.86 17.58 -1.01
CA ILE A 222 -23.18 18.82 -0.33
C ILE A 222 -24.49 19.39 -0.86
N LEU A 223 -24.68 19.36 -2.18
CA LEU A 223 -25.92 19.86 -2.76
C LEU A 223 -27.11 19.03 -2.31
N ASP A 224 -26.96 17.71 -2.24
CA ASP A 224 -28.06 16.87 -1.78
C ASP A 224 -28.40 17.16 -0.33
N LEU A 225 -27.38 17.32 0.53
CA LEU A 225 -27.64 17.61 1.93
C LEU A 225 -28.33 18.96 2.08
N VAL A 226 -27.86 19.98 1.35
CA VAL A 226 -28.50 21.29 1.47
C VAL A 226 -29.91 21.25 0.92
N ILE A 227 -30.15 20.48 -0.14
CA ILE A 227 -31.51 20.35 -0.66
C ILE A 227 -32.42 19.71 0.38
N CYS A 228 -31.95 18.64 1.02
CA CYS A 228 -32.78 17.97 2.03
C CYS A 228 -33.06 18.90 3.22
N LEU A 229 -32.03 19.60 3.71
CA LEU A 229 -32.24 20.49 4.84
C LEU A 229 -33.13 21.66 4.49
N ILE A 230 -32.95 22.24 3.29
CA ILE A 230 -33.80 23.36 2.88
C ILE A 230 -35.23 22.88 2.68
N ALA A 231 -35.42 21.67 2.17
CA ALA A 231 -36.78 21.14 2.05
C ALA A 231 -37.42 20.95 3.41
N CYS A 232 -36.66 20.42 4.38
CA CYS A 232 -37.22 20.27 5.72
C CYS A 232 -37.56 21.62 6.33
N LEU A 233 -36.68 22.60 6.17
CA LEU A 233 -36.93 23.93 6.71
C LEU A 233 -38.15 24.57 6.05
N GLY A 234 -38.28 24.42 4.73
CA GLY A 234 -39.45 24.94 4.05
C GLY A 234 -40.73 24.26 4.50
N LEU A 235 -40.68 22.95 4.70
CA LEU A 235 -41.86 22.26 5.22
C LEU A 235 -42.22 22.75 6.61
N ALA A 236 -41.21 22.96 7.46
CA ALA A 236 -41.47 23.46 8.80
C ALA A 236 -42.08 24.86 8.77
N LYS A 237 -41.56 25.74 7.91
CA LYS A 237 -42.03 27.12 7.84
C LYS A 237 -43.28 27.28 6.99
N ARG A 238 -43.71 26.25 6.27
CA ARG A 238 -44.87 26.33 5.39
C ARG A 238 -44.70 27.47 4.39
N SER A 239 -43.67 27.32 3.56
CA SER A 239 -43.32 28.30 2.54
C SER A 239 -43.49 27.67 1.17
N LYS A 240 -44.45 28.17 0.38
CA LYS A 240 -44.64 27.66 -0.97
C LYS A 240 -43.41 27.92 -1.83
N CYS A 241 -42.77 29.07 -1.66
CA CYS A 241 -41.56 29.36 -2.41
C CYS A 241 -40.47 28.33 -2.12
N LEU A 242 -40.25 28.04 -0.83
CA LEU A 242 -39.24 27.05 -0.48
C LEU A 242 -39.61 25.67 -1.01
N LEU A 243 -40.89 25.30 -0.91
CA LEU A 243 -41.29 23.98 -1.40
C LEU A 243 -41.06 23.86 -2.91
N ALA A 244 -41.41 24.91 -3.67
CA ALA A 244 -41.20 24.86 -5.12
C ALA A 244 -39.72 24.84 -5.46
N SER A 245 -38.91 25.64 -4.76
CA SER A 245 -37.48 25.64 -5.02
C SER A 245 -36.87 24.28 -4.71
N MET A 246 -37.31 23.64 -3.63
CA MET A 246 -36.78 22.32 -3.29
C MET A 246 -37.29 21.27 -4.26
N LEU A 247 -38.49 21.43 -4.82
CA LEU A 247 -38.93 20.52 -5.86
C LEU A 247 -38.04 20.64 -7.10
N CYS A 248 -37.72 21.87 -7.50
CA CYS A 248 -36.84 22.07 -8.65
C CYS A 248 -35.46 21.48 -8.38
N CYS A 249 -34.90 21.75 -7.20
CA CYS A 249 -33.60 21.20 -6.86
C CYS A 249 -33.64 19.68 -6.75
N GLY A 250 -34.75 19.12 -6.27
CA GLY A 250 -34.87 17.67 -6.22
C GLY A 250 -34.93 17.06 -7.61
N ALA A 251 -35.61 17.72 -8.54
CA ALA A 251 -35.60 17.21 -9.92
C ALA A 251 -34.20 17.29 -10.53
N LEU A 252 -33.50 18.41 -10.32
CA LEU A 252 -32.14 18.51 -10.83
C LEU A 252 -31.23 17.46 -10.21
N SER A 253 -31.37 17.22 -8.91
CA SER A 253 -30.56 16.21 -8.24
C SER A 253 -30.96 14.81 -8.65
N LEU A 254 -32.21 14.59 -9.03
CA LEU A 254 -32.59 13.30 -9.61
C LEU A 254 -31.91 13.08 -10.94
N LEU A 255 -31.85 14.11 -11.79
CA LEU A 255 -31.10 14.01 -13.03
C LEU A 255 -29.64 13.71 -12.76
N LEU A 256 -29.03 14.46 -11.84
CA LEU A 256 -27.62 14.25 -11.52
C LEU A 256 -27.39 12.86 -10.95
N SER A 257 -28.32 12.36 -10.14
CA SER A 257 -28.16 11.05 -9.54
C SER A 257 -28.24 9.95 -10.58
N TRP A 258 -29.13 10.08 -11.57
CA TRP A 258 -29.20 9.06 -12.61
C TRP A 258 -27.98 9.13 -13.53
N ALA A 259 -27.49 10.33 -13.81
CA ALA A 259 -26.26 10.45 -14.59
C ALA A 259 -25.09 9.82 -13.84
N SER A 260 -25.01 10.05 -12.53
CA SER A 260 -23.95 9.46 -11.72
C SER A 260 -24.07 7.95 -11.70
N LEU A 261 -25.29 7.42 -11.60
CA LEU A 261 -25.44 5.97 -11.61
C LEU A 261 -25.04 5.39 -12.94
N ALA A 262 -25.35 6.07 -14.05
CA ALA A 262 -24.89 5.59 -15.35
C ALA A 262 -23.37 5.55 -15.41
N ALA A 263 -22.72 6.64 -14.97
CA ALA A 263 -21.26 6.67 -14.98
C ALA A 263 -20.67 5.57 -14.11
N ASP A 264 -21.21 5.40 -12.91
CA ASP A 264 -20.69 4.41 -11.98
C ASP A 264 -20.90 2.99 -12.51
N GLY A 265 -22.05 2.71 -13.09
CA GLY A 265 -22.28 1.39 -13.65
C GLY A 265 -21.38 1.08 -14.82
N SER A 266 -21.22 2.03 -15.74
CA SER A 266 -20.32 1.80 -16.86
C SER A 266 -18.88 1.63 -16.40
N ALA A 267 -18.44 2.47 -15.46
CA ALA A 267 -17.08 2.35 -14.94
C ALA A 267 -16.88 1.03 -14.20
N ALA A 268 -17.88 0.60 -13.44
CA ALA A 268 -17.78 -0.67 -12.73
C ALA A 268 -17.67 -1.83 -13.69
N VAL A 269 -18.46 -1.81 -14.78
CA VAL A 269 -18.41 -2.91 -15.74
C VAL A 269 -17.08 -2.91 -16.48
N ALA A 270 -16.57 -1.73 -16.84
CA ALA A 270 -15.26 -1.68 -17.51
C ALA A 270 -14.14 -2.13 -16.59
N THR A 271 -14.15 -1.67 -15.33
CA THR A 271 -13.14 -2.09 -14.36
C THR A 271 -13.21 -3.58 -14.12
N SER A 272 -14.41 -4.15 -14.03
CA SER A 272 -14.54 -5.58 -13.85
C SER A 272 -14.01 -6.34 -15.06
N ASP A 273 -14.26 -5.83 -16.26
CA ASP A 273 -13.70 -6.45 -17.45
C ASP A 273 -12.18 -6.46 -17.39
N PHE A 274 -11.58 -5.35 -16.98
CA PHE A 274 -10.13 -5.32 -16.85
C PHE A 274 -9.66 -6.31 -15.79
N CYS A 275 -10.28 -6.28 -14.61
CA CYS A 275 -9.81 -7.05 -13.46
C CYS A 275 -10.05 -8.54 -13.61
N VAL A 276 -10.95 -8.96 -14.49
CA VAL A 276 -11.16 -10.39 -14.68
C VAL A 276 -9.91 -11.06 -15.25
N ALA A 277 -9.08 -10.32 -15.97
CA ALA A 277 -7.87 -10.84 -16.56
C ALA A 277 -6.89 -9.70 -16.85
N PRO A 278 -6.16 -9.21 -15.84
CA PRO A 278 -5.32 -8.03 -16.05
C PRO A 278 -4.01 -8.35 -16.75
N ASP A 279 -3.46 -9.53 -16.49
CA ASP A 279 -2.20 -9.91 -17.12
C ASP A 279 -2.37 -10.06 -18.63
N THR A 280 -3.50 -10.59 -19.06
CA THR A 280 -3.77 -10.68 -20.49
C THR A 280 -3.77 -9.31 -21.15
N PHE A 281 -4.44 -8.34 -20.52
CA PHE A 281 -4.44 -7.00 -21.09
C PHE A 281 -3.06 -6.38 -21.07
N ILE A 282 -2.29 -6.57 -19.99
CA ILE A 282 -0.95 -5.99 -19.93
C ILE A 282 -0.06 -6.58 -21.01
N LEU A 283 -0.11 -7.91 -21.19
CA LEU A 283 0.66 -8.54 -22.24
C LEU A 283 0.24 -8.04 -23.61
N ASN A 284 -1.07 -7.91 -23.84
CA ASN A 284 -1.55 -7.45 -25.14
C ASN A 284 -1.10 -6.03 -25.43
N VAL A 285 -1.17 -5.15 -24.42
CA VAL A 285 -0.92 -3.73 -24.65
C VAL A 285 0.55 -3.36 -24.62
N THR A 286 1.39 -4.13 -23.92
CA THR A 286 2.82 -3.86 -23.89
C THR A 286 3.57 -4.50 -25.04
N GLU A 287 2.96 -5.44 -25.75
CA GLU A 287 3.65 -6.15 -26.81
C GLU A 287 4.20 -5.17 -27.83
N GLY A 288 5.47 -5.38 -28.20
CA GLY A 288 6.16 -4.51 -29.13
C GLY A 288 7.06 -3.48 -28.48
N GLN A 289 6.84 -3.18 -27.20
CA GLN A 289 7.70 -2.26 -26.46
C GLN A 289 8.39 -2.91 -25.27
N ILE A 290 7.92 -4.08 -24.83
CA ILE A 290 8.60 -4.85 -23.79
C ILE A 290 8.58 -6.31 -24.21
N SER A 291 9.72 -6.98 -24.02
CA SER A 291 9.80 -8.38 -24.39
C SER A 291 8.80 -9.21 -23.61
N THR A 292 8.29 -10.26 -24.25
CA THR A 292 7.32 -11.12 -23.59
C THR A 292 7.92 -11.78 -22.35
N GLU A 293 9.18 -12.22 -22.43
CA GLU A 293 9.81 -12.85 -21.29
C GLU A 293 9.97 -11.87 -20.13
N VAL A 294 10.37 -10.63 -20.40
CA VAL A 294 10.52 -9.64 -19.34
C VAL A 294 9.17 -9.33 -18.71
N THR A 295 8.16 -9.12 -19.55
CA THR A 295 6.83 -8.82 -19.03
C THR A 295 6.29 -9.96 -18.19
N ARG A 296 6.48 -11.20 -18.63
CA ARG A 296 6.00 -12.33 -17.85
C ARG A 296 6.79 -12.49 -16.56
N TYR A 297 8.10 -12.23 -16.61
CA TYR A 297 8.92 -12.25 -15.41
C TYR A 297 8.37 -11.30 -14.36
N TYR A 298 8.04 -10.08 -14.77
CA TYR A 298 7.52 -9.12 -13.81
C TYR A 298 6.06 -9.36 -13.47
N LEU A 299 5.32 -10.07 -14.31
CA LEU A 299 3.89 -10.26 -14.09
C LEU A 299 3.56 -11.49 -13.27
N TYR A 300 4.42 -12.50 -13.26
CA TYR A 300 4.15 -13.72 -12.52
C TYR A 300 5.14 -14.00 -11.40
N CYS A 301 6.34 -13.44 -11.45
CA CYS A 301 7.28 -13.48 -10.34
C CYS A 301 7.29 -14.85 -9.66
N SER A 302 7.39 -15.90 -10.47
CA SER A 302 7.43 -17.25 -9.94
C SER A 302 8.81 -17.52 -9.34
N GLN A 303 8.83 -18.02 -8.11
CA GLN A 303 10.10 -18.28 -7.44
C GLN A 303 10.91 -19.33 -8.19
N SER A 304 10.25 -20.39 -8.65
CA SER A 304 10.90 -21.44 -9.42
C SER A 304 10.93 -21.06 -10.90
N GLY A 305 11.74 -20.05 -11.19
CA GLY A 305 11.89 -19.57 -12.55
C GLY A 305 13.22 -18.89 -12.73
N SER A 306 13.63 -18.78 -13.99
CA SER A 306 14.91 -18.19 -14.35
C SER A 306 14.70 -16.73 -14.74
N SER A 307 15.50 -15.85 -14.15
CA SER A 307 15.41 -14.44 -14.46
C SER A 307 15.95 -14.17 -15.87
N PRO A 308 15.27 -13.33 -16.66
CA PRO A 308 15.80 -12.98 -17.98
C PRO A 308 17.12 -12.23 -17.92
N PHE A 309 17.49 -11.66 -16.78
CA PHE A 309 18.70 -10.87 -16.64
C PHE A 309 19.83 -11.62 -15.92
N GLN A 310 19.62 -12.88 -15.56
CA GLN A 310 20.61 -13.59 -14.75
C GLN A 310 21.93 -13.71 -15.48
N GLN A 311 21.90 -14.11 -16.75
CA GLN A 311 23.14 -14.28 -17.49
C GLN A 311 23.84 -12.95 -17.72
N THR A 312 23.08 -11.89 -17.99
CA THR A 312 23.69 -10.58 -18.17
C THR A 312 24.38 -10.13 -16.88
N LEU A 313 23.72 -10.31 -15.74
CA LEU A 313 24.31 -9.91 -14.47
C LEU A 313 25.54 -10.76 -14.15
N THR A 314 25.48 -12.06 -14.42
CA THR A 314 26.62 -12.93 -14.18
C THR A 314 27.82 -12.50 -15.01
N THR A 315 27.61 -12.24 -16.31
CA THR A 315 28.71 -11.82 -17.16
C THR A 315 29.24 -10.46 -16.73
N PHE A 316 28.36 -9.54 -16.36
CA PHE A 316 28.79 -8.23 -15.90
C PHE A 316 29.68 -8.35 -14.66
N GLN A 317 29.24 -9.14 -13.67
CA GLN A 317 30.03 -9.27 -12.46
C GLN A 317 31.32 -10.03 -12.69
N ARG A 318 31.32 -11.02 -13.59
CA ARG A 318 32.57 -11.70 -13.91
C ARG A 318 33.56 -10.76 -14.58
N ALA A 319 33.08 -9.90 -15.48
CA ALA A 319 33.96 -8.92 -16.11
C ALA A 319 34.50 -7.94 -15.07
N LEU A 320 33.66 -7.50 -14.13
CA LEU A 320 34.14 -6.62 -13.07
C LEU A 320 35.19 -7.30 -12.21
N THR A 321 34.96 -8.57 -11.86
CA THR A 321 35.93 -9.30 -11.05
C THR A 321 37.26 -9.45 -11.77
N THR A 322 37.22 -9.80 -13.06
CA THR A 322 38.46 -9.91 -13.83
C THR A 322 39.17 -8.58 -13.91
N MET A 323 38.44 -7.49 -14.13
CA MET A 323 39.06 -6.18 -14.19
C MET A 323 39.72 -5.83 -12.87
N GLN A 324 39.05 -6.11 -11.75
CA GLN A 324 39.65 -5.81 -10.45
C GLN A 324 40.88 -6.66 -10.20
N ILE A 325 40.85 -7.94 -10.58
CA ILE A 325 42.03 -8.78 -10.42
C ILE A 325 43.20 -8.21 -11.21
N GLN A 326 42.95 -7.85 -12.47
CA GLN A 326 44.01 -7.30 -13.30
C GLN A 326 44.54 -5.99 -12.73
N VAL A 327 43.65 -5.13 -12.24
CA VAL A 327 44.08 -3.85 -11.72
C VAL A 327 44.89 -4.03 -10.45
N ALA A 328 44.46 -4.95 -9.57
CA ALA A 328 45.21 -5.20 -8.35
C ALA A 328 46.60 -5.75 -8.66
N GLY A 329 46.68 -6.69 -9.61
CA GLY A 329 48.00 -7.18 -10.01
C GLY A 329 48.86 -6.08 -10.58
N LEU A 330 48.28 -5.23 -11.44
CA LEU A 330 49.03 -4.12 -12.02
C LEU A 330 49.54 -3.18 -10.94
N LEU A 331 48.69 -2.86 -9.97
CA LEU A 331 49.16 -2.06 -8.84
C LEU A 331 50.34 -2.72 -8.16
N GLN A 332 50.10 -3.90 -7.58
CA GLN A 332 51.11 -4.55 -6.74
C GLN A 332 52.41 -4.82 -7.48
N PHE A 333 52.39 -4.90 -8.81
CA PHE A 333 53.62 -5.10 -9.55
C PHE A 333 54.24 -3.77 -10.01
N ALA A 334 53.52 -3.01 -10.82
CA ALA A 334 54.09 -1.83 -11.46
C ALA A 334 54.36 -0.71 -10.46
N VAL A 335 53.44 -0.47 -9.51
CA VAL A 335 53.58 0.68 -8.64
C VAL A 335 54.97 0.73 -7.99
N PRO A 336 55.51 -0.36 -7.46
CA PRO A 336 56.91 -0.32 -7.00
C PRO A 336 57.88 0.07 -8.12
N LEU A 337 57.65 -0.41 -9.34
CA LEU A 337 58.57 -0.10 -10.44
C LEU A 337 58.40 1.33 -10.91
N PHE A 338 57.16 1.80 -11.05
CA PHE A 338 56.87 3.14 -11.54
C PHE A 338 56.34 3.98 -10.38
N SER A 339 57.06 5.06 -10.06
CA SER A 339 56.61 5.95 -8.99
C SER A 339 55.27 6.57 -9.31
N THR A 340 55.09 7.02 -10.55
CA THR A 340 53.83 7.60 -10.98
C THR A 340 52.90 6.50 -11.46
N ALA A 341 51.77 6.89 -12.08
CA ALA A 341 50.80 5.94 -12.61
C ALA A 341 50.00 5.29 -11.49
N GLU A 342 50.36 5.56 -10.24
CA GLU A 342 49.59 5.02 -9.12
C GLU A 342 48.25 5.71 -8.99
N GLU A 343 48.19 7.01 -9.26
CA GLU A 343 46.93 7.73 -9.19
C GLU A 343 45.92 7.17 -10.20
N ASP A 344 46.38 6.87 -11.41
CA ASP A 344 45.47 6.33 -12.42
C ASP A 344 44.96 4.95 -12.02
N LEU A 345 45.84 4.09 -11.49
CA LEU A 345 45.41 2.78 -11.05
C LEU A 345 44.41 2.89 -9.90
N LEU A 346 44.66 3.80 -8.96
CA LEU A 346 43.73 4.00 -7.86
C LEU A 346 42.38 4.52 -8.35
N ALA A 347 42.40 5.41 -9.34
CA ALA A 347 41.16 5.90 -9.92
C ALA A 347 40.39 4.77 -10.59
N ILE A 348 41.10 3.90 -11.32
CA ILE A 348 40.44 2.76 -11.95
C ILE A 348 39.84 1.83 -10.90
N GLN A 349 40.58 1.60 -9.81
CA GLN A 349 40.06 0.72 -8.76
C GLN A 349 38.84 1.33 -8.09
N LEU A 350 38.85 2.64 -7.86
CA LEU A 350 37.66 3.30 -7.30
C LEU A 350 36.48 3.20 -8.27
N LEU A 351 36.75 3.37 -9.56
CA LEU A 351 35.70 3.22 -10.56
C LEU A 351 35.10 1.82 -10.53
N LEU A 352 35.96 0.81 -10.39
CA LEU A 352 35.47 -0.57 -10.34
C LEU A 352 34.73 -0.87 -9.05
N ASN A 353 35.15 -0.28 -7.94
CA ASN A 353 34.39 -0.41 -6.70
C ASN A 353 32.99 0.18 -6.86
N SER A 354 32.92 1.37 -7.46
CA SER A 354 31.62 1.97 -7.75
C SER A 354 30.81 1.08 -8.69
N SER A 355 31.46 0.46 -9.66
CA SER A 355 30.77 -0.42 -10.60
C SER A 355 30.20 -1.65 -9.90
N GLU A 356 30.93 -2.21 -8.94
CA GLU A 356 30.40 -3.33 -8.17
C GLU A 356 29.20 -2.90 -7.35
N SER A 357 29.28 -1.74 -6.71
CA SER A 357 28.12 -1.24 -5.97
C SER A 357 26.92 -1.03 -6.90
N SER A 358 27.16 -0.47 -8.08
CA SER A 358 26.09 -0.26 -9.05
C SER A 358 25.52 -1.58 -9.53
N LEU A 359 26.37 -2.59 -9.70
CA LEU A 359 25.88 -3.89 -10.14
C LEU A 359 25.00 -4.53 -9.08
N HIS A 360 25.36 -4.37 -7.80
CA HIS A 360 24.49 -4.88 -6.74
C HIS A 360 23.15 -4.15 -6.73
N GLN A 361 23.19 -2.82 -6.85
CA GLN A 361 21.94 -2.06 -6.91
C GLN A 361 21.09 -2.47 -8.10
N LEU A 362 21.72 -2.67 -9.25
CA LEU A 362 21.00 -3.05 -10.47
C LEU A 362 20.40 -4.44 -10.35
N THR A 363 21.15 -5.40 -9.81
CA THR A 363 20.60 -6.73 -9.61
C THR A 363 19.49 -6.74 -8.58
N ALA A 364 19.49 -5.78 -7.65
CA ALA A 364 18.35 -5.65 -6.75
C ALA A 364 17.15 -5.04 -7.45
N MET A 365 17.38 -4.05 -8.32
CA MET A 365 16.29 -3.33 -8.96
C MET A 365 15.60 -4.18 -10.02
N VAL A 366 16.36 -4.87 -10.86
CA VAL A 366 15.78 -5.68 -11.92
C VAL A 366 15.09 -6.92 -11.40
N ASP A 367 15.20 -7.21 -10.10
CA ASP A 367 14.54 -8.36 -9.53
C ASP A 367 13.03 -8.21 -9.66
N CYS A 368 12.35 -9.32 -9.92
CA CYS A 368 10.93 -9.27 -10.22
C CYS A 368 10.09 -8.93 -9.00
N ARG A 369 10.63 -9.08 -7.79
CA ARG A 369 9.81 -9.00 -6.60
C ARG A 369 9.21 -7.62 -6.42
N GLY A 370 10.02 -6.57 -6.55
CA GLY A 370 9.51 -5.23 -6.33
C GLY A 370 8.50 -4.80 -7.38
N LEU A 371 8.81 -5.04 -8.66
CA LEU A 371 7.89 -4.66 -9.72
C LEU A 371 6.60 -5.46 -9.63
N HIS A 372 6.68 -6.75 -9.32
CA HIS A 372 5.49 -7.56 -9.15
C HIS A 372 4.68 -7.09 -7.95
N LYS A 373 5.34 -6.65 -6.88
CA LYS A 373 4.62 -6.09 -5.76
C LYS A 373 3.89 -4.81 -6.15
N ASP A 374 4.53 -3.97 -6.96
CA ASP A 374 3.86 -2.78 -7.48
C ASP A 374 2.65 -3.15 -8.33
N TYR A 375 2.80 -4.15 -9.18
CA TYR A 375 1.69 -4.60 -10.02
C TYR A 375 0.54 -5.12 -9.18
N LEU A 376 0.85 -5.92 -8.15
CA LEU A 376 -0.19 -6.48 -7.30
C LEU A 376 -0.86 -5.39 -6.46
N ASP A 377 -0.10 -4.40 -6.01
CA ASP A 377 -0.68 -3.29 -5.28
C ASP A 377 -1.61 -2.47 -6.17
N ALA A 378 -1.21 -2.24 -7.42
CA ALA A 378 -2.09 -1.56 -8.36
C ALA A 378 -3.35 -2.37 -8.61
N LEU A 379 -3.21 -3.69 -8.75
CA LEU A 379 -4.38 -4.54 -8.95
C LEU A 379 -5.30 -4.48 -7.74
N ALA A 380 -4.74 -4.57 -6.54
CA ALA A 380 -5.56 -4.49 -5.33
C ALA A 380 -6.28 -3.16 -5.27
N GLY A 381 -5.54 -2.06 -5.40
CA GLY A 381 -6.15 -0.75 -5.45
C GLY A 381 -7.30 -0.74 -6.43
N ILE A 382 -7.01 -0.86 -7.71
CA ILE A 382 -8.06 -0.74 -8.73
C ILE A 382 -9.19 -1.70 -8.40
N CYS A 383 -8.95 -3.00 -8.49
CA CYS A 383 -10.06 -3.93 -8.36
C CYS A 383 -10.76 -3.74 -7.03
N TYR A 384 -10.12 -4.10 -5.92
CA TYR A 384 -10.85 -4.08 -4.66
C TYR A 384 -11.35 -2.68 -4.34
N ASP A 385 -10.43 -1.74 -4.09
CA ASP A 385 -10.85 -0.46 -3.54
C ASP A 385 -11.68 0.32 -4.56
N GLY A 386 -11.17 0.47 -5.79
CA GLY A 386 -11.89 1.28 -6.76
C GLY A 386 -13.22 0.68 -7.16
N LEU A 387 -13.26 -0.64 -7.41
CA LEU A 387 -14.53 -1.26 -7.78
C LEU A 387 -15.54 -1.16 -6.65
N GLN A 388 -15.11 -1.37 -5.41
CA GLN A 388 -16.04 -1.23 -4.29
C GLN A 388 -16.51 0.22 -4.14
N GLY A 389 -15.61 1.17 -4.34
CA GLY A 389 -16.00 2.56 -4.28
C GLY A 389 -17.01 2.91 -5.36
N LEU A 390 -16.81 2.41 -6.58
CA LEU A 390 -17.75 2.65 -7.66
C LEU A 390 -19.10 2.00 -7.36
N LEU A 391 -19.09 0.80 -6.77
CA LEU A 391 -20.34 0.16 -6.40
C LEU A 391 -21.07 0.94 -5.31
N TYR A 392 -20.33 1.47 -4.33
CA TYR A 392 -20.96 2.28 -3.30
C TYR A 392 -21.45 3.61 -3.84
N LEU A 393 -20.77 4.17 -4.83
CA LEU A 393 -21.26 5.37 -5.48
C LEU A 393 -22.51 5.10 -6.30
N GLY A 394 -22.59 3.93 -6.93
CA GLY A 394 -23.83 3.54 -7.58
C GLY A 394 -24.96 3.35 -6.61
N LEU A 395 -24.67 2.76 -5.44
CA LEU A 395 -25.67 2.63 -4.39
C LEU A 395 -26.14 3.99 -3.90
N PHE A 396 -25.19 4.92 -3.71
CA PHE A 396 -25.57 6.28 -3.33
C PHE A 396 -26.46 6.92 -4.38
N SER A 397 -26.11 6.74 -5.66
CA SER A 397 -26.92 7.31 -6.72
C SER A 397 -28.33 6.76 -6.69
N PHE A 398 -28.47 5.44 -6.53
CA PHE A 398 -29.80 4.86 -6.46
C PHE A 398 -30.57 5.37 -5.24
N LEU A 399 -29.90 5.45 -4.09
CA LEU A 399 -30.58 5.93 -2.89
C LEU A 399 -31.01 7.38 -3.03
N ALA A 400 -30.17 8.22 -3.63
CA ALA A 400 -30.52 9.61 -3.83
C ALA A 400 -31.67 9.74 -4.81
N ALA A 401 -31.68 8.91 -5.86
CA ALA A 401 -32.82 8.90 -6.76
C ALA A 401 -34.10 8.52 -6.03
N LEU A 402 -34.03 7.49 -5.19
CA LEU A 402 -35.21 7.08 -4.43
C LEU A 402 -35.67 8.17 -3.46
N ALA A 403 -34.74 8.81 -2.78
CA ALA A 403 -35.09 9.84 -1.81
C ALA A 403 -35.71 11.05 -2.50
N PHE A 404 -35.07 11.56 -3.54
CA PHE A 404 -35.60 12.71 -4.26
C PHE A 404 -36.81 12.36 -5.11
N SER A 405 -37.10 11.08 -5.30
CA SER A 405 -38.35 10.71 -5.93
C SER A 405 -39.48 10.66 -4.92
N THR A 406 -39.22 10.09 -3.74
CA THR A 406 -40.26 10.06 -2.71
C THR A 406 -40.58 11.46 -2.19
N MET A 407 -39.58 12.33 -2.10
CA MET A 407 -39.84 13.71 -1.70
C MET A 407 -40.74 14.41 -2.72
N ILE A 408 -40.45 14.23 -4.00
CA ILE A 408 -41.29 14.84 -5.04
C ILE A 408 -42.69 14.26 -5.00
N CYS A 409 -42.80 12.95 -4.77
CA CYS A 409 -44.12 12.33 -4.67
C CYS A 409 -44.91 12.92 -3.51
N ALA A 410 -44.28 13.10 -2.35
CA ALA A 410 -44.97 13.68 -1.22
C ALA A 410 -45.24 15.17 -1.39
N GLY A 411 -44.53 15.82 -2.32
CA GLY A 411 -44.72 17.23 -2.58
C GLY A 411 -46.18 17.68 -2.63
N PRO A 412 -46.97 17.13 -3.55
CA PRO A 412 -48.35 17.61 -3.69
C PRO A 412 -49.19 17.42 -2.43
N ARG A 413 -49.02 16.31 -1.72
CA ARG A 413 -49.77 16.11 -0.49
C ARG A 413 -49.38 17.14 0.56
N ALA A 414 -48.09 17.47 0.65
CA ALA A 414 -47.66 18.52 1.57
C ALA A 414 -48.24 19.87 1.16
N TRP A 415 -48.30 20.15 -0.13
CA TRP A 415 -48.93 21.38 -0.60
C TRP A 415 -50.39 21.45 -0.16
N LYS A 416 -51.12 20.35 -0.36
CA LYS A 416 -52.53 20.32 0.02
C LYS A 416 -52.70 20.47 1.53
N HIS A 417 -51.83 19.83 2.30
CA HIS A 417 -51.91 19.86 3.75
C HIS A 417 -50.58 20.26 4.38
N ALA B 5 5.31 7.27 2.47
CA ALA B 5 5.19 6.13 1.58
C ALA B 5 5.76 6.48 0.20
N ARG B 6 5.01 7.28 -0.56
CA ARG B 6 5.47 7.72 -1.87
C ARG B 6 6.76 8.52 -1.77
N VAL B 7 7.06 9.09 -0.62
CA VAL B 7 8.31 9.79 -0.34
C VAL B 7 8.79 9.35 1.04
N ASP B 8 9.83 10.00 1.54
CA ASP B 8 10.31 9.73 2.89
C ASP B 8 9.26 10.14 3.91
N TYR B 9 9.52 9.90 5.19
CA TYR B 9 8.55 10.17 6.24
C TYR B 9 8.84 11.50 6.90
N ILE B 10 7.81 12.36 6.97
CA ILE B 10 7.85 13.59 7.73
C ILE B 10 6.59 13.64 8.58
N ALA B 11 6.75 14.01 9.85
CA ALA B 11 5.64 13.95 10.80
C ALA B 11 4.55 14.93 10.41
N PRO B 12 3.31 14.49 10.19
CA PRO B 12 2.25 15.42 9.79
C PRO B 12 1.95 16.44 10.88
N TRP B 13 1.20 17.47 10.48
CA TRP B 13 0.88 18.54 11.42
C TRP B 13 0.05 18.02 12.59
N TRP B 14 -0.89 17.11 12.32
CA TRP B 14 -1.69 16.59 13.41
C TRP B 14 -0.87 15.69 14.33
N VAL B 15 0.10 14.95 13.77
CA VAL B 15 1.00 14.17 14.62
C VAL B 15 1.77 15.09 15.55
N VAL B 16 2.31 16.19 15.01
CA VAL B 16 3.05 17.13 15.85
C VAL B 16 2.14 17.75 16.91
N TRP B 17 0.93 18.16 16.51
CA TRP B 17 -0.01 18.73 17.46
C TRP B 17 -0.30 17.77 18.59
N LEU B 18 -0.67 16.53 18.25
CA LEU B 18 -1.00 15.55 19.28
C LEU B 18 0.18 15.26 20.19
N HIS B 19 1.38 15.14 19.62
CA HIS B 19 2.55 14.93 20.45
C HIS B 19 2.79 16.11 21.38
N SER B 20 2.33 17.30 21.00
CA SER B 20 2.49 18.46 21.88
C SER B 20 1.56 18.41 23.09
N VAL B 21 0.55 17.55 23.08
CA VAL B 21 -0.39 17.48 24.21
C VAL B 21 0.38 17.14 25.48
N PRO B 22 0.22 17.90 26.56
CA PRO B 22 1.07 17.69 27.74
C PRO B 22 0.91 16.31 28.34
N HIS B 23 2.02 15.76 28.81
CA HIS B 23 2.04 14.49 29.54
C HIS B 23 2.35 14.80 31.00
N VAL B 24 1.44 14.46 31.89
CA VAL B 24 1.55 14.90 33.28
C VAL B 24 1.41 13.78 34.31
N GLY B 25 0.86 12.62 33.98
CA GLY B 25 0.74 11.57 34.97
C GLY B 25 -0.35 11.85 35.99
N LEU B 26 -0.42 10.96 36.99
CA LEU B 26 -1.50 11.04 37.97
C LEU B 26 -1.30 12.19 38.95
N ARG B 27 -0.06 12.46 39.36
CA ARG B 27 0.22 13.50 40.34
C ARG B 27 0.48 14.86 39.70
N LEU B 28 0.36 14.97 38.37
CA LEU B 28 0.57 16.19 37.62
C LEU B 28 2.06 16.52 37.45
N GLN B 29 2.95 15.65 37.90
CA GLN B 29 4.36 15.88 37.68
C GLN B 29 4.70 15.74 36.20
N PRO B 30 5.59 16.57 35.67
CA PRO B 30 5.92 16.49 34.25
C PRO B 30 6.46 15.11 33.89
N VAL B 31 6.08 14.63 32.71
CA VAL B 31 6.48 13.32 32.22
C VAL B 31 7.05 13.48 30.82
N ASN B 32 8.18 12.81 30.57
CA ASN B 32 8.78 12.85 29.24
C ASN B 32 7.84 12.22 28.22
N SER B 33 7.66 12.91 27.10
CA SER B 33 6.71 12.51 26.08
C SER B 33 7.30 11.56 25.04
N THR B 34 8.56 11.20 25.17
CA THR B 34 9.14 10.25 24.22
C THR B 34 8.45 8.89 24.35
N PHE B 35 8.21 8.24 23.22
CA PHE B 35 7.49 6.99 23.22
C PHE B 35 8.26 5.92 23.97
N SER B 36 7.82 5.59 25.18
CA SER B 36 8.38 4.51 25.98
C SER B 36 7.23 3.64 26.46
N PRO B 37 6.68 2.81 25.58
CA PRO B 37 5.44 2.08 25.95
C PRO B 37 5.59 1.21 27.18
N GLY B 38 6.79 0.77 27.52
CA GLY B 38 6.98 -0.05 28.70
C GLY B 38 7.33 0.71 29.97
N ASP B 39 7.29 2.05 29.94
CA ASP B 39 7.73 2.86 31.06
C ASP B 39 6.53 3.29 31.90
N GLU B 40 6.67 3.18 33.23
CA GLU B 40 5.57 3.51 34.13
C GLU B 40 5.16 4.98 34.03
N SER B 41 6.13 5.88 33.90
CA SER B 41 5.78 7.30 33.77
C SER B 41 4.93 7.54 32.53
N TYR B 42 5.30 6.92 31.40
CA TYR B 42 4.54 7.09 30.17
C TYR B 42 3.15 6.48 30.29
N GLN B 43 3.07 5.27 30.85
CA GLN B 43 1.76 4.63 31.00
C GLN B 43 0.86 5.46 31.90
N GLU B 44 1.42 6.04 32.97
CA GLU B 44 0.67 6.92 33.84
C GLU B 44 0.24 8.18 33.11
N SER B 45 1.06 8.69 32.20
CA SER B 45 0.65 9.85 31.40
C SER B 45 -0.57 9.52 30.56
N LEU B 46 -0.57 8.35 29.92
CA LEU B 46 -1.75 7.94 29.16
C LEU B 46 -2.95 7.75 30.07
N LEU B 47 -2.73 7.19 31.25
CA LEU B 47 -3.83 7.01 32.20
C LEU B 47 -4.43 8.34 32.61
N PHE B 48 -3.59 9.36 32.79
CA PHE B 48 -4.11 10.70 33.09
C PHE B 48 -4.90 11.25 31.91
N LEU B 49 -4.43 11.02 30.69
CA LEU B 49 -5.19 11.47 29.53
C LEU B 49 -6.58 10.83 29.52
N GLY B 50 -6.68 9.58 29.96
CA GLY B 50 -7.98 8.94 30.08
C GLY B 50 -8.81 9.45 31.24
N LEU B 51 -8.15 9.75 32.36
CA LEU B 51 -8.84 10.27 33.53
C LEU B 51 -9.44 11.64 33.26
N VAL B 52 -8.81 12.43 32.39
CA VAL B 52 -9.40 13.70 31.99
C VAL B 52 -10.75 13.46 31.33
N ALA B 53 -10.82 12.47 30.44
CA ALA B 53 -12.10 12.15 29.80
C ALA B 53 -13.11 11.62 30.80
N ALA B 54 -12.65 10.85 31.79
CA ALA B 54 -13.56 10.38 32.83
C ALA B 54 -14.15 11.54 33.62
N VAL B 55 -13.32 12.52 33.95
CA VAL B 55 -13.81 13.70 34.67
C VAL B 55 -14.76 14.50 33.79
N CYS B 56 -14.47 14.59 32.50
CA CYS B 56 -15.39 15.28 31.58
C CYS B 56 -16.73 14.58 31.54
N LEU B 57 -16.74 13.24 31.51
CA LEU B 57 -18.01 12.51 31.55
C LEU B 57 -18.74 12.76 32.86
N GLY B 58 -18.02 12.78 33.97
CA GLY B 58 -18.66 13.09 35.24
C GLY B 58 -19.31 14.46 35.23
N LEU B 59 -18.60 15.47 34.72
CA LEU B 59 -19.17 16.82 34.65
C LEU B 59 -20.37 16.86 33.72
N ASN B 60 -20.30 16.16 32.59
CA ASN B 60 -21.44 16.12 31.67
C ASN B 60 -22.66 15.52 32.35
N LEU B 61 -22.48 14.42 33.09
CA LEU B 61 -23.59 13.82 33.79
C LEU B 61 -24.11 14.74 34.90
N ILE B 62 -23.22 15.44 35.59
CA ILE B 62 -23.66 16.38 36.62
C ILE B 62 -24.54 17.47 36.01
N PHE B 63 -24.09 18.03 34.89
CA PHE B 63 -24.89 19.07 34.22
C PHE B 63 -26.23 18.51 33.75
N LEU B 64 -26.22 17.30 33.18
CA LEU B 64 -27.47 16.71 32.69
C LEU B 64 -28.45 16.53 33.85
N VAL B 65 -27.98 16.02 34.98
CA VAL B 65 -28.89 15.77 36.10
C VAL B 65 -29.38 17.08 36.69
N ALA B 66 -28.50 18.10 36.77
CA ALA B 66 -28.93 19.39 37.29
C ALA B 66 -30.00 19.99 36.40
N TYR B 67 -29.80 19.94 35.08
CA TYR B 67 -30.81 20.47 34.16
C TYR B 67 -32.11 19.69 34.28
N LEU B 68 -32.03 18.36 34.39
CA LEU B 68 -33.24 17.56 34.51
C LEU B 68 -34.01 17.93 35.78
N VAL B 69 -33.30 18.08 36.90
CA VAL B 69 -33.96 18.43 38.15
C VAL B 69 -34.59 19.81 38.04
N CYS B 70 -33.87 20.78 37.51
CA CYS B 70 -34.41 22.12 37.40
C CYS B 70 -35.64 22.16 36.50
N ALA B 71 -35.59 21.46 35.36
CA ALA B 71 -36.74 21.44 34.47
C ALA B 71 -37.94 20.75 35.12
N CYS B 72 -37.71 19.62 35.80
CA CYS B 72 -38.82 18.89 36.42
C CYS B 72 -39.45 19.72 37.53
N HIS B 73 -38.64 20.37 38.37
CA HIS B 73 -39.18 21.16 39.46
C HIS B 73 -39.75 22.48 38.97
N CYS B 74 -39.09 23.13 38.01
CA CYS B 74 -39.54 24.41 37.48
C CYS B 74 -40.17 24.24 36.11
N CYS B 89 -40.58 23.48 20.62
CA CYS B 89 -39.13 23.27 20.58
C CYS B 89 -38.80 21.79 20.75
N ILE B 90 -39.74 21.02 21.31
CA ILE B 90 -39.49 19.61 21.55
C ILE B 90 -39.25 18.87 20.24
N THR B 91 -40.10 19.11 19.25
CA THR B 91 -39.93 18.46 17.95
C THR B 91 -38.64 18.91 17.27
N TRP B 92 -38.34 20.20 17.33
CA TRP B 92 -37.14 20.70 16.66
C TRP B 92 -35.88 20.23 17.38
N THR B 93 -35.88 20.21 18.71
CA THR B 93 -34.73 19.67 19.43
C THR B 93 -34.57 18.18 19.15
N ALA B 94 -35.66 17.44 19.06
CA ALA B 94 -35.57 16.02 18.74
C ALA B 94 -35.00 15.80 17.35
N VAL B 95 -35.43 16.60 16.37
CA VAL B 95 -34.91 16.46 15.02
C VAL B 95 -33.44 16.85 14.97
N VAL B 96 -33.05 17.88 15.71
CA VAL B 96 -31.65 18.28 15.75
C VAL B 96 -30.80 17.19 16.38
N ALA B 97 -31.28 16.58 17.46
CA ALA B 97 -30.54 15.48 18.09
C ALA B 97 -30.43 14.30 17.14
N GLY B 98 -31.51 13.99 16.41
CA GLY B 98 -31.43 12.90 15.45
C GLY B 98 -30.46 13.18 14.32
N LEU B 99 -30.44 14.43 13.83
CA LEU B 99 -29.49 14.80 12.80
C LEU B 99 -28.06 14.70 13.32
N ILE B 100 -27.82 15.14 14.55
CA ILE B 100 -26.47 15.08 15.11
C ILE B 100 -26.06 13.63 15.32
N CYS B 101 -26.99 12.76 15.74
CA CYS B 101 -26.66 11.36 15.89
C CYS B 101 -26.36 10.70 14.55
N CYS B 102 -27.11 11.06 13.51
CA CYS B 102 -26.81 10.54 12.18
C CYS B 102 -25.44 11.02 11.70
N ALA B 103 -25.12 12.29 11.93
CA ALA B 103 -23.81 12.80 11.54
C ALA B 103 -22.71 12.11 12.32
N ALA B 104 -22.92 11.89 13.63
CA ALA B 104 -21.93 11.21 14.44
C ALA B 104 -21.71 9.78 13.98
N VAL B 105 -22.79 9.08 13.64
CA VAL B 105 -22.63 7.71 13.17
C VAL B 105 -21.94 7.68 11.81
N GLY B 106 -22.19 8.67 10.95
CA GLY B 106 -21.46 8.73 9.69
C GLY B 106 -19.98 8.97 9.89
N VAL B 107 -19.64 9.94 10.75
CA VAL B 107 -18.24 10.20 11.06
C VAL B 107 -17.60 8.99 11.72
N GLY B 108 -18.35 8.29 12.56
CA GLY B 108 -17.83 7.09 13.18
C GLY B 108 -17.59 5.97 12.19
N PHE B 109 -18.50 5.81 11.22
CA PHE B 109 -18.26 4.82 10.18
C PHE B 109 -17.00 5.16 9.40
N TYR B 110 -16.81 6.43 9.07
CA TYR B 110 -15.59 6.84 8.38
C TYR B 110 -14.36 6.55 9.22
N GLY B 111 -14.40 6.91 10.51
CA GLY B 111 -13.25 6.70 11.36
C GLY B 111 -12.94 5.22 11.57
N ASN B 112 -13.97 4.41 11.76
CA ASN B 112 -13.77 2.97 11.89
C ASN B 112 -13.13 2.39 10.64
N SER B 113 -13.63 2.78 9.47
CA SER B 113 -13.07 2.27 8.23
C SER B 113 -11.62 2.70 8.06
N GLU B 114 -11.32 3.97 8.35
CA GLU B 114 -9.96 4.46 8.18
C GLU B 114 -8.99 3.82 9.17
N THR B 115 -9.42 3.64 10.42
CA THR B 115 -8.57 2.97 11.39
C THR B 115 -8.34 1.52 11.01
N ASN B 116 -9.37 0.84 10.51
CA ASN B 116 -9.19 -0.53 10.03
C ASN B 116 -8.22 -0.57 8.86
N ASP B 117 -8.33 0.40 7.96
CA ASP B 117 -7.41 0.47 6.82
C ASP B 117 -5.98 0.67 7.30
N GLY B 118 -5.77 1.55 8.27
CA GLY B 118 -4.44 1.76 8.80
C GLY B 118 -3.87 0.54 9.48
N ALA B 119 -4.69 -0.14 10.29
CA ALA B 119 -4.23 -1.35 10.95
C ALA B 119 -3.89 -2.43 9.94
N TYR B 120 -4.72 -2.59 8.91
CA TYR B 120 -4.45 -3.60 7.90
C TYR B 120 -3.22 -3.25 7.07
N GLN B 121 -2.98 -1.96 6.82
CA GLN B 121 -1.74 -1.57 6.14
C GLN B 121 -0.53 -1.90 6.99
N LEU B 122 -0.60 -1.65 8.30
CA LEU B 122 0.49 -2.03 9.18
C LEU B 122 0.72 -3.54 9.15
N MET B 123 -0.35 -4.32 9.22
CA MET B 123 -0.19 -5.78 9.16
C MET B 123 0.39 -6.22 7.83
N TYR B 124 -0.01 -5.56 6.75
CA TYR B 124 0.53 -5.90 5.43
C TYR B 124 2.02 -5.62 5.37
N SER B 125 2.46 -4.48 5.89
CA SER B 125 3.89 -4.17 5.93
C SER B 125 4.64 -5.15 6.81
N LEU B 126 4.07 -5.51 7.96
CA LEU B 126 4.72 -6.48 8.83
C LEU B 126 4.85 -7.83 8.16
N ASP B 127 3.82 -8.26 7.43
CA ASP B 127 3.88 -9.53 6.72
C ASP B 127 4.86 -9.48 5.56
N ASP B 128 4.97 -8.35 4.88
CA ASP B 128 5.95 -8.23 3.81
C ASP B 128 7.36 -8.29 4.34
N ALA B 129 7.64 -7.57 5.43
CA ALA B 129 8.97 -7.65 6.04
C ALA B 129 9.24 -9.05 6.56
N ASN B 130 8.23 -9.71 7.12
CA ASN B 130 8.38 -11.08 7.58
C ASN B 130 8.74 -12.00 6.42
N HIS B 131 8.05 -11.85 5.29
CA HIS B 131 8.35 -12.66 4.13
C HIS B 131 9.76 -12.42 3.62
N THR B 132 10.19 -11.16 3.59
CA THR B 132 11.54 -10.85 3.13
C THR B 132 12.60 -11.46 4.04
N PHE B 133 12.45 -11.28 5.35
CA PHE B 133 13.45 -11.81 6.27
C PHE B 133 13.46 -13.33 6.27
N SER B 134 12.29 -13.95 6.22
CA SER B 134 12.22 -15.41 6.15
C SER B 134 12.85 -15.92 4.87
N GLY B 135 12.63 -15.23 3.76
CA GLY B 135 13.28 -15.62 2.52
C GLY B 135 14.79 -15.48 2.57
N ILE B 136 15.28 -14.41 3.20
CA ILE B 136 16.71 -14.25 3.37
C ILE B 136 17.28 -15.41 4.16
N ASP B 137 16.61 -15.77 5.26
CA ASP B 137 17.07 -16.89 6.08
C ASP B 137 17.04 -18.19 5.31
N ALA B 138 15.97 -18.43 4.55
CA ALA B 138 15.89 -19.65 3.76
C ALA B 138 17.00 -19.71 2.72
N LEU B 139 17.27 -18.59 2.05
CA LEU B 139 18.34 -18.58 1.05
C LEU B 139 19.69 -18.88 1.70
N VAL B 140 19.99 -18.23 2.81
CA VAL B 140 21.28 -18.43 3.45
C VAL B 140 21.43 -19.86 3.93
N SER B 141 20.39 -20.39 4.59
CA SER B 141 20.46 -21.75 5.10
C SER B 141 20.57 -22.77 3.98
N GLY B 142 19.78 -22.59 2.91
CA GLY B 142 19.84 -23.52 1.81
C GLY B 142 21.17 -23.50 1.09
N THR B 143 21.71 -22.31 0.85
CA THR B 143 23.02 -22.23 0.21
C THR B 143 24.10 -22.86 1.08
N THR B 144 24.07 -22.60 2.39
CA THR B 144 25.07 -23.19 3.27
C THR B 144 24.99 -24.71 3.27
N GLN B 145 23.78 -25.25 3.43
CA GLN B 145 23.61 -26.70 3.45
C GLN B 145 24.02 -27.30 2.12
N LYS B 146 23.57 -26.71 1.01
CA LYS B 146 23.94 -27.20 -0.31
C LYS B 146 25.45 -27.24 -0.45
N MET B 147 26.12 -26.11 -0.21
CA MET B 147 27.56 -26.07 -0.34
C MET B 147 28.16 -27.19 0.49
N LYS B 148 28.07 -27.10 1.82
CA LYS B 148 28.79 -28.07 2.61
C LYS B 148 28.41 -29.49 2.22
N VAL B 149 27.16 -29.89 2.48
CA VAL B 149 26.80 -31.30 2.31
C VAL B 149 27.07 -31.75 0.87
N ASP B 150 26.36 -31.15 -0.10
CA ASP B 150 26.38 -31.69 -1.44
C ASP B 150 27.73 -31.53 -2.10
N LEU B 151 28.32 -30.32 -2.02
CA LEU B 151 29.61 -30.11 -2.65
C LEU B 151 30.67 -31.03 -2.04
N GLU B 152 30.68 -31.19 -0.71
CA GLU B 152 31.68 -32.05 -0.10
C GLU B 152 31.48 -33.50 -0.53
N GLN B 153 30.24 -33.98 -0.60
CA GLN B 153 30.02 -35.36 -1.02
C GLN B 153 30.47 -35.57 -2.46
N HIS B 154 30.11 -34.64 -3.35
CA HIS B 154 30.51 -34.77 -4.75
C HIS B 154 32.03 -34.71 -4.89
N LEU B 155 32.68 -33.81 -4.15
CA LEU B 155 34.12 -33.68 -4.24
C LEU B 155 34.82 -34.91 -3.66
N ALA B 156 34.25 -35.52 -2.62
CA ALA B 156 34.81 -36.75 -2.08
C ALA B 156 34.73 -37.87 -3.10
N ARG B 157 33.59 -38.00 -3.77
CA ARG B 157 33.48 -39.02 -4.81
C ARG B 157 34.46 -38.74 -5.96
N LEU B 158 34.59 -37.47 -6.34
CA LEU B 158 35.54 -37.10 -7.39
C LEU B 158 36.97 -37.42 -6.99
N SER B 159 37.33 -37.16 -5.73
CA SER B 159 38.68 -37.49 -5.27
C SER B 159 38.90 -39.00 -5.28
N GLU B 160 37.89 -39.76 -4.86
CA GLU B 160 38.02 -41.21 -4.90
C GLU B 160 38.22 -41.71 -6.33
N ILE B 161 37.50 -41.11 -7.29
CA ILE B 161 37.65 -41.51 -8.69
C ILE B 161 38.88 -40.92 -9.35
N PHE B 162 39.53 -39.94 -8.72
CA PHE B 162 40.69 -39.25 -9.26
C PHE B 162 41.92 -39.49 -8.40
N ALA B 163 42.05 -40.68 -7.83
CA ALA B 163 43.18 -40.95 -6.96
C ALA B 163 44.42 -41.30 -7.78
N ALA B 164 44.70 -40.50 -8.81
CA ALA B 164 45.91 -40.63 -9.60
C ALA B 164 46.59 -39.31 -9.93
N ARG B 165 45.88 -38.18 -9.90
CA ARG B 165 46.39 -36.90 -10.39
C ARG B 165 46.50 -35.92 -9.24
N GLY B 166 47.75 -35.54 -8.91
CA GLY B 166 47.94 -34.54 -7.88
C GLY B 166 47.35 -33.20 -8.25
N ASP B 167 47.43 -32.83 -9.53
CA ASP B 167 46.84 -31.58 -9.98
C ASP B 167 45.33 -31.58 -9.80
N TYR B 168 44.67 -32.69 -10.15
CA TYR B 168 43.22 -32.77 -9.98
C TYR B 168 42.85 -32.79 -8.51
N LEU B 169 43.64 -33.46 -7.67
CA LEU B 169 43.38 -33.42 -6.23
C LEU B 169 43.51 -32.01 -5.70
N GLN B 170 44.52 -31.27 -6.17
CA GLN B 170 44.67 -29.88 -5.74
C GLN B 170 43.49 -29.03 -6.20
N THR B 171 42.98 -29.29 -7.41
CA THR B 171 41.82 -28.57 -7.88
C THR B 171 40.60 -28.84 -7.00
N LEU B 172 40.39 -30.11 -6.62
CA LEU B 172 39.30 -30.44 -5.72
C LEU B 172 39.47 -29.76 -4.38
N LYS B 173 40.70 -29.72 -3.86
CA LYS B 173 40.95 -29.03 -2.61
C LYS B 173 40.64 -27.54 -2.73
N PHE B 174 41.00 -26.93 -3.87
CA PHE B 174 40.69 -25.53 -4.10
C PHE B 174 39.18 -25.30 -4.11
N ILE B 175 38.44 -26.20 -4.76
CA ILE B 175 36.98 -26.06 -4.77
C ILE B 175 36.42 -26.17 -3.37
N GLN B 176 36.94 -27.11 -2.57
CA GLN B 176 36.47 -27.24 -1.19
C GLN B 176 36.78 -25.99 -0.38
N GLN B 177 37.97 -25.42 -0.55
CA GLN B 177 38.32 -24.21 0.18
C GLN B 177 37.42 -23.05 -0.21
N MET B 178 37.11 -22.92 -1.50
CA MET B 178 36.21 -21.87 -1.94
C MET B 178 34.81 -22.08 -1.37
N ALA B 179 34.35 -23.33 -1.32
CA ALA B 179 33.05 -23.61 -0.72
C ALA B 179 33.03 -23.24 0.76
N GLY B 180 34.12 -23.54 1.47
CA GLY B 180 34.21 -23.13 2.87
C GLY B 180 34.18 -21.63 3.03
N SER B 181 34.86 -20.90 2.13
CA SER B 181 34.80 -19.45 2.15
C SER B 181 33.38 -18.96 1.93
N VAL B 182 32.66 -19.57 1.00
CA VAL B 182 31.27 -19.19 0.77
C VAL B 182 30.44 -19.42 2.01
N VAL B 183 30.63 -20.56 2.67
CA VAL B 183 29.87 -20.87 3.87
C VAL B 183 30.16 -19.86 4.97
N VAL B 184 31.44 -19.49 5.13
CA VAL B 184 31.79 -18.50 6.15
C VAL B 184 31.13 -17.16 5.85
N GLN B 185 31.19 -16.74 4.58
CA GLN B 185 30.58 -15.46 4.22
C GLN B 185 29.08 -15.47 4.46
N LEU B 186 28.42 -16.57 4.12
CA LEU B 186 26.99 -16.68 4.38
C LEU B 186 26.68 -16.65 5.87
N SER B 187 27.48 -17.36 6.67
CA SER B 187 27.29 -17.36 8.11
C SER B 187 27.57 -15.99 8.72
N GLY B 188 28.27 -15.12 8.01
CA GLY B 188 28.49 -13.79 8.52
C GLY B 188 27.34 -12.82 8.36
N LEU B 189 26.24 -13.26 7.74
CA LEU B 189 25.07 -12.42 7.50
C LEU B 189 24.14 -12.45 8.70
N PRO B 190 23.27 -11.45 8.83
CA PRO B 190 22.30 -11.46 9.93
C PRO B 190 21.36 -12.65 9.85
N VAL B 191 20.96 -13.14 11.02
CA VAL B 191 19.94 -14.17 11.13
C VAL B 191 18.66 -13.52 11.61
N TRP B 192 17.57 -13.73 10.88
CA TRP B 192 16.32 -13.01 11.13
C TRP B 192 15.26 -13.90 11.77
N ARG B 193 15.64 -14.98 12.44
CA ARG B 193 14.65 -15.82 13.08
C ARG B 193 13.94 -15.08 14.20
N GLU B 194 14.71 -14.41 15.06
CA GLU B 194 14.10 -13.69 16.18
C GLU B 194 13.23 -12.54 15.69
N VAL B 195 13.76 -11.74 14.75
CA VAL B 195 13.00 -10.62 14.23
C VAL B 195 11.74 -11.10 13.52
N THR B 196 11.84 -12.23 12.82
CA THR B 196 10.68 -12.79 12.15
C THR B 196 9.62 -13.24 13.13
N MET B 197 10.03 -13.90 14.22
CA MET B 197 9.07 -14.30 15.24
C MET B 197 8.39 -13.10 15.86
N GLU B 198 9.17 -12.05 16.15
CA GLU B 198 8.57 -10.83 16.70
C GLU B 198 7.60 -10.20 15.72
N LEU B 199 7.95 -10.20 14.43
CA LEU B 199 7.06 -9.62 13.42
C LEU B 199 5.76 -10.40 13.32
N THR B 200 5.84 -11.74 13.35
CA THR B 200 4.60 -12.53 13.29
C THR B 200 3.75 -12.30 14.52
N LYS B 201 4.37 -12.25 15.70
CA LYS B 201 3.60 -12.01 16.92
C LYS B 201 2.92 -10.65 16.88
N LEU B 202 3.65 -9.62 16.46
CA LEU B 202 3.06 -8.28 16.39
C LEU B 202 1.94 -8.23 15.37
N SER B 203 2.12 -8.89 14.22
CA SER B 203 1.06 -8.89 13.20
C SER B 203 -0.19 -9.60 13.70
N ASP B 204 -0.02 -10.74 14.37
CA ASP B 204 -1.18 -11.47 14.87
C ASP B 204 -1.91 -10.67 15.95
N GLN B 205 -1.16 -10.06 16.87
CA GLN B 205 -1.79 -9.24 17.89
C GLN B 205 -2.51 -8.06 17.29
N THR B 206 -1.90 -7.42 16.29
CA THR B 206 -2.55 -6.31 15.62
C THR B 206 -3.85 -6.76 14.97
N GLY B 207 -3.83 -7.90 14.27
CA GLY B 207 -5.05 -8.38 13.65
C GLY B 207 -6.15 -8.65 14.66
N TYR B 208 -5.79 -9.34 15.76
CA TYR B 208 -6.76 -9.64 16.80
C TYR B 208 -7.40 -8.36 17.35
N VAL B 209 -6.55 -7.44 17.81
CA VAL B 209 -7.05 -6.23 18.47
C VAL B 209 -7.83 -5.38 17.48
N GLU B 210 -7.35 -5.26 16.25
CA GLU B 210 -8.03 -4.44 15.25
C GLU B 210 -9.40 -5.01 14.92
N TYR B 211 -9.50 -6.33 14.75
CA TYR B 211 -10.79 -6.91 14.41
C TYR B 211 -11.78 -6.69 15.54
N TYR B 212 -11.35 -6.90 16.79
CA TYR B 212 -12.28 -6.72 17.89
C TYR B 212 -12.66 -5.26 18.08
N ARG B 213 -11.70 -4.34 17.91
CA ARG B 213 -12.01 -2.92 18.02
C ARG B 213 -12.99 -2.49 16.93
N TRP B 214 -12.79 -2.95 15.70
CA TRP B 214 -13.69 -2.61 14.62
C TRP B 214 -15.09 -3.14 14.89
N LEU B 215 -15.20 -4.38 15.36
CA LEU B 215 -16.51 -4.93 15.68
C LEU B 215 -17.18 -4.14 16.80
N SER B 216 -16.42 -3.76 17.83
CA SER B 216 -16.98 -2.99 18.93
C SER B 216 -17.53 -1.66 18.44
N TYR B 217 -16.78 -0.95 17.60
CA TYR B 217 -17.26 0.34 17.13
C TYR B 217 -18.44 0.21 16.17
N LEU B 218 -18.46 -0.86 15.35
CA LEU B 218 -19.64 -1.09 14.52
C LEU B 218 -20.87 -1.34 15.38
N LEU B 219 -20.72 -2.15 16.43
CA LEU B 219 -21.84 -2.39 17.33
C LEU B 219 -22.29 -1.10 18.00
N LEU B 220 -21.34 -0.25 18.40
CA LEU B 220 -21.71 1.02 19.01
C LEU B 220 -22.48 1.91 18.02
N PHE B 221 -22.02 1.97 16.77
CA PHE B 221 -22.72 2.77 15.77
C PHE B 221 -24.15 2.27 15.59
N ILE B 222 -24.30 0.95 15.47
CA ILE B 222 -25.62 0.38 15.24
C ILE B 222 -26.53 0.60 16.44
N LEU B 223 -25.97 0.48 17.65
CA LEU B 223 -26.77 0.75 18.85
C LEU B 223 -27.21 2.20 18.89
N ASP B 224 -26.32 3.14 18.55
CA ASP B 224 -26.72 4.54 18.52
C ASP B 224 -27.83 4.77 17.50
N LEU B 225 -27.69 4.18 16.31
CA LEU B 225 -28.70 4.36 15.28
C LEU B 225 -30.05 3.82 15.75
N VAL B 226 -30.07 2.61 16.30
CA VAL B 226 -31.34 2.03 16.73
C VAL B 226 -31.90 2.83 17.91
N ILE B 227 -31.05 3.34 18.78
CA ILE B 227 -31.55 4.14 19.90
C ILE B 227 -32.25 5.39 19.39
N CYS B 228 -31.62 6.09 18.44
CA CYS B 228 -32.26 7.29 17.90
C CYS B 228 -33.55 6.95 17.15
N LEU B 229 -33.54 5.89 16.35
CA LEU B 229 -34.73 5.54 15.59
C LEU B 229 -35.87 5.12 16.50
N ILE B 230 -35.58 4.32 17.53
CA ILE B 230 -36.62 3.91 18.46
C ILE B 230 -37.09 5.08 19.30
N ALA B 231 -36.21 6.04 19.60
CA ALA B 231 -36.67 7.24 20.29
C ALA B 231 -37.67 8.02 19.43
N CYS B 232 -37.36 8.18 18.14
CA CYS B 232 -38.29 8.87 17.26
C CYS B 232 -39.60 8.09 17.13
N LEU B 233 -39.52 6.77 17.02
CA LEU B 233 -40.73 5.95 16.90
C LEU B 233 -41.58 6.05 18.16
N GLY B 234 -40.95 6.00 19.33
CA GLY B 234 -41.70 6.14 20.57
C GLY B 234 -42.31 7.52 20.72
N LEU B 235 -41.61 8.55 20.25
CA LEU B 235 -42.19 9.88 20.24
C LEU B 235 -43.41 9.94 19.35
N ALA B 236 -43.34 9.32 18.17
CA ALA B 236 -44.47 9.28 17.27
C ALA B 236 -45.65 8.55 17.91
N LYS B 237 -45.39 7.38 18.50
CA LYS B 237 -46.44 6.59 19.12
C LYS B 237 -46.90 7.16 20.46
N ARG B 238 -46.22 8.18 20.97
CA ARG B 238 -46.58 8.80 22.24
C ARG B 238 -46.64 7.76 23.36
N SER B 239 -45.60 6.94 23.43
CA SER B 239 -45.47 5.90 24.45
C SER B 239 -44.52 6.37 25.54
N LYS B 240 -45.01 6.38 26.78
CA LYS B 240 -44.16 6.77 27.89
C LYS B 240 -43.05 5.75 28.14
N CYS B 241 -43.39 4.46 28.03
CA CYS B 241 -42.39 3.42 28.27
C CYS B 241 -41.26 3.52 27.25
N LEU B 242 -41.59 3.74 25.97
CA LEU B 242 -40.56 3.87 24.97
C LEU B 242 -39.66 5.07 25.23
N LEU B 243 -40.26 6.19 25.65
CA LEU B 243 -39.45 7.37 25.96
C LEU B 243 -38.51 7.11 27.13
N ALA B 244 -39.00 6.45 28.18
CA ALA B 244 -38.13 6.14 29.32
C ALA B 244 -37.01 5.18 28.91
N SER B 245 -37.34 4.16 28.12
CA SER B 245 -36.32 3.22 27.67
C SER B 245 -35.27 3.92 26.82
N MET B 246 -35.70 4.83 25.95
CA MET B 246 -34.74 5.56 25.14
C MET B 246 -33.90 6.51 25.97
N LEU B 247 -34.47 7.07 27.03
CA LEU B 247 -33.67 7.88 27.95
C LEU B 247 -32.58 7.04 28.61
N CYS B 248 -32.95 5.84 29.07
CA CYS B 248 -31.96 4.98 29.72
C CYS B 248 -30.87 4.56 28.74
N CYS B 249 -31.26 4.14 27.54
CA CYS B 249 -30.28 3.75 26.54
C CYS B 249 -29.44 4.93 26.08
N GLY B 250 -30.00 6.14 26.08
CA GLY B 250 -29.22 7.32 25.75
C GLY B 250 -28.18 7.61 26.81
N ALA B 251 -28.53 7.43 28.09
CA ALA B 251 -27.54 7.59 29.15
C ALA B 251 -26.43 6.54 29.01
N LEU B 252 -26.80 5.28 28.74
CA LEU B 252 -25.79 4.25 28.56
C LEU B 252 -24.88 4.55 27.37
N SER B 253 -25.47 4.99 26.26
CA SER B 253 -24.67 5.34 25.09
C SER B 253 -23.82 6.56 25.33
N LEU B 254 -24.26 7.48 26.19
CA LEU B 254 -23.42 8.60 26.57
C LEU B 254 -22.19 8.12 27.35
N LEU B 255 -22.40 7.18 28.28
CA LEU B 255 -21.25 6.63 28.99
C LEU B 255 -20.30 5.92 28.03
N LEU B 256 -20.84 5.12 27.11
CA LEU B 256 -20.00 4.45 26.12
C LEU B 256 -19.27 5.44 25.23
N SER B 257 -19.93 6.53 24.86
CA SER B 257 -19.30 7.54 24.01
C SER B 257 -18.15 8.22 24.74
N TRP B 258 -18.32 8.50 26.03
CA TRP B 258 -17.23 9.12 26.78
C TRP B 258 -16.07 8.15 26.97
N ALA B 259 -16.37 6.86 27.22
CA ALA B 259 -15.31 5.87 27.29
C ALA B 259 -14.57 5.77 25.96
N SER B 260 -15.31 5.77 24.86
CA SER B 260 -14.69 5.72 23.54
C SER B 260 -13.83 6.95 23.29
N LEU B 261 -14.29 8.12 23.72
CA LEU B 261 -13.50 9.33 23.54
C LEU B 261 -12.21 9.25 24.34
N ALA B 262 -12.26 8.75 25.57
CA ALA B 262 -11.05 8.59 26.37
C ALA B 262 -10.08 7.64 25.69
N ALA B 263 -10.57 6.50 25.23
CA ALA B 263 -9.71 5.54 24.55
C ALA B 263 -9.10 6.13 23.29
N ASP B 264 -9.91 6.81 22.49
CA ASP B 264 -9.41 7.41 21.25
C ASP B 264 -8.38 8.48 21.53
N GLY B 265 -8.61 9.32 22.52
CA GLY B 265 -7.65 10.36 22.84
C GLY B 265 -6.32 9.80 23.32
N SER B 266 -6.38 8.82 24.23
CA SER B 266 -5.13 8.22 24.70
C SER B 266 -4.38 7.51 23.57
N ALA B 267 -5.11 6.74 22.75
CA ALA B 267 -4.46 6.05 21.64
C ALA B 267 -3.88 7.03 20.64
N ALA B 268 -4.59 8.12 20.37
CA ALA B 268 -4.07 9.12 19.43
C ALA B 268 -2.82 9.80 19.97
N VAL B 269 -2.79 10.12 21.26
CA VAL B 269 -1.59 10.75 21.80
C VAL B 269 -0.42 9.77 21.78
N ALA B 270 -0.65 8.51 22.13
CA ALA B 270 0.42 7.52 22.08
C ALA B 270 0.94 7.32 20.66
N THR B 271 0.03 7.22 19.69
CA THR B 271 0.43 7.06 18.31
C THR B 271 1.21 8.26 17.80
N SER B 272 0.81 9.47 18.20
CA SER B 272 1.56 10.66 17.81
C SER B 272 2.94 10.66 18.44
N ASP B 273 3.04 10.24 19.70
CA ASP B 273 4.35 10.13 20.35
C ASP B 273 5.26 9.20 19.57
N PHE B 274 4.72 8.06 19.13
CA PHE B 274 5.52 7.15 18.31
C PHE B 274 5.89 7.80 16.98
N CYS B 275 4.91 8.33 16.28
CA CYS B 275 5.09 8.83 14.92
C CYS B 275 5.99 10.05 14.86
N VAL B 276 6.24 10.71 15.99
CA VAL B 276 7.21 11.80 15.97
C VAL B 276 8.62 11.28 15.75
N ALA B 277 8.99 10.18 16.40
CA ALA B 277 10.34 9.63 16.32
C ALA B 277 10.30 8.12 16.11
N PRO B 278 9.79 7.67 14.95
CA PRO B 278 9.70 6.23 14.72
C PRO B 278 11.06 5.57 14.60
N ASP B 279 11.99 6.19 13.87
CA ASP B 279 13.31 5.59 13.72
C ASP B 279 14.03 5.50 15.06
N THR B 280 13.88 6.53 15.90
CA THR B 280 14.46 6.48 17.23
C THR B 280 13.88 5.34 18.04
N PHE B 281 12.56 5.16 18.02
CA PHE B 281 11.98 4.05 18.76
C PHE B 281 12.48 2.70 18.23
N ILE B 282 12.54 2.55 16.90
CA ILE B 282 12.96 1.28 16.31
C ILE B 282 14.40 0.98 16.70
N LEU B 283 15.27 1.98 16.61
CA LEU B 283 16.67 1.77 16.99
C LEU B 283 16.80 1.41 18.46
N ASN B 284 16.02 2.05 19.32
CA ASN B 284 16.06 1.72 20.74
C ASN B 284 15.60 0.29 20.98
N VAL B 285 14.51 -0.12 20.34
CA VAL B 285 13.90 -1.41 20.65
C VAL B 285 14.61 -2.58 19.96
N THR B 286 15.41 -2.31 18.93
CA THR B 286 16.16 -3.36 18.25
C THR B 286 17.66 -3.27 18.57
N GLU B 287 17.98 -2.90 19.82
CA GLU B 287 19.37 -2.65 20.17
C GLU B 287 20.17 -3.95 20.24
N GLY B 288 19.62 -4.97 20.88
CA GLY B 288 20.39 -6.19 21.12
C GLY B 288 20.15 -7.32 20.16
N GLN B 289 19.14 -7.19 19.29
CA GLN B 289 18.79 -8.28 18.39
C GLN B 289 19.16 -8.03 16.93
N ILE B 290 19.39 -6.79 16.54
CA ILE B 290 19.79 -6.45 15.18
C ILE B 290 20.96 -5.49 15.24
N SER B 291 21.96 -5.72 14.39
CA SER B 291 23.11 -4.83 14.35
C SER B 291 22.66 -3.41 14.02
N THR B 292 23.31 -2.44 14.66
CA THR B 292 22.93 -1.04 14.45
C THR B 292 23.12 -0.62 13.00
N GLU B 293 24.23 -1.04 12.38
CA GLU B 293 24.47 -0.66 11.00
C GLU B 293 23.43 -1.25 10.06
N VAL B 294 23.05 -2.52 10.28
CA VAL B 294 22.00 -3.13 9.47
C VAL B 294 20.68 -2.40 9.65
N THR B 295 20.34 -2.10 10.90
CA THR B 295 19.08 -1.42 11.17
C THR B 295 19.04 -0.04 10.54
N ARG B 296 20.14 0.71 10.64
CA ARG B 296 20.18 2.04 10.04
C ARG B 296 20.15 1.96 8.53
N TYR B 297 20.83 0.96 7.95
CA TYR B 297 20.76 0.75 6.51
C TYR B 297 19.31 0.57 6.06
N TYR B 298 18.57 -0.31 6.73
CA TYR B 298 17.19 -0.54 6.33
C TYR B 298 16.29 0.64 6.67
N LEU B 299 16.61 1.38 7.73
CA LEU B 299 15.76 2.47 8.18
C LEU B 299 15.89 3.71 7.32
N TYR B 300 17.09 3.98 6.80
CA TYR B 300 17.33 5.21 6.07
C TYR B 300 17.50 5.03 4.57
N CYS B 301 18.00 3.87 4.12
CA CYS B 301 18.00 3.52 2.71
C CYS B 301 18.46 4.68 1.83
N SER B 302 19.71 5.08 2.02
CA SER B 302 20.31 6.16 1.27
C SER B 302 21.23 5.59 0.20
N GLN B 303 20.96 5.91 -1.06
CA GLN B 303 21.82 5.44 -2.15
C GLN B 303 23.22 6.02 -2.05
N SER B 304 23.38 7.17 -1.40
CA SER B 304 24.71 7.76 -1.25
C SER B 304 25.63 6.85 -0.46
N GLY B 305 25.12 6.27 0.63
CA GLY B 305 25.93 5.42 1.47
C GLY B 305 26.15 4.04 0.88
N SER B 306 27.00 3.27 1.54
CA SER B 306 27.32 1.92 1.13
C SER B 306 26.36 0.93 1.78
N SER B 307 26.54 -0.35 1.47
CA SER B 307 25.71 -1.41 2.01
C SER B 307 26.50 -2.25 3.01
N PRO B 308 25.89 -2.65 4.13
CA PRO B 308 26.60 -3.53 5.07
C PRO B 308 26.84 -4.94 4.54
N PHE B 309 26.25 -5.30 3.41
CA PHE B 309 26.41 -6.64 2.85
C PHE B 309 27.22 -6.66 1.56
N GLN B 310 27.72 -5.52 1.09
CA GLN B 310 28.37 -5.49 -0.22
C GLN B 310 29.60 -6.38 -0.24
N GLN B 311 30.45 -6.30 0.79
CA GLN B 311 31.64 -7.13 0.81
C GLN B 311 31.30 -8.61 0.91
N THR B 312 30.31 -8.96 1.73
CA THR B 312 29.89 -10.35 1.83
C THR B 312 29.42 -10.87 0.48
N LEU B 313 28.58 -10.11 -0.22
CA LEU B 313 28.06 -10.55 -1.51
C LEU B 313 29.16 -10.63 -2.56
N THR B 314 30.08 -9.67 -2.55
CA THR B 314 31.19 -9.70 -3.50
C THR B 314 32.07 -10.92 -3.27
N THR B 315 32.37 -11.24 -2.01
CA THR B 315 33.16 -12.44 -1.73
C THR B 315 32.41 -13.70 -2.13
N PHE B 316 31.11 -13.75 -1.85
CA PHE B 316 30.30 -14.90 -2.24
C PHE B 316 30.37 -15.11 -3.75
N GLN B 317 30.16 -14.04 -4.52
CA GLN B 317 30.15 -14.19 -5.97
C GLN B 317 31.53 -14.48 -6.53
N ARG B 318 32.59 -13.91 -5.94
CA ARG B 318 33.93 -14.22 -6.40
C ARG B 318 34.29 -15.69 -6.14
N ALA B 319 33.91 -16.21 -4.97
CA ALA B 319 34.13 -17.62 -4.70
C ALA B 319 33.33 -18.48 -5.67
N LEU B 320 32.10 -18.09 -5.96
CA LEU B 320 31.30 -18.83 -6.94
C LEU B 320 31.96 -18.83 -8.31
N THR B 321 32.48 -17.68 -8.73
CA THR B 321 33.14 -17.60 -10.04
C THR B 321 34.39 -18.47 -10.08
N THR B 322 35.21 -18.42 -9.02
CA THR B 322 36.40 -19.26 -8.99
C THR B 322 36.04 -20.73 -9.03
N MET B 323 35.03 -21.15 -8.26
CA MET B 323 34.61 -22.54 -8.27
C MET B 323 34.09 -22.94 -9.65
N GLN B 324 33.33 -22.04 -10.30
CA GLN B 324 32.81 -22.33 -11.62
C GLN B 324 33.94 -22.51 -12.63
N ILE B 325 34.94 -21.62 -12.58
CA ILE B 325 36.07 -21.73 -13.50
C ILE B 325 36.82 -23.03 -13.27
N GLN B 326 37.04 -23.39 -12.00
CA GLN B 326 37.72 -24.65 -11.71
C GLN B 326 36.94 -25.84 -12.23
N VAL B 327 35.61 -25.82 -12.04
CA VAL B 327 34.79 -26.94 -12.50
C VAL B 327 34.84 -27.04 -14.02
N ALA B 328 34.75 -25.91 -14.71
CA ALA B 328 34.79 -25.93 -16.17
C ALA B 328 36.14 -26.45 -16.67
N GLY B 329 37.24 -25.98 -16.06
CA GLY B 329 38.54 -26.50 -16.44
C GLY B 329 38.67 -27.99 -16.21
N LEU B 330 38.19 -28.45 -15.05
CA LEU B 330 38.23 -29.88 -14.76
C LEU B 330 37.43 -30.67 -15.79
N LEU B 331 36.23 -30.19 -16.12
CA LEU B 331 35.44 -30.87 -17.14
C LEU B 331 36.22 -30.97 -18.44
N GLN B 332 36.73 -29.82 -18.92
CA GLN B 332 37.37 -29.80 -20.23
C GLN B 332 38.61 -30.69 -20.27
N PHE B 333 39.41 -30.68 -19.20
CA PHE B 333 40.67 -31.40 -19.20
C PHE B 333 40.58 -32.79 -18.61
N ALA B 334 39.40 -33.24 -18.18
CA ALA B 334 39.27 -34.56 -17.59
C ALA B 334 38.20 -35.44 -18.22
N VAL B 335 37.23 -34.88 -18.95
CA VAL B 335 36.25 -35.72 -19.63
C VAL B 335 36.92 -36.68 -20.60
N PRO B 336 37.80 -36.23 -21.50
CA PRO B 336 38.50 -37.19 -22.37
C PRO B 336 39.36 -38.18 -21.59
N LEU B 337 40.00 -37.73 -20.51
CA LEU B 337 40.89 -38.61 -19.76
C LEU B 337 40.11 -39.62 -18.94
N PHE B 338 39.00 -39.19 -18.33
CA PHE B 338 38.19 -40.04 -17.46
C PHE B 338 36.77 -40.06 -18.01
N SER B 339 36.34 -41.23 -18.49
CA SER B 339 34.97 -41.36 -18.99
C SER B 339 33.97 -41.11 -17.88
N THR B 340 34.25 -41.60 -16.67
CA THR B 340 33.39 -41.40 -15.53
C THR B 340 33.66 -40.03 -14.90
N ALA B 341 32.96 -39.75 -13.81
CA ALA B 341 33.10 -38.49 -13.07
C ALA B 341 32.45 -37.34 -13.82
N GLU B 342 32.01 -37.59 -15.05
CA GLU B 342 31.32 -36.56 -15.82
C GLU B 342 30.00 -36.19 -15.15
N GLU B 343 29.26 -37.19 -14.67
CA GLU B 343 27.99 -36.91 -13.99
C GLU B 343 28.22 -36.09 -12.74
N ASP B 344 29.25 -36.43 -11.95
CA ASP B 344 29.54 -35.66 -10.75
C ASP B 344 29.95 -34.23 -11.08
N LEU B 345 30.78 -34.05 -12.10
CA LEU B 345 31.17 -32.69 -12.49
C LEU B 345 29.96 -31.89 -12.95
N LEU B 346 29.07 -32.51 -13.73
CA LEU B 346 27.87 -31.81 -14.17
C LEU B 346 26.96 -31.47 -12.99
N ALA B 347 26.86 -32.37 -12.03
CA ALA B 347 26.07 -32.09 -10.84
C ALA B 347 26.63 -30.92 -10.06
N ILE B 348 27.96 -30.87 -9.90
CA ILE B 348 28.58 -29.75 -9.21
C ILE B 348 28.33 -28.45 -9.97
N GLN B 349 28.43 -28.51 -11.30
CA GLN B 349 28.19 -27.30 -12.09
C GLN B 349 26.75 -26.82 -11.96
N LEU B 350 25.80 -27.75 -11.95
CA LEU B 350 24.41 -27.37 -11.75
C LEU B 350 24.19 -26.79 -10.37
N LEU B 351 24.86 -27.36 -9.36
CA LEU B 351 24.78 -26.81 -8.02
C LEU B 351 25.30 -25.38 -7.97
N LEU B 352 26.40 -25.12 -8.67
CA LEU B 352 26.95 -23.77 -8.71
C LEU B 352 26.04 -22.82 -9.50
N ASN B 353 25.40 -23.31 -10.57
CA ASN B 353 24.41 -22.48 -11.27
C ASN B 353 23.28 -22.08 -10.34
N SER B 354 22.77 -23.05 -9.59
CA SER B 354 21.71 -22.76 -8.61
C SER B 354 22.21 -21.79 -7.55
N SER B 355 23.47 -21.93 -7.13
CA SER B 355 24.02 -21.02 -6.15
C SER B 355 24.17 -19.60 -6.70
N GLU B 356 24.48 -19.46 -7.99
CA GLU B 356 24.51 -18.14 -8.61
C GLU B 356 23.11 -17.53 -8.63
N SER B 357 22.10 -18.33 -8.97
CA SER B 357 20.73 -17.83 -8.92
C SER B 357 20.35 -17.41 -7.51
N SER B 358 20.73 -18.21 -6.51
CA SER B 358 20.45 -17.88 -5.12
C SER B 358 21.19 -16.62 -4.70
N LEU B 359 22.42 -16.42 -5.18
CA LEU B 359 23.17 -15.22 -4.87
C LEU B 359 22.47 -13.98 -5.41
N HIS B 360 21.96 -14.06 -6.65
CA HIS B 360 21.23 -12.91 -7.19
C HIS B 360 19.95 -12.65 -6.41
N GLN B 361 19.21 -13.71 -6.06
CA GLN B 361 18.01 -13.53 -5.26
C GLN B 361 18.34 -12.90 -3.91
N LEU B 362 19.41 -13.36 -3.27
CA LEU B 362 19.80 -12.85 -1.97
C LEU B 362 20.24 -11.40 -2.05
N THR B 363 20.99 -11.02 -3.09
CA THR B 363 21.42 -9.63 -3.20
C THR B 363 20.24 -8.72 -3.52
N ALA B 364 19.20 -9.24 -4.18
CA ALA B 364 17.98 -8.46 -4.32
C ALA B 364 17.21 -8.37 -3.01
N MET B 365 17.22 -9.43 -2.21
CA MET B 365 16.43 -9.47 -0.98
C MET B 365 17.03 -8.58 0.09
N VAL B 366 18.34 -8.65 0.30
CA VAL B 366 18.98 -7.88 1.35
C VAL B 366 19.06 -6.39 1.02
N ASP B 367 18.71 -6.01 -0.20
CA ASP B 367 18.75 -4.61 -0.58
C ASP B 367 17.76 -3.80 0.27
N CYS B 368 18.15 -2.57 0.59
CA CYS B 368 17.39 -1.77 1.54
C CYS B 368 16.09 -1.25 0.97
N ARG B 369 15.91 -1.28 -0.35
CA ARG B 369 14.76 -0.61 -0.96
C ARG B 369 13.45 -1.25 -0.53
N GLY B 370 13.35 -2.57 -0.62
CA GLY B 370 12.10 -3.23 -0.27
C GLY B 370 11.76 -3.08 1.20
N LEU B 371 12.74 -3.30 2.08
CA LEU B 371 12.48 -3.19 3.51
C LEU B 371 12.15 -1.76 3.91
N HIS B 372 12.82 -0.78 3.31
CA HIS B 372 12.50 0.60 3.59
C HIS B 372 11.12 0.97 3.09
N LYS B 373 10.71 0.41 1.95
CA LYS B 373 9.34 0.61 1.49
C LYS B 373 8.34 0.03 2.48
N ASP B 374 8.63 -1.15 3.01
CA ASP B 374 7.75 -1.74 4.03
C ASP B 374 7.68 -0.83 5.26
N TYR B 375 8.82 -0.33 5.71
CA TYR B 375 8.85 0.53 6.88
C TYR B 375 8.07 1.82 6.64
N LEU B 376 8.28 2.46 5.50
CA LEU B 376 7.57 3.70 5.19
C LEU B 376 6.09 3.47 4.99
N ASP B 377 5.70 2.31 4.46
CA ASP B 377 4.29 2.01 4.28
C ASP B 377 3.61 1.75 5.62
N ALA B 378 4.30 1.06 6.53
CA ALA B 378 3.76 0.91 7.88
C ALA B 378 3.64 2.26 8.58
N LEU B 379 4.64 3.12 8.39
CA LEU B 379 4.56 4.46 8.97
C LEU B 379 3.40 5.25 8.39
N ALA B 380 3.23 5.20 7.08
CA ALA B 380 2.09 5.88 6.46
C ALA B 380 0.78 5.34 7.00
N GLY B 381 0.60 4.03 6.95
CA GLY B 381 -0.57 3.40 7.53
C GLY B 381 -0.82 3.90 8.92
N ILE B 382 0.07 3.57 9.87
CA ILE B 382 -0.17 3.92 11.27
C ILE B 382 -0.43 5.41 11.36
N CYS B 383 0.58 6.23 11.09
CA CYS B 383 0.43 7.65 11.39
C CYS B 383 -0.76 8.21 10.63
N TYR B 384 -0.65 8.32 9.31
CA TYR B 384 -1.71 8.99 8.57
C TYR B 384 -3.06 8.31 8.79
N ASP B 385 -3.21 7.08 8.31
CA ASP B 385 -4.54 6.48 8.28
C ASP B 385 -5.06 6.21 9.69
N GLY B 386 -4.27 5.55 10.53
CA GLY B 386 -4.75 5.21 11.86
C GLY B 386 -4.98 6.41 12.74
N LEU B 387 -4.07 7.39 12.72
CA LEU B 387 -4.26 8.58 13.52
C LEU B 387 -5.48 9.37 13.06
N GLN B 388 -5.67 9.49 11.75
CA GLN B 388 -6.86 10.17 11.26
C GLN B 388 -8.11 9.42 11.66
N GLY B 389 -8.09 8.08 11.57
CA GLY B 389 -9.25 7.31 11.99
C GLY B 389 -9.54 7.45 13.46
N LEU B 390 -8.49 7.54 14.29
CA LEU B 390 -8.68 7.72 15.72
C LEU B 390 -9.25 9.10 16.02
N LEU B 391 -8.78 10.13 15.32
CA LEU B 391 -9.34 11.45 15.51
C LEU B 391 -10.80 11.49 15.07
N TYR B 392 -11.13 10.80 13.98
CA TYR B 392 -12.51 10.73 13.54
C TYR B 392 -13.38 9.95 14.53
N LEU B 393 -12.83 8.91 15.13
CA LEU B 393 -13.58 8.18 16.16
C LEU B 393 -13.79 9.03 17.40
N GLY B 394 -12.80 9.84 17.76
CA GLY B 394 -13.01 10.78 18.87
C GLY B 394 -14.05 11.83 18.54
N LEU B 395 -14.06 12.31 17.29
CA LEU B 395 -15.09 13.24 16.86
C LEU B 395 -16.47 12.58 16.91
N PHE B 396 -16.56 11.33 16.48
CA PHE B 396 -17.83 10.62 16.57
C PHE B 396 -18.27 10.49 18.02
N SER B 397 -17.34 10.19 18.92
CA SER B 397 -17.69 10.05 20.33
C SER B 397 -18.21 11.37 20.89
N PHE B 398 -17.55 12.48 20.58
CA PHE B 398 -18.03 13.77 21.05
C PHE B 398 -19.38 14.12 20.45
N LEU B 399 -19.57 13.83 19.15
CA LEU B 399 -20.85 14.11 18.51
C LEU B 399 -21.96 13.28 19.13
N ALA B 400 -21.72 12.01 19.39
CA ALA B 400 -22.73 11.15 20.01
C ALA B 400 -23.03 11.62 21.43
N ALA B 401 -22.01 12.03 22.18
CA ALA B 401 -22.25 12.58 23.51
C ALA B 401 -23.13 13.81 23.43
N LEU B 402 -22.84 14.72 22.49
CA LEU B 402 -23.66 15.91 22.33
C LEU B 402 -25.09 15.56 21.94
N ALA B 403 -25.26 14.62 21.01
CA ALA B 403 -26.58 14.24 20.54
C ALA B 403 -27.40 13.66 21.67
N PHE B 404 -26.81 12.75 22.46
CA PHE B 404 -27.56 12.13 23.54
C PHE B 404 -27.78 13.08 24.70
N SER B 405 -26.86 14.01 24.94
CA SER B 405 -27.09 15.04 25.95
C SER B 405 -28.28 15.91 25.56
N THR B 406 -28.35 16.33 24.30
CA THR B 406 -29.48 17.13 23.85
C THR B 406 -30.77 16.33 23.90
N MET B 407 -30.72 15.04 23.52
CA MET B 407 -31.91 14.22 23.57
C MET B 407 -32.43 14.09 25.00
N ILE B 408 -31.53 13.85 25.96
CA ILE B 408 -31.95 13.75 27.35
C ILE B 408 -32.50 15.09 27.84
N CYS B 409 -31.87 16.19 27.46
CA CYS B 409 -32.35 17.50 27.89
C CYS B 409 -33.75 17.77 27.34
N ALA B 410 -34.00 17.41 26.09
CA ALA B 410 -35.32 17.62 25.48
C ALA B 410 -36.34 16.57 25.93
N GLY B 411 -35.90 15.49 26.56
CA GLY B 411 -36.80 14.47 27.04
C GLY B 411 -37.87 14.95 27.99
N PRO B 412 -37.51 15.77 28.98
CA PRO B 412 -38.53 16.22 29.95
C PRO B 412 -39.69 16.96 29.31
N ARG B 413 -39.44 17.77 28.28
CA ARG B 413 -40.52 18.47 27.62
C ARG B 413 -41.50 17.50 26.97
N ALA B 414 -40.97 16.47 26.31
CA ALA B 414 -41.84 15.46 25.71
C ALA B 414 -42.59 14.69 26.78
N TRP B 415 -41.94 14.38 27.89
CA TRP B 415 -42.60 13.67 28.98
C TRP B 415 -43.78 14.48 29.53
N LYS B 416 -43.55 15.77 29.76
CA LYS B 416 -44.64 16.63 30.22
C LYS B 416 -45.74 16.74 29.17
N HIS B 417 -45.36 16.86 27.91
CA HIS B 417 -46.32 16.90 26.81
C HIS B 417 -46.72 15.48 26.44
C1 NAG C . 38.14 -0.66 -3.47
C2 NAG C . 39.14 0.27 -2.77
C3 NAG C . 40.20 -0.53 -2.03
C4 NAG C . 39.63 -1.65 -1.17
C5 NAG C . 38.58 -2.43 -1.97
C6 NAG C . 37.82 -3.46 -1.17
C7 NAG C . 39.77 2.48 -3.67
C8 NAG C . 40.56 3.18 -4.75
N2 NAG C . 39.81 1.14 -3.70
O3 NAG C . 40.96 0.36 -1.27
O4 NAG C . 40.74 -2.47 -0.85
O5 NAG C . 37.63 -1.53 -2.50
O6 NAG C . 36.98 -2.81 -0.26
O7 NAG C . 39.14 3.11 -2.83
C1 NAG C . 40.77 -2.83 0.55
C2 NAG C . 40.49 -1.57 1.39
C3 NAG C . 40.33 -1.93 2.86
C4 NAG C . 39.35 -3.09 3.05
C5 NAG C . 39.79 -4.25 2.16
C6 NAG C . 38.90 -5.47 2.24
C7 NAG C . 41.84 0.44 1.98
C8 NAG C . 43.02 1.26 1.53
N2 NAG C . 41.56 -0.62 1.19
O3 NAG C . 39.90 -0.79 3.57
O4 NAG C . 39.36 -3.44 4.41
O5 NAG C . 39.79 -3.81 0.82
O6 NAG C . 39.29 -6.42 1.28
O7 NAG C . 41.20 0.74 2.98
C1 NAG D . 8.88 9.26 -13.54
C2 NAG D . 8.46 10.56 -12.87
C3 NAG D . 9.03 11.74 -13.64
C4 NAG D . 10.51 11.56 -13.95
C5 NAG D . 10.80 10.15 -14.47
C6 NAG D . 12.27 9.89 -14.68
C7 NAG D . 6.26 10.51 -11.75
C8 NAG D . 4.78 10.67 -11.99
N2 NAG D . 7.02 10.66 -12.84
O3 NAG D . 8.81 12.89 -12.87
O4 NAG D . 10.82 12.52 -14.93
O5 NAG D . 10.27 9.19 -13.58
O6 NAG D . 12.45 8.73 -15.46
O7 NAG D . 6.70 10.29 -10.64
C1 NAG D . 11.65 13.54 -14.37
C2 NAG D . 12.32 14.27 -15.53
C3 NAG D . 13.19 15.40 -14.99
C4 NAG D . 12.36 16.30 -14.08
C5 NAG D . 11.69 15.44 -13.00
C6 NAG D . 10.82 16.23 -12.04
C7 NAG D . 12.74 12.83 -17.49
C8 NAG D . 13.72 11.88 -18.11
N2 NAG D . 13.11 13.35 -16.30
O3 NAG D . 13.71 16.11 -16.09
O4 NAG D . 13.25 17.25 -13.53
O5 NAG D . 10.90 14.46 -13.62
O6 NAG D . 9.77 16.82 -12.74
O7 NAG D . 11.68 13.10 -18.03
C1 NAG E . 25.21 -23.93 -15.94
C2 NAG E . 24.86 -25.12 -16.86
C3 NAG E . 25.68 -25.06 -18.14
C4 NAG E . 25.65 -23.68 -18.80
C5 NAG E . 25.96 -22.62 -17.74
C6 NAG E . 25.89 -21.19 -18.23
C7 NAG E . 24.20 -27.34 -15.99
C8 NAG E . 24.73 -28.58 -15.31
N2 NAG E . 25.12 -26.39 -16.21
O3 NAG E . 25.19 -26.05 -19.01
O4 NAG E . 26.65 -23.71 -19.80
O5 NAG E . 25.05 -22.76 -16.67
O6 NAG E . 24.55 -20.81 -18.39
O7 NAG E . 23.03 -27.25 -16.31
C1 NAG E . 26.13 -23.25 -21.07
C2 NAG E . 24.78 -23.92 -21.34
C3 NAG E . 24.14 -23.35 -22.61
C4 NAG E . 24.13 -21.83 -22.57
C5 NAG E . 25.55 -21.33 -22.29
C6 NAG E . 25.66 -19.82 -22.23
C7 NAG E . 24.11 -26.24 -21.98
C8 NAG E . 24.60 -27.67 -21.97
N2 NAG E . 24.98 -25.36 -21.46
O3 NAG E . 22.84 -23.86 -22.71
O4 NAG E . 23.66 -21.40 -23.83
O5 NAG E . 25.96 -21.85 -21.04
O6 NAG E . 26.94 -19.46 -21.74
O7 NAG E . 23.02 -25.94 -22.43
C1 NAG F . 6.26 -15.11 9.02
C2 NAG F . 4.84 -15.68 9.00
C3 NAG F . 4.84 -17.05 9.66
C4 NAG F . 5.92 -17.95 9.05
C5 NAG F . 7.25 -17.20 9.02
C6 NAG F . 8.38 -18.00 8.39
C7 NAG F . 3.00 -14.03 9.11
C8 NAG F . 2.20 -13.18 10.06
N2 NAG F . 3.94 -14.80 9.69
O3 NAG F . 3.56 -17.60 9.50
O4 NAG F . 6.01 -19.08 9.87
O5 NAG F . 7.10 -15.99 8.32
O6 NAG F . 9.61 -17.40 8.69
O7 NAG F . 2.81 -14.00 7.90
C1 NAG F . 5.62 -20.26 9.15
C2 NAG F . 6.22 -21.47 9.88
C3 NAG F . 5.76 -22.76 9.22
C4 NAG F . 4.24 -22.77 9.10
C5 NAG F . 3.79 -21.50 8.37
C6 NAG F . 2.29 -21.40 8.21
C7 NAG F . 8.38 -21.02 10.98
C8 NAG F . 9.87 -21.01 10.76
N2 NAG F . 7.65 -21.39 9.91
O3 NAG F . 6.23 -23.83 9.99
O4 NAG F . 3.89 -23.94 8.39
O5 NAG F . 4.23 -20.38 9.10
O6 NAG F . 1.68 -21.35 9.47
O7 NAG F . 7.89 -20.70 12.05
C1 NAG G . -4.65 -7.87 -28.58
C2 NAG G . -3.98 -8.71 -29.66
C3 NAG G . -4.56 -8.33 -31.01
C4 NAG G . -6.08 -8.45 -30.98
C5 NAG G . -6.64 -7.66 -29.79
C6 NAG G . -8.13 -7.80 -29.61
C7 NAG G . -1.70 -9.43 -29.12
C8 NAG G . -0.24 -9.02 -29.17
N2 NAG G . -2.56 -8.52 -29.62
O3 NAG G . -3.99 -9.16 -31.99
O4 NAG G . -6.57 -7.95 -32.20
O5 NAG G . -6.03 -8.13 -28.61
O6 NAG G . -8.40 -9.06 -29.02
O7 NAG G . -2.05 -10.50 -28.67
C1 NAG H . -13.22 -12.62 -27.38
C2 NAG H . -13.78 -13.99 -27.79
C3 NAG H . -12.86 -15.09 -27.28
C4 NAG H . -11.43 -14.81 -27.73
C5 NAG H . -11.02 -13.41 -27.30
C6 NAG H . -9.62 -13.01 -27.69
C7 NAG H . -16.22 -14.29 -28.02
C8 NAG H . -17.50 -14.48 -27.25
N2 NAG H . -15.12 -14.16 -27.26
O3 NAG H . -13.35 -16.31 -27.75
O4 NAG H . -10.61 -15.80 -27.13
O5 NAG H . -11.91 -12.49 -27.88
O6 NAG H . -9.49 -13.04 -29.10
O7 NAG H . -16.21 -14.24 -29.24
C1 PLC I . -31.29 2.30 -31.56
C2 PLC I . -30.50 2.74 -30.32
C3 PLC I . -29.90 4.12 -30.58
C4 PLC I . -32.97 -0.35 -34.53
C5 PLC I . -33.22 -1.85 -34.48
C6 PLC I . -32.10 -3.91 -34.87
C7 PLC I . -32.71 -2.53 -36.70
C8 PLC I . -30.97 -1.86 -35.23
C' PLC I . -32.27 1.75 -29.08
C1' PLC I . -32.03 0.60 -28.12
C2' PLC I . -33.30 -0.25 -28.04
C3' PLC I . -33.17 -1.28 -26.92
C4' PLC I . -33.50 -0.60 -25.58
C5' PLC I . -33.42 -1.64 -24.46
C6' PLC I . -33.32 -0.93 -23.13
C7' PLC I . -33.86 -1.84 -22.02
C8' PLC I . -33.89 -1.08 -20.70
C9' PLC I . -34.31 -2.03 -19.57
CA' PLC I . -34.47 -1.24 -18.28
CB' PLC I . -34.58 -2.21 -17.11
CB PLC I . -29.12 5.94 -29.33
C1B PLC I . -27.81 5.68 -28.57
C2B PLC I . -26.94 6.93 -28.58
C3B PLC I . -26.79 7.47 -27.16
C4B PLC I . -26.48 6.32 -26.20
C5B PLC I . -26.97 6.67 -24.79
C6B PLC I . -26.02 7.68 -24.13
C7B PLC I . -26.48 7.93 -22.70
C8B PLC I . -25.73 9.12 -22.10
C9B PLC I . -26.63 9.82 -21.07
CAA PLC I . -26.51 9.16 -19.71
CBA PLC I . -27.60 9.68 -18.78
O' PLC I . -33.27 1.78 -29.72
OB PLC I . -29.31 7.01 -29.80
O2 PLC I . -31.33 2.79 -29.19
O3 PLC I . -30.08 4.93 -29.45
O1P PLC I . -32.63 -0.50 -30.83
O2P PLC I . -31.35 -1.46 -32.40
O3P PLC I . -30.87 1.02 -31.94
O4P PLC I . -33.11 0.20 -33.25
N PLC I . -32.25 -2.54 -35.32
P PLC I . -31.99 -0.19 -32.10
C1 PLC J . -18.48 -7.10 -0.53
C2 PLC J . -19.63 -6.15 -0.20
C3 PLC J . -19.96 -6.19 1.28
C4 PLC J . -17.29 -10.35 1.44
C5 PLC J . -17.66 -11.56 0.58
C6 PLC J . -18.31 -13.84 0.60
C7 PLC J . -16.75 -13.03 2.19
C8 PLC J . -19.03 -12.38 2.33
C' PLC J . -19.52 -4.57 -1.92
C1' PLC J . -20.29 -3.31 -2.32
C2' PLC J . -21.71 -3.42 -1.78
C3' PLC J . -22.59 -2.34 -2.39
C4' PLC J . -23.27 -2.89 -3.65
C5' PLC J . -24.33 -1.89 -4.13
C6' PLC J . -24.74 -2.22 -5.56
C7' PLC J . -24.45 -1.03 -6.46
C8' PLC J . -24.88 -1.34 -7.88
C9' PLC J . -24.72 -0.10 -8.76
CA' PLC J . -23.78 -0.41 -9.92
CB' PLC J . -24.26 -1.67 -10.65
CB PLC J . -21.32 -4.76 2.56
C1B PLC J . -22.64 -4.57 3.31
C2B PLC J . -22.98 -3.09 3.37
C3B PLC J . -23.78 -2.68 2.14
C4B PLC J . -24.30 -1.27 2.32
C5B PLC J . -24.63 -1.04 3.80
C6B PLC J . -24.99 0.43 4.03
C7B PLC J . -25.94 0.90 2.93
C8B PLC J . -27.23 0.07 2.96
C9B PLC J . -28.14 0.52 1.83
CAA PLC J . -29.56 -0.02 2.06
CBA PLC J . -29.52 -1.54 2.09
O' PLC J . -19.11 -5.30 -2.76
OB PLC J . -20.37 -4.14 2.89
O2 PLC J . -19.27 -4.84 -0.57
O3 PLC J . -21.24 -5.66 1.50
O1P PLC J . -17.37 -7.73 2.55
O2P PLC J . -15.34 -7.45 1.61
O3P PLC J . -17.35 -6.71 0.20
O4P PLC J . -16.81 -9.32 0.63
N PLC J . -17.94 -12.70 1.43
P PLC J . -16.72 -7.80 1.25
C1 CLR K . -30.53 -7.86 -24.83
C2 CLR K . -31.32 -8.53 -25.95
C3 CLR K . -31.40 -10.03 -25.72
C4 CLR K . -31.98 -10.32 -24.34
C5 CLR K . -31.27 -9.58 -23.25
C6 CLR K . -30.82 -10.23 -22.18
C7 CLR K . -30.26 -9.59 -20.95
C8 CLR K . -30.44 -8.07 -20.97
C9 CLR K . -30.13 -7.52 -22.37
C10 CLR K . -31.10 -8.08 -23.42
C11 CLR K . -30.03 -5.99 -22.36
C12 CLR K . -29.11 -5.44 -21.27
C13 CLR K . -29.53 -5.90 -19.88
C14 CLR K . -29.53 -7.43 -19.93
C15 CLR K . -29.74 -7.85 -18.48
C16 CLR K . -28.91 -6.81 -17.71
C17 CLR K . -28.53 -5.69 -18.71
C18 CLR K . -30.91 -5.34 -19.51
C19 CLR K . -32.49 -7.43 -23.33
C20 CLR K . -28.43 -4.34 -18.01
C21 CLR K . -27.90 -3.24 -18.93
C22 CLR K . -27.53 -4.50 -16.79
C23 CLR K . -27.29 -3.26 -15.94
C24 CLR K . -26.00 -3.37 -15.15
C25 CLR K . -25.57 -2.13 -14.38
C26 CLR K . -24.19 -2.34 -13.76
C27 CLR K . -25.59 -0.87 -15.25
O1 CLR K . -32.19 -10.60 -26.75
C1 CLR L . -28.80 -10.30 -16.86
C2 CLR L . -29.45 -11.21 -17.91
C3 CLR L . -28.47 -12.27 -18.35
C4 CLR L . -28.01 -13.08 -17.15
C5 CLR L . -27.42 -12.21 -16.08
C6 CLR L . -26.20 -12.47 -15.60
C7 CLR L . -25.52 -11.69 -14.53
C8 CLR L . -26.45 -10.73 -13.82
C9 CLR L . -27.37 -10.02 -14.83
C10 CLR L . -28.25 -11.02 -15.62
C11 CLR L . -28.16 -8.88 -14.17
C12 CLR L . -27.31 -7.92 -13.36
C13 CLR L . -26.50 -8.65 -12.29
C14 CLR L . -25.65 -9.69 -13.04
C15 CLR L . -24.66 -10.20 -12.00
C16 CLR L . -24.39 -8.96 -11.14
C17 CLR L . -25.39 -7.86 -11.57
C18 CLR L . -27.43 -9.29 -11.26
C19 CLR L . -29.41 -11.55 -14.77
C20 CLR L . -25.77 -6.96 -10.39
C21 CLR L . -25.95 -5.49 -10.79
C22 CLR L . -24.71 -7.08 -9.28
C23 CLR L . -23.37 -6.46 -9.58
C24 CLR L . -22.30 -6.91 -8.57
C25 CLR L . -22.31 -6.17 -7.24
C26 CLR L . -23.44 -6.70 -6.36
C27 CLR L . -20.98 -6.28 -6.52
O1 CLR L . -29.10 -13.08 -19.33
C1 PLC M . -4.72 3.62 -22.41
C2 PLC M . -4.47 2.28 -21.72
C3 PLC M . -3.50 2.45 -20.56
C4 PLC M . -4.65 1.44 -25.70
C5 PLC M . -5.23 0.53 -26.78
C6 PLC M . -3.05 0.17 -27.67
C7 PLC M . -4.96 -0.26 -29.01
C8 PLC M . -4.37 1.97 -28.47
C' PLC M . -6.04 2.35 -20.00
C1' PLC M . -6.34 1.44 -18.82
C2' PLC M . -5.07 1.26 -17.98
C3' PLC M . -5.33 0.17 -16.94
C4' PLC M . -4.36 0.36 -15.78
C5' PLC M . -3.13 -0.52 -15.98
C6' PLC M . -2.18 -0.35 -14.81
C7' PLC M . -1.80 -1.72 -14.26
C8' PLC M . -0.97 -1.57 -12.99
C9' PLC M . 0.51 -1.56 -13.33
CA' PLC M . 1.31 -1.11 -12.10
CB' PLC M . 2.79 -1.35 -12.34
CB PLC M . -1.28 1.92 -21.11
C1B PLC M . -0.99 1.04 -19.90
C2B PLC M . 0.49 1.10 -19.55
C3B PLC M . 0.85 -0.09 -18.64
C4B PLC M . 2.34 -0.06 -18.35
C5B PLC M . 2.86 -1.48 -18.13
C6B PLC M . 4.35 -1.41 -17.78
C7B PLC M . 4.94 -2.82 -17.68
C8B PLC M . 4.44 -3.46 -16.40
C9B PLC M . 5.05 -4.86 -16.25
CAA PLC M . 4.51 -5.52 -14.99
CBA PLC M . 5.12 -4.85 -13.76
O' PLC M . -6.12 3.52 -19.90
OB PLC M . -0.68 1.78 -22.11
O2 PLC M . -5.68 1.80 -21.23
O3 PLC M . -2.26 2.92 -21.03
O1P PLC M . -5.54 4.14 -25.38
O2P PLC M . -7.58 3.32 -24.92
O3P PLC M . -6.02 3.63 -22.92
O4P PLC M . -5.63 1.65 -24.72
N PLC M . -4.40 0.61 -27.98
P PLC M . -6.19 3.18 -24.49
C1 CLR N . -8.62 9.74 -21.86
C2 CLR N . -8.67 9.70 -23.38
C3 CLR N . -7.36 9.21 -23.96
C4 CLR N . -6.97 7.86 -23.35
C5 CLR N . -7.05 7.87 -21.85
C6 CLR N . -6.01 7.49 -21.12
C7 CLR N . -6.06 7.26 -19.65
C8 CLR N . -7.49 7.23 -19.15
C9 CLR N . -8.27 8.43 -19.72
C10 CLR N . -8.36 8.35 -21.25
C11 CLR N . -9.65 8.56 -19.07
C12 CLR N . -9.64 8.45 -17.54
C13 CLR N . -8.97 7.16 -17.10
C14 CLR N . -7.54 7.23 -17.64
C15 CLR N . -6.79 6.13 -16.91
C16 CLR N . -7.43 6.12 -15.51
C17 CLR N . -8.73 6.96 -15.58
C18 CLR N . -9.74 5.96 -17.64
C19 CLR N . -9.48 7.41 -21.68
C20 CLR N . -9.84 6.29 -14.79
C21 CLR N . -11.18 6.99 -14.94
C22 CLR N . -9.46 6.16 -13.31
C23 CLR N . -10.30 5.11 -12.57
C24 CLR N . -10.45 5.42 -11.09
C25 CLR N . -11.52 6.47 -10.76
C26 CLR N . -11.03 7.86 -11.16
C27 CLR N . -12.85 6.15 -11.44
O1 CLR N . -7.51 9.10 -25.36
C1 CLR O . -13.52 7.16 -23.62
C2 CLR O . -13.69 7.79 -24.99
C3 CLR O . -12.36 7.91 -25.69
C4 CLR O . -11.73 6.53 -25.82
C5 CLR O . -11.59 5.86 -24.47
C6 CLR O . -10.42 5.37 -24.09
C7 CLR O . -10.17 4.62 -22.83
C8 CLR O . -11.44 4.30 -22.05
C9 CLR O . -12.46 5.44 -22.15
C10 CLR O . -12.84 5.79 -23.61
C11 CLR O . -13.68 5.17 -21.26
C12 CLR O . -13.32 4.82 -19.82
C13 CLR O . -12.32 3.67 -19.74
C14 CLR O . -11.12 4.09 -20.60
C15 CLR O . -10.02 3.11 -20.24
C16 CLR O . -10.23 2.87 -18.74
C17 CLR O . -11.62 3.46 -18.38
C18 CLR O . -12.94 2.36 -20.22
C19 CLR O . -13.79 4.74 -24.20
C20 CLR O . -12.30 2.60 -17.31
C21 CLR O . -13.29 3.36 -16.44
C22 CLR O . -11.19 1.99 -16.44
C23 CLR O . -11.12 0.47 -16.45
C24 CLR O . -9.75 -0.03 -16.03
C25 CLR O . -9.16 0.61 -14.79
C26 CLR O . -8.14 -0.33 -14.18
C27 CLR O . -8.49 1.95 -15.08
O1 CLR O . -12.56 8.51 -26.95
C1 CPL P . -22.72 0.93 -33.85
C2 CPL P . -21.80 2.07 -33.45
C3 CPL P . -22.57 3.02 -32.51
C4 CPL P . -26.66 0.75 -37.26
C5 CPL P . -26.96 1.07 -38.76
C6 CPL P . -27.91 -1.10 -39.19
C7 CPL P . -29.29 0.62 -38.27
C8 CPL P . -28.55 0.75 -40.55
C11 CPL P . -23.17 5.09 -33.59
C12 CPL P . -21.68 5.44 -33.80
C13 CPL P . -21.05 5.91 -32.45
C14 CPL P . -21.89 7.08 -31.85
C15 CPL P . -21.10 7.75 -30.68
C16 CPL P . -22.06 8.62 -29.84
C17 CPL P . -21.23 9.55 -28.89
C18 CPL P . -22.10 9.95 -27.67
C19 CPL P . -21.20 10.57 -26.57
C20 CPL P . -21.98 10.59 -25.22
C21 CPL P . -21.13 9.86 -24.12
C22 CPL P . -20.82 10.87 -22.96
C23 CPL P . -19.67 10.29 -22.08
C24 CPL P . -18.46 9.92 -22.99
C25 CPL P . -18.07 11.15 -23.86
C26 CPL P . -16.79 10.84 -24.64
C31 CPL P . -19.82 2.58 -32.25
C32 CPL P . -19.58 2.69 -30.72
C33 CPL P . -19.30 4.19 -30.33
C34 CPL P . -17.89 4.61 -30.82
C35 CPL P . -17.53 6.00 -30.21
C36 CPL P . -17.87 6.00 -28.68
C37 CPL P . -17.04 7.09 -27.97
C38 CPL P . -16.85 6.70 -26.48
C39 CPL P . -17.89 7.45 -25.60
C40 CPL P . -18.07 6.79 -24.20
C41 CPL P . -17.72 5.29 -24.19
C42 CPL P . -17.42 4.85 -22.74
C43 CPL P . -18.49 5.35 -21.75
C44 CPL P . -17.91 5.76 -20.37
C45 CPL P . -17.29 4.54 -19.64
C46 CPL P . -17.01 4.94 -18.18
C47 CPL P . -18.12 5.88 -17.69
C48 CPL P . -17.60 7.34 -17.65
N CPL P . -28.19 0.34 -39.20
O2 CPL P . -20.69 1.57 -32.77
O3 CPL P . -23.55 3.74 -33.27
O11 CPL P . -24.01 5.93 -33.68
O31 CPL P . -19.28 3.33 -32.99
O1P CPL P . -25.58 0.06 -34.65
O2P CPL P . -25.52 2.30 -34.42
O3P CPL P . -23.29 1.18 -35.14
O4P CPL P . -25.45 1.40 -36.85
P CPL P . -24.96 1.24 -35.26
C1 CPL Q . -7.46 18.53 -19.54
C2 CPL Q . -7.43 17.95 -20.95
C3 CPL Q . -7.16 16.43 -20.89
C4 CPL Q . -3.14 18.72 -17.20
C5 CPL Q . -2.31 17.63 -17.96
C6 CPL Q . -1.16 15.55 -17.68
C7 CPL Q . -1.85 16.79 -15.75
C8 CPL Q . -3.45 15.68 -17.13
C11 CPL Q . -6.51 14.76 -19.31
C12 CPL Q . -7.34 13.48 -19.00
C13 CPL Q . -8.38 13.27 -20.13
C14 CPL Q . -9.82 13.23 -19.52
C15 CPL Q . -10.84 12.68 -20.57
C16 CPL Q . -11.52 11.41 -20.00
C17 CPL Q . -13.05 11.47 -20.32
C18 CPL Q . -13.74 10.23 -19.69
C19 CPL Q . -13.62 10.28 -18.15
C20 CPL Q . -14.22 8.99 -17.55
C21 CPL Q . -14.26 9.10 -16.00
C22 CPL Q . -14.32 7.66 -15.40
C23 CPL Q . -14.33 7.76 -13.84
C24 CPL Q . -15.73 8.24 -13.37
C25 CPL Q . -16.52 7.03 -12.81
C26 CPL Q . -17.26 7.45 -11.54
C31 CPL Q . -9.73 18.56 -20.74
C32 CPL Q . -10.68 17.45 -20.18
C33 CPL Q . -10.88 17.66 -18.64
C34 CPL Q . -12.31 17.20 -18.24
C35 CPL Q . -12.45 17.27 -16.69
C36 CPL Q . -11.91 15.95 -16.08
C37 CPL Q . -12.70 14.76 -16.67
C38 CPL Q . -14.08 14.65 -15.95
C39 CPL Q . -13.95 13.62 -14.79
C40 CPL Q . -15.27 13.46 -13.99
C41 CPL Q . -16.35 14.49 -14.41
C42 CPL Q . -17.62 14.21 -13.57
C43 CPL Q . -18.21 12.81 -13.84
C44 CPL Q . -18.29 11.93 -12.57
C45 CPL Q . -19.18 12.64 -11.52
C46 CPL Q . -20.62 12.80 -12.09
C47 CPL Q . -21.59 13.11 -10.93
C48 CPL Q . -22.88 13.69 -11.52
N CPL Q . -2.19 16.41 -17.12
O2 CPL Q . -8.65 18.19 -21.60
O3 CPL Q . -7.18 16.00 -19.53
O11 CPL Q . -5.32 14.69 -19.34
O31 CPL Q . -9.91 19.70 -20.46
O1P CPL Q . -4.94 17.29 -18.98
O2P CPL Q . -4.16 18.68 -20.60
O3P CPL Q . -6.34 19.42 -19.38
O4P CPL Q . -3.88 19.50 -18.15
P CPL Q . -4.82 18.72 -19.28
C1 PLC R . -11.30 22.26 -16.10
C2 PLC R . -12.50 22.76 -15.30
C3 PLC R . -13.02 24.05 -15.94
C4 PLC R . -11.88 23.11 -20.89
C5 PLC R . -11.47 24.05 -22.03
C6 PLC R . -9.53 22.69 -22.05
C7 PLC R . -9.68 24.56 -23.49
C8 PLC R . -9.42 24.88 -21.16
C' PLC R . -14.34 21.84 -14.19
C1' PLC R . -15.71 21.15 -14.23
C2' PLC R . -15.92 20.33 -12.96
C3' PLC R . -16.31 21.26 -11.81
C4' PLC R . -16.59 20.41 -10.57
C5' PLC R . -18.10 20.33 -10.34
C6' PLC R . -18.82 20.21 -11.68
C7' PLC R . -19.90 19.14 -11.58
C8' PLC R . -20.74 19.35 -10.32
C9' PLC R . -21.77 18.22 -10.21
CA' PLC R . -22.37 18.22 -8.82
CB' PLC R . -23.16 19.51 -8.58
CB PLC R . -14.68 25.66 -15.49
C1B PLC R . -15.81 26.16 -14.61
C2B PLC R . -16.87 25.07 -14.49
C3B PLC R . -17.95 25.50 -13.50
C4B PLC R . -17.58 25.04 -12.09
C5B PLC R . -17.04 26.22 -11.29
C6B PLC R . -17.13 25.91 -9.80
C7B PLC R . -18.58 25.55 -9.46
C8B PLC R . -18.72 25.34 -7.95
C9B PLC R . -20.16 24.93 -7.64
CAA PLC R . -20.55 23.75 -8.52
CBA PLC R . -22.05 23.48 -8.38
O' PLC R . -13.99 22.41 -13.21
OB PLC R . -14.61 26.02 -16.63
O2 PLC R . -13.50 21.79 -15.31
O3 PLC R . -13.73 24.78 -14.97
O1P PLC R . -9.80 21.97 -19.21
O2P PLC R . -9.74 23.83 -17.91
O3P PLC R . -11.66 22.18 -17.44
O4P PLC R . -11.63 23.72 -19.66
N PLC R . -10.03 24.04 -22.18
P PLC R . -10.70 22.92 -18.56
C1 PLC S . -14.82 16.86 -21.37
C2 PLC S . -15.93 17.26 -20.40
C3 PLC S . -16.35 18.70 -20.68
C4 PLC S . -12.27 18.63 -24.23
C5 PLC S . -12.64 19.61 -25.34
C6 PLC S . -10.90 20.97 -24.48
C7 PLC S . -12.38 21.83 -26.12
C8 PLC S . -13.15 21.44 -23.92
C' PLC S . -17.00 15.28 -19.76
C1' PLC S . -18.09 15.07 -18.70
C2' PLC S . -18.80 13.75 -18.94
C3' PLC S . -19.94 13.60 -17.94
C4' PLC S . -20.49 12.18 -17.98
C5' PLC S . -21.67 12.05 -17.02
C6' PLC S . -22.50 10.82 -17.38
C7' PLC S . -21.60 9.82 -18.10
C8' PLC S . -22.42 8.64 -18.60
C9' PLC S . -21.50 7.66 -19.33
CA' PLC S . -22.30 6.44 -19.77
CB' PLC S . -21.50 5.66 -20.80
CB PLC S . -17.53 19.77 -18.96
C1B PLC S . -17.58 19.13 -17.57
C2B PLC S . -19.03 18.83 -17.20
C3B PLC S . -19.61 17.82 -18.20
C4B PLC S . -20.83 17.14 -17.59
C5B PLC S . -20.88 17.38 -16.09
C6B PLC S . -21.86 16.42 -15.46
C7B PLC S . -23.24 16.59 -16.09
C8B PLC S . -24.26 15.71 -15.36
C9B PLC S . -25.67 16.11 -15.78
CAA PLC S . -26.05 15.37 -17.06
CBA PLC S . -27.56 15.52 -17.29
O' PLC S . -16.14 14.47 -19.89
OB PLC S . -17.46 20.95 -19.06
O2 PLC S . -17.03 16.41 -20.57
O3 PLC S . -17.60 18.97 -20.11
O1P PLC S . -15.71 19.27 -23.62
O2P PLC S . -14.85 17.75 -25.07
O3P PLC S . -15.28 16.92 -22.68
O4P PLC S . -13.26 18.62 -23.24
N PLC S . -12.27 20.96 -24.96
P PLC S . -14.78 18.14 -23.66
C1 PLC T . -12.11 22.27 -1.52
C2 PLC T . -12.89 21.03 -1.09
C3 PLC T . -11.93 19.98 -0.56
C4 PLC T . -11.78 24.20 -5.75
C5 PLC T . -12.61 23.63 -6.90
C6 PLC T . -11.16 24.59 -8.53
C7 PLC T . -13.38 24.04 -9.11
C8 PLC T . -12.96 25.85 -7.65
C' PLC T . -14.90 22.13 -0.56
C1' PLC T . -16.01 22.55 0.40
C2' PLC T . -15.76 21.91 1.77
C3' PLC T . -16.74 22.50 2.78
C4' PLC T . -18.08 21.77 2.69
C5' PLC T . -19.05 22.34 3.71
C6' PLC T . -20.42 21.69 3.54
C7' PLC T . -21.18 21.76 4.85
C8' PLC T . -22.47 20.93 4.73
C9' PLC T . -23.47 21.66 3.86
CA' PLC T . -24.82 20.95 3.94
CB' PLC T . -25.42 21.14 5.34
CB PLC T . -11.09 19.27 1.53
C1B PLC T . -11.98 18.81 2.69
C2B PLC T . -13.45 18.87 2.28
C3B PLC T . -14.00 17.44 2.19
C4B PLC T . -14.58 17.04 3.54
C5B PLC T . -15.74 17.97 3.88
C6B PLC T . -16.98 17.15 4.23
C7B PLC T . -18.14 18.10 4.53
C8B PLC T . -19.37 17.29 4.93
C9B PLC T . -20.51 18.24 5.22
CAA PLC T . -21.73 17.44 5.70
CBA PLC T . -21.44 16.82 7.06
O' PLC T . -14.98 22.43 -1.71
OB PLC T . -10.08 18.70 1.31
O2 PLC T . -13.81 21.39 -0.10
O3 PLC T . -11.49 20.34 0.73
O1P PLC T . -9.57 22.72 -4.35
O2P PLC T . -10.28 24.31 -2.92
O3P PLC T . -11.19 21.94 -2.51
O4P PLC T . -12.02 23.45 -4.59
N PLC T . -12.52 24.52 -8.05
P PLC T . -10.76 23.10 -3.59
C1 PLC U . -8.92 24.24 0.64
C2 PLC U . -9.98 23.68 1.58
C3 PLC U . -9.35 22.62 2.49
C4 PLC U . -5.14 25.32 2.30
C5 PLC U . -4.07 25.41 3.40
C6 PLC U . -2.80 26.22 1.57
C7 PLC U . -1.84 26.10 3.74
C8 PLC U . -2.29 24.11 2.53
C' PLC U . -11.83 25.05 2.04
C1' PLC U . -12.88 25.12 3.12
C2' PLC U . -14.23 25.49 2.51
C3' PLC U . -15.30 25.52 3.61
C4' PLC U . -14.84 26.48 4.71
C5' PLC U . -16.04 26.83 5.59
C6' PLC U . -16.72 25.55 6.08
C7' PLC U . -18.02 25.90 6.79
C8' PLC U . -19.07 26.33 5.75
C9' PLC U . -20.38 26.65 6.45
CA' PLC U . -20.86 25.42 7.22
CB' PLC U . -22.20 25.72 7.87
CB PLC U . -10.76 22.25 4.33
C1B PLC U . -12.25 22.34 4.69
C2B PLC U . -12.53 21.51 5.95
C3B PLC U . -13.95 21.82 6.42
C4B PLC U . -14.36 20.78 7.47
C5B PLC U . -15.85 20.46 7.31
C6B PLC U . -16.68 21.46 8.10
C7B PLC U . -18.16 21.09 7.99
C8B PLC U . -18.98 21.95 8.94
C9B PLC U . -20.46 21.59 8.81
CAA PLC U . -21.30 22.59 9.59
CBA PLC U . -22.77 22.16 9.56
O' PLC U . -12.11 25.30 0.91
OB PLC U . -9.94 22.51 5.14
O2 PLC U . -10.51 24.71 2.36
O3 PLC U . -10.38 21.84 3.05
O1P PLC U . -6.28 23.32 -0.47
O2P PLC U . -6.66 22.08 1.37
O3P PLC U . -7.72 24.43 1.34
O4P PLC U . -5.07 24.07 1.66
N PLC U . -2.76 25.46 2.80
P PLC U . -6.43 23.47 0.97
C1 PLC V . -21.94 -11.97 -0.11
C2 PLC V . -22.52 -10.56 0.01
C3 PLC V . -21.55 -9.59 0.69
C4 PLC V . -21.71 -14.19 -4.22
C5 PLC V . -20.43 -14.94 -3.88
C6 PLC V . -21.28 -17.07 -4.57
C7 PLC V . -18.96 -16.73 -4.28
C8 PLC V . -20.04 -15.73 -6.12
C' PLC V . -24.09 -9.63 -1.53
C1' PLC V . -24.29 -8.42 -2.46
C2' PLC V . -25.18 -8.80 -3.64
C3' PLC V . -26.66 -8.78 -3.23
C4' PLC V . -27.49 -8.18 -4.35
C5' PLC V . -27.56 -6.66 -4.18
C6' PLC V . -27.95 -6.00 -5.50
C7' PLC V . -29.09 -5.00 -5.26
C8' PLC V . -29.15 -3.97 -6.40
C9' PLC V . -29.03 -4.66 -7.76
CA' PLC V . -29.67 -3.79 -8.84
CB' PLC V . -28.91 -2.46 -8.96
CB PLC V . -23.17 -7.92 1.10
C1B PLC V . -24.38 -7.49 1.94
C2B PLC V . -25.45 -6.89 1.04
C3B PLC V . -25.11 -5.44 0.73
C4B PLC V . -25.74 -5.00 -0.60
C5B PLC V . -27.07 -4.29 -0.35
C6B PLC V . -27.71 -3.96 -1.70
C7B PLC V . -27.81 -2.45 -1.90
C8B PLC V . -29.15 -1.95 -1.38
C9B PLC V . -30.25 -2.22 -2.39
CAA PLC V . -31.32 -1.13 -2.30
CBA PLC V . -31.83 -1.01 -0.87
O' PLC V . -25.04 -10.17 -1.07
OB PLC V . -23.02 -7.48 0.02
O2 PLC V . -22.79 -10.08 -1.28
O3 PLC V . -22.24 -8.83 1.63
O1P PLC V . -23.45 -11.84 -3.30
O2P PLC V . -24.17 -13.02 -1.53
O3P PLC V . -21.72 -12.29 -1.45
O4P PLC V . -22.57 -14.24 -3.12
N PLC V . -20.20 -16.11 -4.72
P PLC V . -22.98 -12.85 -2.35
H11 PLC V . -22.63 -12.68 0.31
H12 PLC V . -21.00 -12.04 0.42
H2 PLC V . -23.44 -10.61 0.58
H31 PLC V . -21.12 -8.95 -0.06
H32 PLC V . -20.77 -10.14 1.20
H41 PLC V . -22.21 -14.61 -5.08
H42 PLC V . -21.48 -13.15 -4.43
H51 PLC V . -20.47 -15.26 -2.84
H52 PLC V . -19.59 -14.26 -3.99
H61 PLC V . -21.54 -17.16 -3.51
H62 PLC V . -20.96 -18.04 -4.93
H63 PLC V . -22.16 -16.75 -5.12
H71 PLC V . -19.04 -16.98 -3.23
H72 PLC V . -18.14 -16.05 -4.44
H73 PLC V . -18.80 -17.64 -4.85
H81 PLC V . -21.02 -15.60 -6.58
H82 PLC V . -19.50 -16.51 -6.64
H83 PLC V . -19.50 -14.79 -6.17
H1'1 PLC V . -23.32 -8.11 -2.83
H1'2 PLC V . -24.73 -7.61 -1.90
H2'1 PLC V . -24.92 -9.80 -3.99
H2'2 PLC V . -25.02 -8.08 -4.44
H3'1 PLC V . -26.78 -8.19 -2.32
H3'2 PLC V . -26.98 -9.80 -3.04
H4'1 PLC V . -28.49 -8.58 -4.32
H4'2 PLC V . -27.04 -8.41 -5.31
H5'1 PLC V . -26.58 -6.28 -3.86
H5'2 PLC V . -28.29 -6.42 -3.42
H6'1 PLC V . -28.28 -6.76 -6.19
H6'2 PLC V . -27.09 -5.48 -5.91
H7'1 PLC V . -28.92 -4.48 -4.32
H7'2 PLC V . -30.03 -5.53 -5.21
H8'1 PLC V . -28.32 -3.27 -6.28
H8'2 PLC V . -30.08 -3.44 -6.33
H9'1 PLC V . -29.55 -5.62 -7.72
H9'2 PLC V . -27.99 -4.83 -7.99
HT'1 PLC V . -30.71 -3.59 -8.59
HT'2 PLC V . -29.62 -4.31 -9.79
HE'1 PLC V . -27.84 -2.66 -9.01
HE'2 PLC V . -29.13 -1.84 -8.09
HE'3 PLC V . -29.23 -1.95 -9.86
H1A1 PLC V . -24.07 -6.76 2.68
H1A2 PLC V . -24.78 -8.37 2.45
H2A1 PLC V . -26.41 -6.93 1.56
H2A2 PLC V . -25.52 -7.47 0.12
H3A1 PLC V . -24.03 -5.32 0.66
H3A2 PLC V . -25.49 -4.80 1.52
H4A1 PLC V . -25.92 -5.86 -1.23
H4A2 PLC V . -25.07 -4.32 -1.11
H5A1 PLC V . -26.90 -3.39 0.22
H5A2 PLC V . -27.72 -4.95 0.22
H6A1 PLC V . -28.71 -4.39 -1.73
H6A2 PLC V . -27.11 -4.39 -2.49
H7A1 PLC V . -27.71 -2.24 -2.96
H7A2 PLC V . -26.99 -1.96 -1.37
H8A1 PLC V . -29.38 -2.44 -0.44
H8A2 PLC V . -29.07 -0.88 -1.20
H9A1 PLC V . -30.70 -3.18 -2.17
H9A2 PLC V . -29.84 -2.24 -3.39
HTA1 PLC V . -32.15 -1.38 -2.96
HTA2 PLC V . -30.89 -0.19 -2.60
HEA1 PLC V . -32.80 -0.49 -0.87
HEA2 PLC V . -31.13 -0.45 -0.27
HEA3 PLC V . -31.97 -2.01 -0.45
C1 NAG W . 16.59 3.23 25.00
C2 NAG W . 17.84 4.04 25.34
C3 NAG W . 18.08 4.04 26.85
C4 NAG W . 16.80 4.47 27.58
C5 NAG W . 15.65 3.57 27.13
C6 NAG W . 14.34 3.87 27.81
C7 NAG W . 19.64 4.16 23.66
C8 NAG W . 20.81 3.41 23.07
N2 NAG W . 18.97 3.51 24.64
O3 NAG W . 19.15 4.91 27.11
O4 NAG W . 17.06 4.36 28.96
O5 NAG W . 15.49 3.71 25.74
O6 NAG W . 13.88 5.14 27.41
O7 NAG W . 19.34 5.28 23.28
C1 NAG X . 13.37 13.27 27.71
C2 NAG X . 14.12 14.42 28.39
C3 NAG X . 15.22 14.94 27.47
C4 NAG X . 16.09 13.79 26.97
C5 NAG X . 15.19 12.74 26.34
C6 NAG X . 15.93 11.54 25.79
C7 NAG X . 12.68 15.65 29.96
C8 NAG X . 11.75 16.84 30.09
N2 NAG X . 13.21 15.48 28.74
O3 NAG X . 15.97 15.90 28.19
O4 NAG X . 17.02 14.33 26.05
O5 NAG X . 14.27 12.29 27.31
O6 NAG X . 16.62 10.90 26.82
O7 NAG X . 12.92 14.92 30.91
C1 CPL Y . 9.85 -3.18 23.64
C2 CPL Y . 8.68 -3.69 22.81
C3 CPL Y . 9.14 -4.84 21.89
C4 CPL Y . 11.95 -1.76 26.59
C5 CPL Y . 12.77 -3.03 26.21
C6 CPL Y . 14.75 -3.78 25.06
C7 CPL Y . 14.65 -1.55 25.93
C8 CPL Y . 13.32 -2.16 24.05
C11 CPL Y . 8.12 -4.47 19.75
C12 CPL Y . 7.88 -5.19 18.40
C13 CPL Y . 9.03 -4.83 17.41
C14 CPL Y . 8.48 -4.85 15.95
C15 CPL Y . 9.63 -4.43 14.96
C16 CPL Y . 10.69 -5.54 14.88
C17 CPL Y . 11.91 -5.03 14.04
C18 CPL Y . 11.37 -4.33 12.76
C19 CPL Y . 12.55 -3.61 12.05
C20 CPL Y . 13.64 -4.64 11.66
C21 CPL Y . 14.98 -3.91 11.37
C22 CPL Y . 14.86 -3.08 10.06
C23 CPL Y . 14.52 -1.60 10.38
C24 CPL Y . 13.09 -1.25 9.88
C25 CPL Y . 12.98 -1.52 8.35
C26 CPL Y . 12.32 -2.88 8.11
C31 CPL Y . 6.72 -3.13 24.00
C32 CPL Y . 6.21 -2.17 22.89
C33 CPL Y . 4.85 -2.69 22.33
C34 CPL Y . 4.32 -1.69 21.26
C35 CPL Y . 4.96 -2.04 19.89
C36 CPL Y . 4.50 -0.98 18.83
C37 CPL Y . 5.25 -1.25 17.51
C38 CPL Y . 5.03 -0.03 16.58
C39 CPL Y . 6.01 -0.13 15.38
C40 CPL Y . 5.76 -1.41 14.53
C41 CPL Y . 6.58 -1.41 13.22
C42 CPL Y . 6.57 0.02 12.63
C43 CPL Y . 7.42 0.12 11.35
C44 CPL Y . 7.98 -1.26 10.90
C45 CPL Y . 6.99 -1.90 9.89
C46 CPL Y . 7.43 -3.36 9.62
C47 CPL Y . 8.94 -3.39 9.34
C48 CPL Y . 9.18 -3.09 7.85
N CPL Y . 13.88 -2.63 25.31
O2 CPL Y . 7.68 -4.13 23.67
O3 CPL Y . 8.10 -5.20 20.99
O11 CPL Y . 8.32 -3.29 19.76
O31 CPL Y . 6.32 -3.04 25.12
O1P CPL Y . 10.23 0.31 25.26
O2P CPL Y . 8.34 -0.86 25.71
O3P CPL Y . 9.79 -1.75 23.75
O4P CPL Y . 10.56 -2.01 26.38
P CPL Y . 9.72 -1.06 25.28
C1 PLC Z . -10.88 -8.59 29.71
C2 PLC Z . -11.58 -7.54 28.83
C3 PLC Z . -10.54 -6.68 28.13
C4 PLC Z . -10.94 -13.73 29.15
C5 PLC Z . -9.71 -14.64 29.10
C6 PLC Z . -9.23 -14.26 26.80
C7 PLC Z . -8.63 -16.32 27.81
C8 PLC Z . -10.91 -15.81 27.42
C' PLC Z . -13.76 -8.06 28.11
C1' PLC Z . -14.37 -6.69 28.40
C2' PLC Z . -14.83 -6.04 27.10
C3' PLC Z . -15.53 -4.71 27.41
C4' PLC Z . -16.14 -4.16 26.13
C5' PLC Z . -17.00 -2.94 26.45
C6' PLC Z . -16.14 -1.88 27.15
C7' PLC Z . -16.84 -1.43 28.43
C8' PLC Z . -16.31 -0.07 28.86
C9' PLC Z . -17.27 0.58 29.84
CA' PLC Z . -16.77 1.97 30.21
CB' PLC Z . -17.92 2.78 30.83
CB PLC Z . -9.80 -4.75 29.24
C1B PLC Z . -9.60 -3.80 28.06
C2B PLC Z . -9.67 -2.36 28.55
C3B PLC Z . -9.91 -1.42 27.37
C4B PLC Z . -10.07 0.01 27.87
C5B PLC Z . -11.31 0.64 27.23
C6B PLC Z . -11.21 2.16 27.28
C7B PLC Z . -11.27 2.64 28.74
C8B PLC Z . -10.66 4.03 28.84
C9B PLC Z . -9.17 3.97 28.53
CAA PLC Z . -8.46 5.16 29.18
CBA PLC Z . -6.95 4.99 29.04
O' PLC Z . -14.45 -9.02 28.07
OB PLC Z . -10.08 -4.32 30.30
O2 PLC Z . -12.39 -8.18 27.88
O3 PLC Z . -9.66 -6.13 29.06
O1P PLC Z . -11.89 -11.31 30.60
O2P PLC Z . -9.64 -11.28 30.77
O3P PLC Z . -10.66 -9.75 28.96
O4P PLC Z . -10.61 -12.46 28.70
N PLC Z . -9.62 -15.25 27.78
P PLC Z . -10.70 -11.20 29.76
C1 PLC AA . -4.48 13.42 41.39
C2 PLC AA . -5.63 12.60 40.81
C3 PLC AA . -5.72 11.26 41.52
C4 PLC AA . -2.53 16.55 43.61
C5 PLC AA . -2.03 17.93 43.18
C6 PLC AA . -1.52 20.06 44.07
C7 PLC AA . -3.77 19.38 43.86
C8 PLC AA . -2.37 18.38 45.49
C' PLC AA . -6.92 14.47 40.18
C1' PLC AA . -8.12 15.39 40.35
C2' PLC AA . -7.84 16.75 39.70
C3' PLC AA . -8.04 16.64 38.18
C4' PLC AA . -7.57 17.94 37.54
C5' PLC AA . -7.45 17.75 36.02
C6' PLC AA . -8.81 18.00 35.37
C7' PLC AA . -8.66 19.09 34.30
C8' PLC AA . -10.03 19.46 33.76
C9' PLC AA . -10.46 18.43 32.72
CA' PLC AA . -11.97 18.47 32.55
CB' PLC AA . -12.39 19.87 32.11
CB PLC AA . -6.61 9.15 40.96
C1B PLC AA . -7.13 8.37 39.75
C2B PLC AA . -6.48 7.00 39.70
C3B PLC AA . -7.25 6.07 38.76
C4B PLC AA . -7.55 6.78 37.44
C5B PLC AA . -8.44 5.88 36.58
C6B PLC AA . -8.76 6.57 35.25
C7B PLC AA . -9.63 5.63 34.40
C8B PLC AA . -10.23 6.41 33.23
C9B PLC AA . -11.48 5.69 32.73
CAA PLC AA . -12.06 6.45 31.54
CBA PLC AA . -13.58 6.24 31.48
O' PLC AA . -6.08 14.73 39.40
OB PLC AA . -6.03 8.58 41.83
O2 PLC AA . -6.83 13.31 40.96
O3 PLC AA . -6.83 10.53 41.07
O1P PLC AA . -5.83 16.67 41.84
O2P PLC AA . -3.80 16.15 41.01
O3P PLC AA . -4.97 14.31 42.37
O4P PLC AA . -3.93 16.51 43.55
N PLC AA . -2.43 18.94 44.14
P PLC AA . -4.63 15.92 42.18
C1 PLC BA . -6.26 22.66 8.21
C2 PLC BA . -6.85 21.59 9.13
C3 PLC BA . -6.96 22.15 10.54
C4 PLC BA . -2.47 23.93 10.50
C5 PLC BA . -1.15 23.28 10.09
C6 PLC BA . -0.24 25.47 10.11
C7 PLC BA . 0.06 24.05 11.98
C8 PLC BA . 1.19 23.59 9.96
C' PLC BA . -8.03 20.40 7.52
C1' PLC BA . -9.31 19.85 6.87
C2' PLC BA . -9.99 18.87 7.82
C3' PLC BA . -11.07 18.09 7.07
C4' PLC BA . -12.20 17.75 8.03
C5' PLC BA . -13.17 16.78 7.36
C6' PLC BA . -14.28 16.40 8.34
C7' PLC BA . -14.47 17.52 9.35
C8' PLC BA . -15.60 17.15 10.31
C9' PLC BA . -16.80 16.65 9.51
CA' PLC BA . -17.86 16.08 10.46
CB' PLC BA . -19.03 15.54 9.66
CB PLC BA . -8.83 21.86 11.93
C1B PLC BA . -9.69 20.62 11.76
C2B PLC BA . -10.51 20.75 10.48
C3B PLC BA . -11.81 19.95 10.62
C4B PLC BA . -12.53 20.36 11.90
C5B PLC BA . -13.37 19.20 12.41
C6B PLC BA . -14.35 19.69 13.48
C7B PLC BA . -15.55 20.35 12.82
C8B PLC BA . -16.83 19.91 13.53
C9B PLC BA . -17.64 19.01 12.59
CAA PLC BA . -19.08 18.94 13.08
CBA PLC BA . -19.87 17.99 12.19
O' PLC BA . -6.98 20.13 7.04
OB PLC BA . -8.61 22.28 13.02
O2 PLC BA . -8.10 21.21 8.65
O3 PLC BA . -8.29 22.51 10.81
O1P PLC BA . -3.90 24.62 7.79
O2P PLC BA . -2.47 22.89 7.60
O3P PLC BA . -4.97 22.29 7.84
O4P PLC BA . -3.53 23.23 9.93
N PLC BA . -0.04 24.09 10.53
P PLC BA . -3.71 23.26 8.29
C1 PLC CA . -7.32 15.22 4.80
C2 PLC CA . -8.37 15.28 5.90
C3 PLC CA . -9.59 14.45 5.51
C4 PLC CA . -3.51 14.57 4.60
C5 PLC CA . -3.58 15.83 3.74
C6 PLC CA . -3.28 18.18 3.72
C7 PLC CA . -4.11 17.12 5.65
C8 PLC CA . -1.84 16.83 5.02
C' PLC CA . -7.16 15.68 7.88
C1' PLC CA . -6.87 15.36 9.34
C2' PLC CA . -7.82 16.13 10.24
C3' PLC CA . -8.72 15.16 11.01
C4' PLC CA . -9.84 15.95 11.68
C5' PLC CA . -10.56 15.06 12.68
C6' PLC CA . -11.31 15.95 13.68
C7' PLC CA . -10.31 16.60 14.63
C8' PLC CA . -11.04 17.11 15.87
C9' PLC CA . -11.46 15.92 16.73
CA' PLC CA . -10.30 15.51 17.65
CB' PLC CA . -10.80 14.47 18.66
CB PLC CA . -11.35 14.82 3.98
C1B PLC CA . -12.22 13.57 4.03
C2B PLC CA . -13.69 13.97 4.21
C3B PLC CA . -14.49 12.78 4.75
C4B PLC CA . -15.45 13.27 5.83
C5B PLC CA . -16.47 12.18 6.14
C6B PLC CA . -17.71 12.82 6.76
C7B PLC CA . -18.89 11.85 6.68
C8B PLC CA . -20.19 12.63 6.79
C9B PLC CA . -21.39 11.69 6.80
CAA PLC CA . -22.66 12.52 7.00
CBA PLC CA . -23.87 11.61 7.14
O' PLC CA . -6.81 16.72 7.43
OB PLC CA . -11.85 15.88 3.77
O2 PLC CA . -7.82 14.75 7.08
O3 PLC CA . -9.97 14.74 4.19
O1P PLC CA . -6.14 14.01 2.50
O2P PLC CA . -6.17 12.04 3.61
O3P PLC CA . -6.45 14.15 5.05
O4P PLC CA . -4.07 13.49 3.92
N PLC CA . -3.20 16.98 4.53
P PLC CA . -5.71 13.41 3.77
C1 PLC DA . 3.60 -4.79 27.30
C2 PLC DA . 2.22 -4.60 26.68
C3 PLC DA . 1.64 -5.97 26.37
C4 PLC DA . 5.97 -5.64 30.87
C5 PLC DA . 5.49 -4.35 31.53
C6 PLC DA . 6.12 -2.18 32.26
C7 PLC DA . 7.70 -3.95 32.31
C8 PLC DA . 6.98 -3.06 30.23
C' PLC DA . 1.45 -2.49 27.43
C1' PLC DA . 0.29 -1.63 27.95
C2' PLC DA . 0.35 -0.24 27.31
C3' PLC DA . 0.41 -0.32 25.79
C4' PLC DA . -0.74 0.50 25.19
C5' PLC DA . -0.20 1.41 24.08
C6' PLC DA . 0.92 0.72 23.32
C7' PLC DA . 0.64 0.78 21.81
C8' PLC DA . 0.07 2.14 21.44
C9' PLC DA . -0.01 2.24 19.91
CA' PLC DA . 1.26 2.87 19.36
CB' PLC DA . 1.36 2.59 17.87
CB PLC DA . 1.12 -5.97 24.08
C1B PLC DA . 0.24 -5.47 22.94
C2B PLC DA . 1.12 -4.80 21.88
C3B PLC DA . 0.19 -4.25 20.80
C4B PLC DA . -1.16 -3.97 21.44
C5B PLC DA . -1.79 -2.74 20.78
C6B PLC DA . -1.61 -2.87 19.27
C7B PLC DA . -2.41 -1.75 18.62
C8B PLC DA . -2.08 -1.70 17.13
C9B PLC DA . -3.09 -0.78 16.45
CAA PLC DA . -4.50 -1.20 16.81
CBA PLC DA . -5.51 -0.25 16.17
O' PLC DA . 2.39 -1.99 26.91
OB PLC DA . 2.19 -6.42 23.86
O2 PLC DA . 1.40 -3.89 27.56
O3 PLC DA . 0.65 -5.89 25.39
O1P PLC DA . 4.68 -8.01 29.11
O2P PLC DA . 3.26 -6.53 30.05
O3P PLC DA . 3.80 -6.14 27.57
O4P PLC DA . 5.61 -5.65 29.52
N PLC DA . 6.57 -3.38 31.58
P PLC DA . 4.33 -6.59 29.07
C1 PLC EA . 2.39 0.75 37.77
C2 PLC EA . 2.05 -0.33 36.75
C3 PLC EA . 2.97 -0.20 35.52
C4 PLC EA . 0.56 2.39 41.34
C5 PLC EA . -0.48 3.25 42.06
C6 PLC EA . -0.74 1.46 43.59
C7 PLC EA . 0.70 3.28 44.12
C8 PLC EA . -1.65 3.58 44.10
C' PLC EA . 1.73 -2.65 36.62
C1' PLC EA . 0.24 -3.03 36.70
C2' PLC EA . -0.39 -2.90 35.32
C3' PLC EA . -1.89 -2.74 35.45
C4' PLC EA . -2.56 -3.08 34.11
C5' PLC EA . -4.06 -2.85 34.20
C6' PLC EA . -4.75 -3.47 32.99
C7' PLC EA . -4.87 -2.43 31.87
C8' PLC EA . -5.88 -1.36 32.28
C9' PLC EA . -5.85 -0.24 31.25
CA' PLC EA . -6.89 0.83 31.62
CB' PLC EA . -8.29 0.23 31.54
CB PLC EA . 0.99 0.64 34.50
C1B PLC EA . -0.35 0.08 34.02
C2B PLC EA . -1.26 1.23 33.58
C3B PLC EA . -1.94 0.88 32.25
C4B PLC EA . -1.81 2.07 31.30
C5B PLC EA . -3.02 2.11 30.37
C6B PLC EA . -2.81 3.18 29.29
C7B PLC EA . -4.09 3.36 28.48
C8B PLC EA . -4.14 2.36 27.34
C9B PLC EA . -4.08 3.09 25.99
CAA PLC EA . -5.47 3.57 25.61
CBA PLC EA . -6.37 2.36 25.35
O' PLC EA . 2.45 -3.30 35.92
OB PLC EA . 1.02 1.71 35.00
O2 PLC EA . 2.22 -1.58 37.35
O3 PLC EA . 2.17 -0.10 34.37
O1P PLC EA . -0.67 2.68 38.41
O2P PLC EA . 1.32 3.42 37.71
O3P PLC EA . 1.26 1.00 38.56
O4P PLC EA . 1.08 3.10 40.25
N PLC EA . -0.54 2.89 43.47
P PLC EA . 0.75 2.56 38.73
C1 CLR FA . -2.74 22.63 26.63
C2 CLR FA . -2.09 23.58 27.63
C3 CLR FA . -0.58 23.59 27.45
C4 CLR FA . -0.25 24.01 26.02
C5 CLR FA . -0.93 23.15 24.99
C6 CLR FA . -0.25 22.63 23.98
C7 CLR FA . -0.83 21.82 22.88
C8 CLR FA . -2.35 21.89 22.84
C9 CLR FA . -2.92 21.79 24.27
C10 CLR FA . -2.43 22.96 25.15
C11 CLR FA . -4.44 21.64 24.26
C12 CLR FA . -4.95 20.52 23.34
C13 CLR FA . -4.45 20.73 21.91
C14 CLR FA . -2.91 20.76 22.00
C15 CLR FA . -2.45 20.65 20.55
C16 CLR FA . -3.49 19.73 19.90
C17 CLR FA . -4.64 19.54 20.92
C18 CLR FA . -5.01 22.00 21.31
C19 CLR FA . -3.12 24.29 24.77
C20 CLR FA . -5.99 19.40 20.21
C21 CLR FA . -7.15 19.09 21.16
C22 CLR FA . -5.90 18.35 19.10
C23 CLR FA . -7.02 18.40 18.08
C24 CLR FA . -6.82 17.40 16.95
C25 CLR FA . -5.44 17.43 16.31
C26 CLR FA . -5.46 16.66 15.00
C27 CLR FA . -4.96 18.87 16.07
O1 CLR FA . -0.02 24.46 28.40
C1 CLR GA . -0.46 20.88 35.39
C2 CLR GA . 0.02 21.54 36.67
C3 CLR GA . 0.34 23.01 36.44
C4 CLR GA . -0.88 23.72 35.86
C5 CLR GA . -1.40 23.04 34.63
C6 CLR GA . -1.59 23.73 33.50
C7 CLR GA . -2.21 23.19 32.26
C8 CLR GA . -2.83 21.81 32.46
C9 CLR GA . -1.93 20.94 33.33
C10 CLR GA . -1.69 21.56 34.74
C11 CLR GA . -2.43 19.49 33.39
C12 CLR GA . -2.75 18.88 32.02
C13 CLR GA . -3.71 19.74 31.22
C14 CLR GA . -3.05 21.13 31.13
C15 CLR GA . -3.85 21.88 30.07
C16 CLR GA . -4.25 20.78 29.08
C17 CLR GA . -3.87 19.42 29.71
C18 CLR GA . -5.09 19.80 31.88
C19 CLR GA . -2.91 21.37 35.65
C20 CLR GA . -4.84 18.31 29.28
C21 CLR GA . -4.35 16.91 29.62
C22 CLR GA . -5.12 18.44 27.78
C23 CLR GA . -6.43 17.84 27.30
C24 CLR GA . -6.23 16.45 26.69
C25 CLR GA . -6.69 16.33 25.24
C26 CLR GA . -6.06 17.45 24.42
C27 CLR GA . -6.36 14.97 24.63
O1 CLR GA . 0.73 23.57 37.68
C1 PLC HA . -18.99 -1.89 5.28
C2 PLC HA . -20.07 -0.99 5.86
C3 PLC HA . -20.27 -1.27 7.35
C4 PLC HA . -14.43 -3.65 6.28
C5 PLC HA . -13.98 -4.08 7.67
C6 PLC HA . -14.85 -6.27 7.44
C7 PLC HA . -12.71 -5.75 6.58
C8 PLC HA . -13.05 -5.87 8.91
C' PLC HA . -20.63 1.05 4.87
C1' PLC HA . -20.72 2.57 4.95
C2' PLC HA . -22.11 3.00 5.41
C3' PLC HA . -22.11 4.52 5.54
C4' PLC HA . -23.02 4.95 6.70
C5' PLC HA . -24.47 4.67 6.33
C6' PLC HA . -25.40 5.44 7.28
C7' PLC HA . -24.69 6.67 7.83
C8' PLC HA . -25.74 7.68 8.26
C9' PLC HA . -27.06 6.94 8.50
CA' PLC HA . -28.18 7.94 8.75
CB' PLC HA . -29.53 7.23 8.61
CB PLC HA . -21.55 -3.24 7.54
C1B PLC HA . -22.74 -2.47 6.98
C2B PLC HA . -23.70 -2.08 8.10
C3B PLC HA . -23.79 -0.56 8.16
C4B PLC HA . -25.11 -0.15 8.80
C5B PLC HA . -25.42 1.30 8.45
C6B PLC HA . -26.83 1.40 7.85
C7B PLC HA . -27.36 2.81 8.05
C8B PLC HA . -28.87 2.82 7.77
C9B PLC HA . -29.49 4.05 8.44
CAA PLC HA . -31.01 3.93 8.40
CBA PLC HA . -31.62 4.89 9.42
O' PLC HA . -21.33 0.46 4.11
OB PLC HA . -21.70 -4.35 7.93
O2 PLC HA . -19.73 0.35 5.67
O3 PLC HA . -20.28 -2.64 7.61
O1P PLC HA . -15.87 -1.66 4.00
O2P PLC HA . -16.80 -3.62 4.62
O3P PLC HA . -17.72 -1.52 5.77
O4P PLC HA . -15.27 -2.52 6.36
N PLC HA . -13.65 -5.49 7.65
P PLC HA . -16.41 -2.33 5.19
C1 PLC IA . -16.64 -12.57 22.01
C2 PLC IA . -16.48 -11.85 20.68
C3 PLC IA . -17.71 -12.03 19.80
C4 PLC IA . -13.78 -14.71 22.72
C5 PLC IA . -14.24 -16.14 23.06
C6 PLC IA . -12.02 -17.08 23.03
C7 PLC IA . -13.37 -17.14 21.06
C8 PLC IA . -13.92 -18.47 22.93
C' PLC IA . -17.38 -9.78 21.37
C1' PLC IA . -18.03 -8.73 20.47
C2' PLC IA . -17.03 -7.60 20.20
C3' PLC IA . -17.55 -6.31 20.83
C4' PLC IA . -17.21 -6.28 22.31
C5' PLC IA . -18.49 -6.26 23.17
C6' PLC IA . -19.34 -5.01 22.94
C7' PLC IA . -18.53 -3.73 23.20
C8' PLC IA . -19.47 -2.54 23.34
C9' PLC IA . -19.89 -2.07 21.96
CA' PLC IA . -21.03 -1.07 22.07
CB' PLC IA . -22.34 -1.79 22.35
CB PLC IA . -17.80 -13.22 17.78
C1B PLC IA . -19.19 -13.42 17.17
C2B PLC IA . -19.59 -12.17 16.38
C3B PLC IA . -18.80 -12.09 15.07
C4B PLC IA . -19.76 -11.82 13.91
C5B PLC IA . -20.30 -10.39 14.01
C6B PLC IA . -21.81 -10.42 14.15
C7B PLC IA . -22.35 -9.02 14.35
C8B PLC IA . -22.44 -8.29 13.01
C9B PLC IA . -23.08 -6.92 13.18
CAA PLC IA . -24.58 -7.09 13.44
CBA PLC IA . -25.29 -5.76 13.23
O' PLC IA . -17.81 -9.98 22.45
OB PLC IA . -16.87 -13.04 17.07
O2 PLC IA . -16.26 -10.48 20.92
O3 PLC IA . -17.64 -13.28 19.16
O1P PLC IA . -13.89 -11.41 24.44
O2P PLC IA . -13.53 -11.83 22.27
O3P PLC IA . -15.98 -11.86 23.02
O4P PLC IA . -14.27 -13.85 23.69
N PLC IA . -13.39 -17.19 22.52
P PLC IA . -14.41 -12.23 23.36
H11 PLC IA . -16.23 -13.56 21.94
H12 PLC IA . -17.70 -12.64 22.26
H2 PLC IA . -15.61 -12.25 20.17
H31 PLC IA . -17.73 -11.25 19.04
H32 PLC IA . -18.61 -11.97 20.39
H41 PLC IA . -14.18 -14.44 21.74
H42 PLC IA . -12.70 -14.65 22.69
H51 PLC IA . -15.24 -16.29 22.68
H52 PLC IA . -14.25 -16.24 24.15
H61 PLC IA . -11.42 -16.48 22.35
H62 PLC IA . -11.59 -18.07 23.12
H63 PLC IA . -12.04 -16.60 24.00
H71 PLC IA . -14.38 -17.21 20.69
H72 PLC IA . -12.79 -17.96 20.67
H73 PLC IA . -12.92 -16.20 20.72
H81 PLC IA . -14.96 -18.54 22.61
H82 PLC IA . -13.87 -18.55 24.01
H83 PLC IA . -13.35 -19.27 22.47
H1'1 PLC IA . -18.92 -8.34 20.96
H1'2 PLC IA . -18.32 -9.18 19.53
H2'1 PLC IA . -16.93 -7.46 19.12
H2'2 PLC IA . -16.07 -7.86 20.62
H3'1 PLC IA . -18.63 -6.25 20.68
H3'2 PLC IA . -17.08 -5.47 20.33
H4'1 PLC IA . -16.62 -5.39 22.53
H4'2 PLC IA . -16.64 -7.15 22.57
H5'1 PLC IA . -18.21 -6.31 24.21
H5'2 PLC IA . -19.08 -7.13 22.92
H6'1 PLC IA . -20.18 -5.03 23.64
H6'2 PLC IA . -19.72 -4.99 21.93
H7'1 PLC IA . -17.87 -3.56 22.36
H7'2 PLC IA . -17.95 -3.85 24.11
H8'1 PLC IA . -18.96 -1.75 23.86
H8'2 PLC IA . -20.35 -2.84 23.91
H9'1 PLC IA . -20.21 -2.91 21.36
H9'2 PLC IA . -19.04 -1.59 21.48
HT'1 PLC IA . -21.12 -0.52 21.14
HT'2 PLC IA . -20.82 -0.36 22.87
HE'1 PLC IA . -22.41 -2.68 21.74
HE'2 PLC IA . -23.18 -1.13 22.13
HE'3 PLC IA . -22.38 -2.07 23.40
H1A1 PLC IA . -19.91 -13.58 17.97
H1A2 PLC IA . -19.18 -14.28 16.51
H2A1 PLC IA . -19.38 -11.28 16.98
H2A2 PLC IA . -20.65 -12.21 16.16
H3A1 PLC IA . -18.30 -13.04 14.89
H3A2 PLC IA . -18.07 -11.30 15.13
H4A1 PLC IA . -20.58 -12.51 13.94
H4A2 PLC IA . -19.23 -11.92 12.98
H5A1 PLC IA . -20.02 -9.83 13.12
H5A2 PLC IA . -19.86 -9.89 14.89
H6A1 PLC IA . -22.10 -11.04 14.99
H6A2 PLC IA . -22.24 -10.84 13.24
H7A1 PLC IA . -21.69 -8.46 15.00
H7A2 PLC IA . -23.33 -9.07 14.80
H8A1 PLC IA . -23.04 -8.88 12.32
H8A2 PLC IA . -21.45 -8.17 12.59
H9A1 PLC IA . -22.94 -6.34 12.29
H9A2 PLC IA . -22.63 -6.42 14.03
HTA1 PLC IA . -24.74 -7.42 14.46
HTA2 PLC IA . -24.99 -7.82 12.75
HEA1 PLC IA . -24.93 -5.30 12.32
HEA2 PLC IA . -25.08 -5.10 14.07
HEA3 PLC IA . -26.36 -5.92 13.17
C1 PLC JA . -6.19 -9.35 23.92
C2 PLC JA . -6.33 -7.85 24.20
C3 PLC JA . -7.64 -7.57 24.95
C4 PLC JA . -3.48 -11.91 21.60
C5 PLC JA . -3.40 -12.24 20.11
C6 PLC JA . -2.03 -14.20 20.09
C7 PLC JA . -3.70 -13.88 18.44
C8 PLC JA . -4.33 -14.38 20.66
C' PLC JA . -4.98 -6.05 24.92
C1' PLC JA . -4.87 -5.25 26.22
C2' PLC JA . -5.74 -4.00 26.14
C3' PLC JA . -5.02 -2.87 25.39
C4' PLC JA . -5.54 -2.72 23.96
C5' PLC JA . -6.23 -1.36 23.82
C6' PLC JA . -6.45 -1.01 22.35
C7' PLC JA . -6.17 0.47 22.14
C8' PLC JA . -6.35 0.85 20.68
C9' PLC JA . -7.83 1.05 20.34
CA' PLC JA . -8.35 2.33 21.00
CB' PLC JA . -9.47 2.91 20.13
CB PLC JA . -9.39 -7.16 23.43
C1B PLC JA . -10.23 -6.05 24.04
C2B PLC JA . -9.67 -4.69 23.61
C3B PLC JA . -10.37 -4.24 22.32
C4B PLC JA . -11.66 -3.49 22.67
C5B PLC JA . -11.44 -2.01 22.45
C6B PLC JA . -12.59 -1.22 23.07
C7B PLC JA . -12.85 0.03 22.23
C8B PLC JA . -13.63 1.07 23.04
C9B PLC JA . -14.96 0.48 23.51
CAA PLC JA . -16.07 1.53 23.36
CBA PLC JA . -16.58 1.51 21.92
O' PLC JA . -4.83 -5.52 23.89
OB PLC JA . -9.28 -7.22 22.25
O2 PLC JA . -5.25 -7.42 24.98
O3 PLC JA . -8.73 -8.09 24.24
O1P PLC JA . -3.12 -8.37 23.10
O2P PLC JA . -3.42 -10.25 24.31
O3P PLC JA . -5.38 -9.54 22.81
O4P PLC JA . -3.09 -10.57 21.79
N PLC JA . -3.36 -13.67 19.85
P PLC JA . -3.75 -9.68 23.00
H11 PLC JA . -7.17 -9.77 23.74
H12 PLC JA . -5.75 -9.83 24.80
H2 PLC JA . -6.34 -7.31 23.26
H31 PLC JA . -7.76 -6.50 25.07
H32 PLC JA . -7.60 -8.04 25.93
H41 PLC JA . -2.81 -12.56 22.16
H42 PLC JA . -4.50 -12.04 21.95
H51 PLC JA . -2.51 -11.78 19.70
H52 PLC JA . -4.26 -11.81 19.61
H61 PLC JA . -1.30 -13.62 19.53
H62 PLC JA . -1.99 -15.24 19.75
H63 PLC JA . -1.80 -14.17 21.14
H71 PLC JA . -3.54 -14.92 18.18
H72 PLC JA . -3.07 -13.25 17.82
H73 PLC JA . -4.74 -13.62 18.28
H81 PLC JA . -3.95 -14.51 21.66
H82 PLC JA . -4.53 -15.36 20.22
H83 PLC JA . -5.26 -13.80 20.70
H1'1 PLC JA . -3.83 -4.97 26.38
H1'2 PLC JA . -5.21 -5.86 27.05
H2'1 PLC JA . -5.96 -3.66 27.15
H2'2 PLC JA . -6.67 -4.24 25.64
H3'1 PLC JA . -3.95 -3.09 25.34
H3'2 PLC JA . -5.17 -1.94 25.92
H4'1 PLC JA . -6.24 -3.50 23.72
H4'2 PLC JA . -4.71 -2.75 23.27
H5'1 PLC JA . -5.62 -0.59 24.28
H5'2 PLC JA . -7.19 -1.40 24.33
H6'1 PLC JA . -7.48 -1.23 22.08
H6'2 PLC JA . -5.78 -1.60 21.73
H7'1 PLC JA . -5.14 0.68 22.44
H7'2 PLC JA . -6.85 1.05 22.76
H8'1 PLC JA . -5.95 0.06 20.05
H8'2 PLC JA . -5.81 1.77 20.48
H9'1 PLC JA . -8.40 0.20 20.70
H9'2 PLC JA . -7.94 1.12 19.26
HT'1 PLC JA . -7.55 3.05 21.09
HT'2 PLC JA . -8.74 2.10 21.98
HE'1 PLC JA . -9.06 3.25 19.18
HE'2 PLC JA . -9.92 3.75 20.65
HE'3 PLC JA . -10.22 2.15 19.96
H1A1 PLC JA . -10.19 -6.13 25.13
H1A2 PLC JA . -11.25 -6.15 23.71
H2A1 PLC JA . -8.60 -4.79 23.43
H2A2 PLC JA . -9.85 -3.96 24.39
H3A1 PLC JA . -10.59 -5.11 21.72
H3A2 PLC JA . -9.70 -3.58 21.77
H4A1 PLC JA . -11.93 -3.68 23.69
H4A2 PLC JA . -12.45 -3.84 22.01
H5A1 PLC JA . -11.38 -1.79 21.39
H5A2 PLC JA . -10.51 -1.70 22.93
H6A1 PLC JA . -12.33 -0.93 24.09
H6A2 PLC JA . -13.48 -1.84 23.08
H7A1 PLC JA . -13.43 -0.24 21.35
H7A2 PLC JA . -11.90 0.46 21.93
H8A1 PLC JA . -13.81 1.94 22.42
H8A2 PLC JA . -13.05 1.36 23.91
H9A1 PLC JA . -14.88 0.20 24.55
H9A2 PLC JA . -15.20 -0.39 22.91
HTA1 PLC JA . -15.67 2.51 23.60
HTA2 PLC JA . -16.88 1.29 24.04
HEA1 PLC JA . -17.47 2.13 21.85
HEA2 PLC JA . -16.82 0.50 21.63
HEA3 PLC JA . -15.81 1.90 21.25
#